data_5XA1
#
_entry.id   5XA1
#
_cell.length_a   126.803
_cell.length_b   126.803
_cell.length_c   367.784
_cell.angle_alpha   90.00
_cell.angle_beta   90.00
_cell.angle_gamma   90.00
#
_symmetry.space_group_name_H-M   'P 42'
#
loop_
_entity.id
_entity.type
_entity.pdbx_description
1 polymer 'Inositol 1,4,5-trisphosphate receptor type 1'
2 non-polymer D-MYO-INOSITOL-1,4,5-TRIPHOSPHATE
#
_entity_poly.entity_id   1
_entity_poly.type   'polypeptide(L)'
_entity_poly.pdbx_seq_one_letter_code
;MSDKMSSFLHIGDICSLYAEGSTNGFISTLGLVDDRCVVQPEAGDLNNPPKKFRDCLFKLCPMNRYSAQKQFWKAAKPGA
NSTTDAVLLNKLHHAADLEKKQNETENRKLLGTVIQYGNVIQLLHLKSNKYLTVNKRLPALLEKNAMRVTLDEAGNEGSW
FYIQPFYKLRSIGDSVVIGDKVVLNPVNAGQPLHASSHQLVDNPGCNEVNSVNCNTSWKIVLFMKWSDNKDDILKGGDVV
RLFHAEQEKFLTCDEHRKKQHVFLRTTGRQSATSATSSKALWEVEVVQHDPCRGGAGYWNSLFRFKHLATGHYLAAEVDP
DFEEECLEFQPSVDPDQDASRSRLRNAQEKMVYSLVSVPEGNDISSIFELDPTTLRGGDSLVPRNSYVRLRHLCTNTWVH
STNIPIDKEEEKPVMLKIGTSPLKEDKEAFAIVPVSPAEVRDLDFANDASKVLGSIAGKLEKGTITQNERRSVTKLLEDL
VYFVTGGTNSGQDVLEVVFSKPNRERQKLMREQNILKQIFKLLQAPFTDCGDGPMLRLEELGDQRHAPFRHICRLCYRVL
RHSQQDYRKNQEYIAKQFGFMQKQIGYDVLAEDTITALLHNNRKLLEKHITAAEIDTFVSLVRKNREPRFLDYLSDLCVS
MNKSIPVTQELICKAVLNPTNADILIETKLVLSRFEFEGVSTGENALEAGEDEEEVWLFWRDSNKEIRSKSVRELAQDAK
EGQKEDRDILSYYRYQLNLFARMCLDRQYLAINEISGQLDVDLILRCMSDENLPYDLRASFCRLMLHMHVDRDPQEQVTP
VKYARLWSEIPSEIAIDDYDSSGTSKDEIKERFAQTMEFVEEYLRDVVCQRFPFSDKEKNKLTFEVVNLARNLIYFGFYN
FSDLLRLTKILLAILDCVHVTTIFPISKMTKGEENKGSNVMRSIHGVGELMTQVVLRGGGFLPMTPMAAAPEGNVKQAEP
EKEDIMVMDTKLKIIEILQFILNVRLDYRISCLLCIFKREFDESNSQSSETSSGNSSQEGPSNVPGALDFEHIEEQAEGI
FGGSEENTPLDLDDHGGRTFLRVLLHLTMHDYPPLVSGALQLLFRHFSQRQEVLQAFKQVQLLVTSQDVDNYKQIKQDLD
QLRSIVEKSELWVYKGQGPDEPMDGASGENEHKKTEEGTSKPLKHESTSSYNYRVVKEILIRLSKLCVQESASVRKSRKQ
QQRLLRNMGAHAVVLELLQIPYEKAEDTKMQEIMRLAHEFLQNFCAGNQQNQALLHKHINLFLNPGILEAVTMQHIFMNN
FQLCSEINERVVQHFVHCIETHGRNVQYIKFLQTIVKAEGKFIKKCQDMVMAELVNSGEDVLVFYNDRASFQTLIQMMRS
ERDRMDENSPLMYHIHLVELLAVCTEGKNVYTEIKCNSLLPLDDIVRVVTHEDCIPEVKIAYINFLNHCYVDTEVEMKEI
YTSNHMWKLFENFLVDICRACNNTSDRKHADSILEKYVTEIVMSIVTTFFSSPFSDQSTTLQTRQPVFVQLLQGVFRVYH
CNWLMPSQKASVESCIRVLSDVAKSRAIAIPVDLDSQVNNLFLKSHNIVQKTALNWRLSAR
;
_entity_poly.pdbx_strand_id   A,B
#
# COMPACT_ATOMS: atom_id res chain seq x y z
N SER A 6 13.18 -54.64 -17.00
CA SER A 6 13.79 -53.40 -16.51
C SER A 6 13.29 -52.29 -17.44
N SER A 7 14.17 -51.57 -18.13
CA SER A 7 13.75 -50.39 -18.90
C SER A 7 14.26 -50.46 -20.31
N PHE A 8 13.37 -50.14 -21.24
CA PHE A 8 13.67 -50.40 -22.60
C PHE A 8 13.74 -49.08 -23.36
N LEU A 9 14.34 -49.24 -24.52
CA LEU A 9 14.46 -48.30 -25.59
C LEU A 9 13.24 -48.50 -26.47
N HIS A 10 12.95 -47.51 -27.30
CA HIS A 10 11.68 -47.55 -27.99
C HIS A 10 11.84 -46.83 -29.33
N ILE A 11 10.81 -46.88 -30.17
CA ILE A 11 10.73 -46.02 -31.37
C ILE A 11 10.07 -44.70 -30.92
N GLY A 12 10.87 -43.64 -30.78
CA GLY A 12 10.43 -42.34 -30.27
C GLY A 12 11.37 -41.68 -29.25
N ASP A 13 11.95 -42.48 -28.33
CA ASP A 13 12.93 -42.00 -27.35
C ASP A 13 14.01 -41.16 -28.06
N ILE A 14 14.50 -40.14 -27.36
CA ILE A 14 15.65 -39.36 -27.79
C ILE A 14 16.79 -39.68 -26.81
N CYS A 15 17.93 -40.16 -27.31
CA CYS A 15 19.08 -40.60 -26.48
C CYS A 15 20.39 -39.91 -26.95
N SER A 16 21.57 -40.43 -26.48
CA SER A 16 22.88 -40.26 -27.13
C SER A 16 23.62 -41.62 -27.20
N LEU A 17 24.46 -41.83 -28.26
CA LEU A 17 25.23 -43.07 -28.51
C LEU A 17 26.71 -42.80 -28.24
N TYR A 18 27.34 -43.61 -27.40
CA TYR A 18 28.70 -43.27 -27.00
C TYR A 18 29.64 -44.40 -27.38
N ALA A 19 30.55 -44.10 -28.29
CA ALA A 19 31.52 -45.03 -28.84
C ALA A 19 32.49 -45.51 -27.81
N GLU A 20 32.61 -46.87 -27.74
CA GLU A 20 33.45 -47.63 -26.81
C GLU A 20 34.30 -48.66 -27.55
N GLY A 21 35.06 -48.19 -28.53
CA GLY A 21 36.15 -48.97 -29.07
C GLY A 21 37.47 -48.36 -28.58
N SER A 22 38.40 -47.97 -29.50
CA SER A 22 39.66 -47.29 -29.13
C SER A 22 39.60 -45.74 -29.12
N THR A 23 38.70 -45.06 -29.86
CA THR A 23 38.43 -43.62 -29.65
C THR A 23 37.04 -43.47 -29.10
N ASN A 24 36.92 -42.70 -28.06
CA ASN A 24 35.60 -42.65 -27.48
C ASN A 24 34.86 -41.46 -28.01
N GLY A 25 33.57 -41.46 -27.75
CA GLY A 25 32.90 -40.16 -27.82
C GLY A 25 31.40 -40.18 -28.02
N PHE A 26 30.85 -38.94 -28.12
CA PHE A 26 29.49 -38.64 -28.56
C PHE A 26 29.51 -38.15 -29.99
N ILE A 27 28.94 -38.94 -30.91
CA ILE A 27 28.86 -38.56 -32.35
C ILE A 27 28.29 -37.12 -32.36
N SER A 28 28.59 -36.38 -33.43
CA SER A 28 28.08 -35.01 -33.62
C SER A 28 28.48 -34.55 -35.03
N THR A 29 27.73 -33.56 -35.60
CA THR A 29 27.94 -32.98 -36.94
C THR A 29 28.98 -31.85 -36.86
N LEU A 30 29.35 -31.30 -38.03
CA LEU A 30 30.08 -30.04 -38.10
C LEU A 30 29.22 -28.92 -38.69
N GLY A 31 27.92 -29.11 -38.64
CA GLY A 31 27.00 -28.04 -38.82
C GLY A 31 26.03 -28.39 -39.91
N LEU A 32 25.09 -27.50 -40.10
CA LEU A 32 24.17 -27.73 -41.18
C LEU A 32 24.78 -27.44 -42.53
N VAL A 33 26.02 -26.96 -42.61
CA VAL A 33 26.70 -26.85 -43.90
C VAL A 33 27.43 -28.12 -44.24
N ASP A 34 28.24 -28.53 -43.32
CA ASP A 34 29.08 -29.67 -43.51
C ASP A 34 28.27 -30.90 -43.11
N ASP A 35 28.08 -31.81 -44.07
CA ASP A 35 27.35 -33.07 -43.89
C ASP A 35 28.33 -34.20 -43.60
N ARG A 36 29.01 -34.08 -42.47
CA ARG A 36 29.94 -35.10 -42.00
C ARG A 36 29.50 -35.52 -40.61
N CYS A 37 30.15 -36.57 -40.11
CA CYS A 37 29.90 -37.12 -38.77
C CYS A 37 31.23 -37.49 -38.04
N VAL A 38 31.37 -37.11 -36.73
CA VAL A 38 32.64 -37.20 -35.96
C VAL A 38 32.38 -37.60 -34.49
N VAL A 39 33.47 -37.94 -33.74
CA VAL A 39 33.41 -38.14 -32.28
C VAL A 39 34.41 -37.22 -31.60
N GLN A 40 33.89 -36.12 -31.02
CA GLN A 40 34.59 -35.11 -30.24
C GLN A 40 35.07 -35.68 -28.92
N PRO A 41 36.11 -36.51 -28.91
CA PRO A 41 36.36 -37.29 -27.70
C PRO A 41 36.47 -36.36 -26.50
N GLU A 42 37.30 -35.33 -26.59
CA GLU A 42 37.41 -34.38 -25.48
C GLU A 42 36.22 -33.41 -25.41
N ALA A 43 35.23 -33.50 -26.31
CA ALA A 43 34.13 -32.55 -26.23
C ALA A 43 33.20 -32.89 -25.10
N GLY A 44 33.23 -34.15 -24.68
CA GLY A 44 32.47 -34.55 -23.54
C GLY A 44 32.68 -36.03 -23.35
N ASP A 45 32.45 -36.43 -22.11
CA ASP A 45 32.40 -37.82 -21.73
C ASP A 45 31.03 -38.12 -21.12
N LEU A 46 30.78 -39.38 -20.76
CA LEU A 46 29.60 -39.76 -19.96
C LEU A 46 29.49 -38.90 -18.68
N ASN A 47 30.52 -38.96 -17.80
CA ASN A 47 30.49 -38.22 -16.53
C ASN A 47 30.41 -36.70 -16.75
N ASN A 48 31.17 -36.21 -17.72
CA ASN A 48 31.10 -34.81 -18.12
C ASN A 48 30.48 -34.70 -19.50
N PRO A 49 29.19 -34.45 -19.60
CA PRO A 49 28.49 -34.45 -20.93
C PRO A 49 28.96 -33.36 -21.80
N PRO A 50 29.00 -33.53 -23.15
CA PRO A 50 29.38 -32.42 -24.01
C PRO A 50 28.56 -31.17 -23.67
N LYS A 51 29.19 -29.98 -23.78
CA LYS A 51 28.54 -28.73 -23.37
C LYS A 51 27.47 -28.31 -24.37
N LYS A 52 27.68 -28.61 -25.67
CA LYS A 52 26.68 -28.52 -26.74
C LYS A 52 25.97 -29.84 -26.98
N PHE A 53 25.54 -30.50 -25.88
CA PHE A 53 24.86 -31.80 -25.90
C PHE A 53 23.45 -31.76 -26.51
N ARG A 54 23.20 -30.77 -27.39
CA ARG A 54 22.04 -30.72 -28.29
C ARG A 54 22.39 -31.07 -29.73
N ASP A 55 23.66 -31.16 -30.05
CA ASP A 55 24.03 -31.56 -31.36
C ASP A 55 24.50 -32.98 -31.40
N CYS A 56 24.73 -33.60 -30.23
CA CYS A 56 24.96 -35.04 -30.09
C CYS A 56 23.66 -35.79 -29.70
N LEU A 57 22.47 -35.33 -30.13
CA LEU A 57 21.19 -36.00 -29.84
C LEU A 57 20.52 -36.53 -31.11
N PHE A 58 19.94 -37.74 -31.01
CA PHE A 58 19.27 -38.45 -32.12
C PHE A 58 17.90 -39.03 -31.69
N LYS A 59 17.06 -39.35 -32.69
CA LYS A 59 15.78 -40.04 -32.53
C LYS A 59 15.83 -41.39 -33.26
N LEU A 60 15.32 -42.44 -32.61
CA LEU A 60 15.35 -43.81 -33.14
C LEU A 60 14.18 -44.09 -34.09
N CYS A 61 14.49 -44.41 -35.37
CA CYS A 61 13.44 -44.46 -36.36
C CYS A 61 13.16 -45.89 -36.88
N PRO A 62 11.89 -46.24 -37.11
CA PRO A 62 11.63 -47.49 -37.83
C PRO A 62 12.30 -47.45 -39.21
N MET A 63 12.14 -48.51 -40.00
CA MET A 63 12.72 -48.66 -41.34
C MET A 63 11.88 -47.92 -42.41
N ASN A 64 12.52 -47.09 -43.25
CA ASN A 64 11.84 -46.28 -44.29
C ASN A 64 11.87 -46.94 -45.69
N ARG A 65 11.00 -46.46 -46.61
CA ARG A 65 10.74 -47.05 -47.94
C ARG A 65 11.42 -46.23 -49.06
N TYR A 66 12.45 -46.81 -49.72
CA TYR A 66 13.20 -46.20 -50.82
C TYR A 66 13.28 -47.17 -51.96
N SER A 67 12.17 -47.28 -52.64
CA SER A 67 12.05 -47.92 -53.93
C SER A 67 11.48 -46.94 -54.95
N ALA A 68 10.25 -46.37 -54.78
CA ALA A 68 9.68 -45.42 -55.73
C ALA A 68 10.33 -44.06 -55.64
N GLN A 69 10.90 -43.76 -54.48
CA GLN A 69 11.73 -42.57 -54.34
C GLN A 69 13.10 -42.80 -54.92
N LYS A 70 13.65 -44.02 -54.75
CA LYS A 70 14.88 -44.42 -55.41
C LYS A 70 14.68 -44.54 -56.90
N GLN A 71 13.53 -45.07 -57.32
CA GLN A 71 13.07 -44.90 -58.68
C GLN A 71 13.06 -43.43 -59.09
N PHE A 72 12.53 -42.53 -58.24
CA PHE A 72 12.49 -41.09 -58.55
C PHE A 72 13.86 -40.41 -58.54
N TRP A 73 14.92 -41.08 -58.12
CA TRP A 73 16.26 -40.53 -58.28
C TRP A 73 16.98 -41.12 -59.50
N LYS A 74 16.27 -41.10 -60.63
CA LYS A 74 16.75 -41.37 -61.99
C LYS A 74 16.25 -40.27 -62.91
N ALA A 75 16.46 -39.03 -62.49
CA ALA A 75 16.24 -37.84 -63.29
C ALA A 75 17.60 -37.24 -63.68
N SER A 82 17.10 -40.47 -66.76
CA SER A 82 17.14 -41.53 -67.74
C SER A 82 15.81 -41.55 -68.58
N THR A 83 15.27 -40.36 -68.79
CA THR A 83 13.92 -40.20 -69.32
C THR A 83 13.78 -38.87 -70.07
N THR A 84 13.30 -38.93 -71.31
CA THR A 84 12.87 -37.73 -72.03
C THR A 84 11.50 -37.31 -71.58
N ASP A 85 10.71 -38.31 -71.22
CA ASP A 85 9.29 -38.19 -71.00
C ASP A 85 9.02 -37.28 -69.81
N ALA A 86 7.92 -36.52 -69.89
CA ALA A 86 7.44 -35.69 -68.78
C ALA A 86 6.27 -36.33 -68.03
N VAL A 87 5.33 -37.02 -68.70
CA VAL A 87 4.27 -37.68 -67.93
C VAL A 87 4.84 -38.87 -67.12
N LEU A 88 5.90 -39.51 -67.60
CA LEU A 88 6.57 -40.55 -66.80
C LEU A 88 7.37 -39.99 -65.60
N LEU A 89 7.83 -38.72 -65.65
CA LEU A 89 8.51 -38.11 -64.50
C LEU A 89 7.55 -37.69 -63.38
N ASN A 90 6.45 -36.97 -63.72
CA ASN A 90 5.43 -36.59 -62.74
C ASN A 90 4.80 -37.82 -62.08
N LYS A 91 4.67 -38.94 -62.83
CA LYS A 91 4.36 -40.28 -62.29
C LYS A 91 5.40 -40.71 -61.22
N LEU A 92 6.66 -40.97 -61.62
CA LEU A 92 7.64 -41.49 -60.67
C LEU A 92 7.76 -40.62 -59.40
N HIS A 93 7.46 -39.30 -59.51
CA HIS A 93 7.37 -38.41 -58.33
C HIS A 93 6.12 -38.72 -57.49
N HIS A 94 4.92 -38.60 -58.07
CA HIS A 94 3.73 -38.87 -57.26
C HIS A 94 3.88 -40.20 -56.46
N ALA A 95 4.73 -41.16 -56.95
CA ALA A 95 5.06 -42.40 -56.21
C ALA A 95 6.15 -42.20 -55.15
N ALA A 96 7.15 -41.36 -55.42
CA ALA A 96 8.10 -41.00 -54.36
C ALA A 96 7.49 -40.10 -53.23
N ASP A 97 6.41 -39.31 -53.47
CA ASP A 97 5.74 -38.41 -52.51
C ASP A 97 4.60 -39.10 -51.72
N LEU A 98 3.77 -39.88 -52.42
CA LEU A 98 2.90 -40.85 -51.75
C LEU A 98 3.71 -41.79 -50.87
N GLU A 99 4.74 -42.47 -51.42
CA GLU A 99 5.65 -43.21 -50.56
C GLU A 99 6.13 -42.32 -49.39
N LYS A 100 6.62 -41.11 -49.72
CA LYS A 100 7.20 -40.24 -48.69
C LYS A 100 6.23 -39.80 -47.63
N LYS A 101 4.94 -39.92 -47.89
CA LYS A 101 3.93 -39.71 -46.87
C LYS A 101 3.39 -41.04 -46.28
N GLN A 102 3.46 -42.20 -47.01
CA GLN A 102 3.17 -43.53 -46.42
C GLN A 102 4.15 -43.83 -45.29
N ASN A 103 5.39 -43.32 -45.42
CA ASN A 103 6.39 -43.41 -44.34
C ASN A 103 5.94 -42.68 -43.08
N GLU A 104 5.51 -41.44 -43.23
CA GLU A 104 5.03 -40.66 -42.09
C GLU A 104 3.86 -41.38 -41.42
N THR A 105 2.81 -41.72 -42.22
CA THR A 105 1.74 -42.59 -41.71
C THR A 105 2.43 -43.73 -40.94
N GLU A 106 2.94 -44.79 -41.59
CA GLU A 106 3.35 -46.00 -40.86
C GLU A 106 4.24 -45.72 -39.64
N ASN A 107 5.16 -44.76 -39.74
CA ASN A 107 6.10 -44.45 -38.64
C ASN A 107 5.43 -43.95 -37.34
N ARG A 108 4.23 -43.36 -37.43
CA ARG A 108 3.55 -42.90 -36.20
C ARG A 108 2.93 -44.09 -35.36
N LYS A 109 2.54 -45.25 -35.98
CA LYS A 109 1.86 -46.33 -35.22
C LYS A 109 2.87 -47.05 -34.39
N LEU A 110 3.90 -47.47 -35.07
CA LEU A 110 5.08 -48.05 -34.46
C LEU A 110 5.65 -47.15 -33.35
N LEU A 111 5.13 -45.93 -33.12
CA LEU A 111 5.68 -44.99 -32.12
C LEU A 111 5.67 -45.52 -30.67
N GLY A 112 6.86 -45.78 -30.14
CA GLY A 112 6.96 -46.24 -28.78
C GLY A 112 7.43 -47.70 -28.54
N THR A 113 7.55 -48.57 -29.56
CA THR A 113 7.69 -49.98 -29.27
C THR A 113 8.97 -50.24 -28.56
N VAL A 114 8.89 -51.16 -27.63
CA VAL A 114 10.15 -51.76 -27.29
C VAL A 114 10.82 -52.08 -28.62
N ILE A 115 11.93 -51.38 -28.98
CA ILE A 115 12.84 -51.89 -30.07
C ILE A 115 13.38 -53.25 -29.63
N GLN A 116 13.92 -53.98 -30.58
CA GLN A 116 14.14 -55.41 -30.42
C GLN A 116 15.39 -55.72 -31.35
N TYR A 117 16.33 -56.66 -30.93
CA TYR A 117 17.74 -56.68 -31.40
C TYR A 117 17.82 -57.45 -32.72
N GLY A 118 18.34 -56.81 -33.77
CA GLY A 118 18.14 -57.25 -35.15
C GLY A 118 16.93 -56.68 -35.88
N ASN A 119 16.34 -55.55 -35.41
CA ASN A 119 15.40 -54.71 -36.17
C ASN A 119 16.18 -53.75 -37.05
N VAL A 120 15.51 -53.18 -38.02
CA VAL A 120 16.26 -52.48 -39.03
C VAL A 120 15.89 -51.02 -38.89
N ILE A 121 16.45 -50.39 -37.89
CA ILE A 121 16.11 -49.01 -37.64
C ILE A 121 17.07 -48.13 -38.40
N GLN A 122 16.62 -46.91 -38.67
CA GLN A 122 17.50 -45.85 -39.11
C GLN A 122 17.64 -44.89 -37.95
N LEU A 123 18.61 -44.01 -38.05
CA LEU A 123 18.87 -43.04 -37.01
C LEU A 123 18.65 -41.62 -37.61
N LEU A 124 17.88 -40.71 -36.91
CA LEU A 124 17.59 -39.30 -37.34
C LEU A 124 18.07 -38.17 -36.39
N HIS A 125 18.87 -37.21 -36.92
CA HIS A 125 19.43 -36.07 -36.14
C HIS A 125 18.35 -34.97 -35.88
N LEU A 126 18.13 -34.63 -34.60
CA LEU A 126 17.14 -33.61 -34.25
C LEU A 126 17.54 -32.24 -34.75
N LYS A 127 18.80 -31.90 -34.52
CA LYS A 127 19.33 -30.55 -34.69
C LYS A 127 19.65 -30.21 -36.14
N SER A 128 20.12 -31.20 -36.92
CA SER A 128 20.34 -31.06 -38.37
C SER A 128 19.23 -31.69 -39.23
N ASN A 129 18.35 -32.56 -38.66
CA ASN A 129 17.16 -33.23 -39.32
C ASN A 129 17.51 -34.00 -40.62
N LYS A 130 18.75 -34.50 -40.72
CA LYS A 130 19.23 -35.41 -41.77
C LYS A 130 19.55 -36.81 -41.22
N TYR A 131 19.31 -37.87 -42.05
CA TYR A 131 19.58 -39.27 -41.67
C TYR A 131 21.02 -39.69 -41.81
N LEU A 132 21.48 -40.43 -40.80
CA LEU A 132 22.78 -41.12 -40.84
C LEU A 132 22.72 -42.17 -41.96
N THR A 133 23.70 -42.13 -42.87
CA THR A 133 23.63 -42.96 -44.08
C THR A 133 25.04 -43.39 -44.51
N VAL A 134 25.17 -44.70 -44.86
CA VAL A 134 26.41 -45.26 -45.39
C VAL A 134 26.38 -45.20 -46.93
N ASN A 135 27.37 -44.50 -47.54
CA ASN A 135 27.46 -44.36 -49.02
C ASN A 135 28.30 -45.51 -49.56
N LYS A 136 27.65 -46.65 -49.81
CA LYS A 136 28.32 -47.91 -50.09
C LYS A 136 29.47 -47.81 -51.10
N ARG A 137 29.27 -47.06 -52.18
CA ARG A 137 30.09 -47.17 -53.39
C ARG A 137 31.20 -46.15 -53.42
N LEU A 138 31.68 -45.77 -52.25
CA LEU A 138 32.65 -44.70 -52.08
C LEU A 138 33.75 -45.25 -51.18
N PRO A 139 34.97 -44.69 -51.25
CA PRO A 139 35.86 -44.67 -50.08
C PRO A 139 35.44 -43.59 -49.08
N ALA A 140 36.02 -43.61 -47.88
CA ALA A 140 35.87 -42.48 -46.97
C ALA A 140 36.93 -41.38 -47.24
N LEU A 141 36.85 -40.26 -46.48
CA LEU A 141 37.72 -39.08 -46.68
C LEU A 141 39.02 -39.11 -45.84
N LEU A 142 38.96 -39.24 -44.49
CA LEU A 142 40.16 -39.26 -43.65
C LEU A 142 40.82 -40.65 -43.63
N GLU A 143 40.05 -41.72 -43.84
CA GLU A 143 40.52 -43.09 -43.89
C GLU A 143 40.36 -43.63 -45.32
N LYS A 144 41.28 -44.49 -45.78
CA LYS A 144 41.37 -44.81 -47.22
C LYS A 144 40.41 -45.93 -47.66
N ASN A 145 40.27 -46.98 -46.85
CA ASN A 145 39.32 -48.06 -47.15
C ASN A 145 37.87 -47.60 -46.91
N ALA A 146 37.55 -47.23 -45.65
CA ALA A 146 36.18 -47.17 -45.14
C ALA A 146 35.30 -46.38 -46.10
N MET A 147 34.04 -46.80 -46.17
CA MET A 147 33.06 -46.12 -46.98
C MET A 147 32.84 -44.73 -46.38
N ARG A 148 32.15 -43.86 -47.12
CA ARG A 148 31.91 -42.47 -46.72
C ARG A 148 30.59 -42.37 -46.01
N VAL A 149 30.65 -42.13 -44.70
CA VAL A 149 29.46 -41.89 -43.90
C VAL A 149 29.19 -40.40 -43.95
N THR A 150 28.01 -40.05 -44.45
CA THR A 150 27.55 -38.68 -44.66
C THR A 150 26.15 -38.51 -44.02
N LEU A 151 25.65 -37.26 -43.99
CA LEU A 151 24.31 -36.97 -43.45
C LEU A 151 23.39 -36.54 -44.59
N ASP A 152 22.54 -37.47 -45.04
CA ASP A 152 21.66 -37.26 -46.18
C ASP A 152 20.26 -36.89 -45.69
N GLU A 153 19.68 -35.83 -46.28
CA GLU A 153 18.49 -35.17 -45.72
C GLU A 153 17.24 -36.09 -45.71
N ALA A 154 16.99 -36.82 -46.82
CA ALA A 154 15.82 -37.68 -47.04
C ALA A 154 16.11 -39.18 -46.97
N GLY A 155 17.37 -39.60 -46.99
CA GLY A 155 17.71 -40.99 -46.86
C GLY A 155 17.61 -41.75 -48.18
N ASN A 156 18.20 -42.94 -48.14
CA ASN A 156 18.11 -43.94 -49.18
C ASN A 156 18.38 -45.24 -48.46
N GLU A 157 18.39 -46.33 -49.23
CA GLU A 157 18.54 -47.64 -48.62
C GLU A 157 19.79 -47.66 -47.72
N GLY A 158 20.80 -46.81 -48.00
CA GLY A 158 22.01 -46.76 -47.19
C GLY A 158 21.89 -46.11 -45.81
N SER A 159 20.67 -46.02 -45.25
CA SER A 159 20.41 -45.53 -43.89
C SER A 159 19.70 -46.56 -42.99
N TRP A 160 19.51 -47.80 -43.48
CA TRP A 160 18.99 -48.92 -42.68
C TRP A 160 20.09 -49.53 -41.81
N PHE A 161 19.90 -49.58 -40.49
CA PHE A 161 20.92 -50.09 -39.57
C PHE A 161 20.41 -51.24 -38.72
N TYR A 162 21.00 -52.41 -38.94
CA TYR A 162 20.78 -53.57 -38.08
C TYR A 162 21.40 -53.32 -36.71
N ILE A 163 20.59 -53.17 -35.68
CA ILE A 163 21.10 -52.95 -34.34
C ILE A 163 21.34 -54.31 -33.71
N GLN A 164 22.50 -54.52 -33.08
CA GLN A 164 22.68 -55.87 -32.54
C GLN A 164 23.65 -55.81 -31.35
N PRO A 165 23.47 -56.71 -30.35
CA PRO A 165 24.24 -56.66 -29.11
C PRO A 165 25.69 -57.09 -29.31
N PHE A 166 26.60 -56.27 -28.78
CA PHE A 166 28.04 -56.39 -28.95
C PHE A 166 28.53 -57.61 -28.22
N TYR A 167 28.43 -57.58 -26.89
CA TYR A 167 28.60 -58.75 -26.05
C TYR A 167 27.38 -59.67 -26.20
N LYS A 168 27.57 -60.95 -25.88
CA LYS A 168 26.50 -61.95 -25.98
C LYS A 168 25.75 -62.14 -24.66
N LEU A 169 25.85 -61.15 -23.75
CA LEU A 169 24.98 -61.13 -22.59
C LEU A 169 23.52 -61.17 -23.05
N ARG A 170 23.13 -60.21 -23.87
CA ARG A 170 21.84 -60.24 -24.53
C ARG A 170 22.00 -60.70 -25.94
N SER A 171 20.89 -61.04 -26.52
CA SER A 171 21.10 -61.70 -27.76
C SER A 171 19.75 -61.55 -28.48
N ILE A 172 19.82 -61.54 -29.83
CA ILE A 172 18.73 -61.19 -30.75
C ILE A 172 17.52 -61.96 -30.19
N GLY A 173 16.34 -61.36 -30.14
CA GLY A 173 15.12 -62.11 -29.72
C GLY A 173 14.63 -62.02 -28.27
N ASP A 174 15.49 -61.48 -27.38
CA ASP A 174 15.13 -60.70 -26.16
C ASP A 174 14.60 -59.31 -26.63
N SER A 175 14.04 -58.26 -25.88
CA SER A 175 13.88 -56.73 -26.20
C SER A 175 14.94 -55.57 -25.73
N VAL A 176 15.63 -54.81 -26.63
CA VAL A 176 16.84 -53.93 -26.29
C VAL A 176 16.62 -53.16 -24.97
N VAL A 177 17.60 -53.30 -24.04
CA VAL A 177 17.64 -52.45 -22.83
C VAL A 177 18.39 -51.12 -23.09
N ILE A 178 18.20 -50.11 -22.20
CA ILE A 178 18.90 -48.82 -22.27
C ILE A 178 20.31 -48.96 -21.74
N GLY A 179 21.26 -48.33 -22.43
CA GLY A 179 22.69 -48.46 -22.12
C GLY A 179 23.50 -49.42 -22.99
N ASP A 180 22.94 -50.62 -23.24
CA ASP A 180 23.63 -51.73 -23.91
C ASP A 180 24.65 -51.17 -24.89
N LYS A 181 25.85 -51.66 -24.85
CA LYS A 181 26.69 -51.35 -25.96
C LYS A 181 26.22 -52.19 -27.09
N VAL A 182 26.22 -51.61 -28.26
CA VAL A 182 25.80 -52.35 -29.44
C VAL A 182 26.74 -52.01 -30.59
N VAL A 183 26.63 -52.81 -31.65
CA VAL A 183 27.16 -52.49 -32.96
C VAL A 183 25.94 -52.24 -33.84
N LEU A 184 25.98 -51.14 -34.56
CA LEU A 184 25.01 -50.87 -35.61
C LEU A 184 25.61 -51.42 -36.89
N ASN A 185 24.79 -52.06 -37.73
CA ASN A 185 25.27 -52.70 -38.96
C ASN A 185 24.33 -52.54 -40.15
N PRO A 186 24.70 -51.71 -41.11
CA PRO A 186 23.80 -51.46 -42.24
C PRO A 186 23.36 -52.74 -42.92
N VAL A 187 22.21 -52.65 -43.56
CA VAL A 187 21.50 -53.83 -44.05
C VAL A 187 22.12 -54.43 -45.30
N ASN A 188 22.65 -53.58 -46.16
CA ASN A 188 23.40 -54.02 -47.32
C ASN A 188 24.62 -53.17 -47.56
N ALA A 189 24.61 -51.89 -47.18
CA ALA A 189 25.74 -51.00 -47.48
C ALA A 189 27.08 -51.56 -47.00
N GLY A 190 27.09 -52.68 -46.25
CA GLY A 190 28.27 -53.49 -46.02
C GLY A 190 28.77 -53.78 -44.60
N GLN A 191 29.78 -52.96 -44.20
CA GLN A 191 30.51 -52.96 -42.91
C GLN A 191 29.80 -52.17 -41.79
N PRO A 192 30.16 -52.41 -40.51
CA PRO A 192 29.52 -51.65 -39.40
C PRO A 192 30.14 -50.29 -39.13
N LEU A 193 29.30 -49.42 -38.55
CA LEU A 193 29.74 -48.08 -38.20
C LEU A 193 30.91 -48.16 -37.22
N HIS A 194 31.74 -47.10 -37.21
CA HIS A 194 33.01 -47.14 -36.48
C HIS A 194 33.64 -45.75 -36.30
N ALA A 195 33.97 -45.42 -35.05
CA ALA A 195 34.46 -44.09 -34.67
C ALA A 195 35.96 -44.03 -34.91
N SER A 196 36.39 -43.12 -35.77
CA SER A 196 37.72 -43.20 -36.29
C SER A 196 38.76 -42.95 -35.20
N SER A 197 40.00 -43.10 -35.64
CA SER A 197 41.18 -42.68 -34.92
C SER A 197 41.79 -41.42 -35.55
N HIS A 198 41.20 -40.93 -36.66
CA HIS A 198 41.80 -39.97 -37.57
C HIS A 198 41.23 -38.59 -37.33
N GLN A 199 41.98 -37.77 -36.59
CA GLN A 199 41.59 -36.40 -36.42
C GLN A 199 41.39 -35.78 -37.78
N LEU A 200 40.34 -35.02 -37.92
CA LEU A 200 40.18 -34.34 -39.18
C LEU A 200 41.34 -33.37 -39.34
N VAL A 201 41.24 -32.57 -40.42
CA VAL A 201 42.26 -31.56 -40.70
C VAL A 201 41.99 -30.28 -39.91
N ASP A 202 40.77 -29.77 -40.02
CA ASP A 202 40.51 -28.40 -39.58
C ASP A 202 40.30 -28.33 -38.06
N ASN A 203 39.43 -29.17 -37.53
CA ASN A 203 38.91 -29.01 -36.19
C ASN A 203 39.79 -29.75 -35.15
N GLY A 205 41.07 -32.27 -33.26
CA GLY A 205 40.32 -32.83 -32.16
C GLY A 205 38.98 -33.43 -32.57
N CYS A 206 38.85 -33.84 -33.83
CA CYS A 206 37.61 -34.43 -34.33
C CYS A 206 37.92 -35.64 -35.20
N ASN A 207 37.45 -36.79 -34.74
CA ASN A 207 37.75 -38.07 -35.35
C ASN A 207 36.61 -38.39 -36.29
N GLU A 208 36.97 -38.68 -37.52
CA GLU A 208 35.98 -38.88 -38.57
C GLU A 208 35.42 -40.28 -38.52
N VAL A 209 34.15 -40.41 -38.27
CA VAL A 209 33.58 -41.74 -38.20
C VAL A 209 33.33 -42.22 -39.61
N ASN A 210 33.46 -43.52 -39.78
CA ASN A 210 33.26 -44.18 -41.06
C ASN A 210 32.89 -45.64 -40.83
N SER A 211 32.62 -46.34 -41.94
CA SER A 211 32.16 -47.73 -41.91
C SER A 211 33.34 -48.62 -42.20
N VAL A 212 33.62 -49.52 -41.28
CA VAL A 212 34.71 -50.45 -41.48
C VAL A 212 34.55 -51.43 -40.34
N ASN A 213 34.68 -52.72 -40.63
CA ASN A 213 34.53 -53.74 -39.59
C ASN A 213 35.51 -53.37 -38.49
N CYS A 214 35.02 -52.97 -37.32
CA CYS A 214 35.91 -52.69 -36.20
C CYS A 214 35.21 -52.98 -34.89
N ASN A 215 36.04 -53.02 -33.83
CA ASN A 215 35.62 -53.37 -32.46
C ASN A 215 35.37 -52.09 -31.66
N THR A 216 34.41 -51.33 -32.13
CA THR A 216 33.93 -50.17 -31.40
C THR A 216 32.63 -50.54 -30.72
N SER A 217 32.42 -50.10 -29.49
CA SER A 217 31.19 -50.47 -28.79
C SER A 217 30.44 -49.19 -28.50
N TRP A 218 29.22 -49.17 -28.96
CA TRP A 218 28.37 -48.01 -28.87
C TRP A 218 27.46 -48.22 -27.69
N LYS A 219 27.71 -47.46 -26.68
CA LYS A 219 26.76 -47.30 -25.65
C LYS A 219 25.60 -46.46 -26.16
N ILE A 220 24.40 -46.65 -25.59
CA ILE A 220 23.18 -45.95 -25.98
C ILE A 220 22.62 -45.19 -24.77
N VAL A 221 22.86 -43.89 -24.70
CA VAL A 221 22.53 -43.01 -23.55
C VAL A 221 21.27 -42.17 -23.79
N LEU A 222 20.14 -42.55 -23.18
CA LEU A 222 18.86 -41.87 -23.36
C LEU A 222 18.94 -40.39 -22.93
N PHE A 223 18.16 -39.55 -23.61
CA PHE A 223 17.98 -38.13 -23.25
C PHE A 223 16.54 -37.88 -22.85
N MET A 224 15.62 -37.83 -23.79
CA MET A 224 14.23 -37.76 -23.48
C MET A 224 13.62 -39.12 -23.71
N LYS A 225 12.78 -39.58 -22.79
CA LYS A 225 12.02 -40.76 -23.15
C LYS A 225 10.88 -40.36 -24.10
N TRP A 226 10.35 -41.36 -24.87
CA TRP A 226 9.41 -41.11 -25.99
C TRP A 226 8.11 -40.45 -25.54
N SER A 227 8.14 -39.68 -24.45
CA SER A 227 7.01 -38.88 -24.03
C SER A 227 7.53 -37.45 -24.04
N ASP A 228 7.35 -36.82 -25.18
CA ASP A 228 7.51 -35.42 -25.34
C ASP A 228 6.39 -35.07 -26.31
N ASN A 229 5.17 -34.94 -25.75
CA ASN A 229 3.98 -34.54 -26.49
C ASN A 229 4.13 -33.10 -26.90
N LYS A 230 4.57 -32.88 -28.13
CA LYS A 230 4.88 -31.54 -28.61
C LYS A 230 4.48 -31.42 -30.09
N ASP A 231 4.18 -30.20 -30.60
CA ASP A 231 4.15 -28.94 -29.79
C ASP A 231 2.87 -28.88 -28.98
N ASP A 232 2.97 -29.42 -27.80
CA ASP A 232 1.80 -29.82 -27.02
C ASP A 232 2.20 -29.48 -25.62
N ILE A 233 3.49 -29.59 -25.40
CA ILE A 233 4.05 -29.41 -24.10
C ILE A 233 5.38 -28.72 -24.33
N LEU A 234 5.75 -27.91 -23.33
CA LEU A 234 7.06 -27.25 -23.17
C LEU A 234 8.02 -28.19 -22.41
N LYS A 235 8.82 -28.97 -23.13
CA LYS A 235 9.79 -29.82 -22.48
C LYS A 235 11.20 -29.48 -22.93
N GLY A 236 12.15 -29.70 -22.00
CA GLY A 236 13.52 -29.20 -22.09
C GLY A 236 14.24 -29.32 -23.43
N GLY A 237 14.65 -28.15 -24.00
CA GLY A 237 15.15 -28.04 -25.37
C GLY A 237 14.22 -27.46 -26.47
N ASP A 238 12.94 -27.11 -26.18
CA ASP A 238 12.05 -26.41 -27.13
C ASP A 238 12.46 -24.94 -27.26
N VAL A 239 12.46 -24.41 -28.48
CA VAL A 239 12.89 -23.02 -28.72
C VAL A 239 11.65 -22.16 -28.75
N VAL A 240 11.62 -21.13 -27.92
CA VAL A 240 10.46 -20.27 -27.79
C VAL A 240 10.89 -18.83 -27.74
N ARG A 241 9.95 -17.96 -28.07
CA ARG A 241 10.01 -16.54 -27.75
C ARG A 241 9.04 -16.23 -26.62
N LEU A 242 9.29 -15.14 -25.91
CA LEU A 242 8.59 -14.80 -24.67
C LEU A 242 7.88 -13.45 -24.77
N PHE A 243 6.69 -13.46 -25.36
CA PHE A 243 5.94 -12.24 -25.64
C PHE A 243 5.34 -11.64 -24.34
N HIS A 244 5.09 -10.29 -24.27
CA HIS A 244 4.56 -9.56 -23.09
C HIS A 244 3.04 -9.22 -23.16
N ALA A 245 2.24 -9.63 -22.16
CA ALA A 245 0.78 -9.48 -22.28
C ALA A 245 0.39 -8.01 -22.32
N GLU A 246 0.80 -7.24 -21.33
CA GLU A 246 0.45 -5.82 -21.29
C GLU A 246 1.23 -5.01 -22.30
N GLN A 247 2.55 -4.91 -22.10
CA GLN A 247 3.40 -4.07 -22.93
C GLN A 247 3.36 -4.47 -24.37
N GLU A 248 2.90 -5.66 -24.69
CA GLU A 248 2.97 -6.16 -26.05
C GLU A 248 4.40 -6.03 -26.58
N LYS A 249 5.32 -6.79 -25.97
CA LYS A 249 6.72 -6.77 -26.40
C LYS A 249 7.46 -8.09 -26.11
N PHE A 250 8.22 -8.57 -27.15
CA PHE A 250 9.06 -9.78 -27.14
C PHE A 250 10.33 -9.53 -26.31
N LEU A 251 10.91 -10.65 -25.80
CA LEU A 251 12.13 -10.64 -24.99
C LEU A 251 13.40 -11.00 -25.80
N THR A 252 14.38 -10.08 -25.78
CA THR A 252 15.56 -10.10 -26.65
C THR A 252 16.86 -9.90 -25.86
N CYS A 253 17.99 -10.33 -26.45
CA CYS A 253 19.37 -10.13 -25.92
C CYS A 253 20.27 -9.53 -26.99
N ASP A 254 20.90 -8.35 -26.74
CA ASP A 254 21.97 -7.86 -27.65
C ASP A 254 23.11 -7.10 -26.95
N GLU A 255 23.79 -6.13 -27.64
CA GLU A 255 24.80 -5.30 -27.01
C GLU A 255 24.55 -3.82 -27.29
N HIS A 256 24.65 -3.00 -26.24
CA HIS A 256 24.59 -1.55 -26.34
C HIS A 256 25.80 -1.02 -25.58
N ARG A 257 26.48 -0.05 -26.17
CA ARG A 257 27.69 0.52 -25.58
C ARG A 257 28.72 -0.58 -25.32
N LYS A 258 28.84 -1.48 -26.29
CA LYS A 258 29.75 -2.61 -26.24
C LYS A 258 29.46 -3.46 -25.02
N LYS A 259 28.19 -3.57 -24.66
CA LYS A 259 27.79 -4.30 -23.48
C LYS A 259 26.58 -5.17 -23.78
N GLN A 260 26.61 -6.47 -23.43
CA GLN A 260 25.42 -7.33 -23.60
C GLN A 260 24.27 -6.93 -22.66
N HIS A 261 23.14 -6.46 -23.22
CA HIS A 261 21.92 -6.13 -22.45
C HIS A 261 20.76 -6.95 -22.94
N VAL A 262 20.00 -7.45 -22.01
CA VAL A 262 18.68 -7.99 -22.31
C VAL A 262 17.73 -6.81 -22.26
N PHE A 263 16.51 -6.96 -22.82
CA PHE A 263 15.49 -5.88 -22.81
C PHE A 263 14.18 -6.40 -23.46
N LEU A 264 13.06 -5.62 -23.30
CA LEU A 264 11.90 -5.72 -24.21
C LEU A 264 12.13 -4.79 -25.41
N ARG A 265 11.83 -5.28 -26.64
CA ARG A 265 12.08 -4.52 -27.91
C ARG A 265 10.77 -3.94 -28.51
N THR A 266 10.78 -2.62 -28.80
CA THR A 266 9.63 -1.85 -29.35
C THR A 266 9.51 -1.97 -30.90
N THR A 267 8.27 -2.13 -31.45
CA THR A 267 8.06 -2.32 -32.89
C THR A 267 7.16 -1.25 -33.54
N GLY A 268 7.54 -0.85 -34.76
CA GLY A 268 6.87 0.19 -35.54
C GLY A 268 6.02 -0.38 -36.66
N ARG A 269 6.07 -1.70 -36.84
CA ARG A 269 5.12 -2.41 -37.71
C ARG A 269 3.73 -2.00 -37.24
N GLN A 270 2.65 -2.41 -37.95
CA GLN A 270 1.29 -2.25 -37.47
C GLN A 270 0.69 -3.63 -37.13
N SER A 271 1.53 -4.50 -36.57
CA SER A 271 1.08 -5.84 -36.17
C SER A 271 2.20 -6.38 -35.27
N ALA A 272 2.05 -6.18 -33.95
CA ALA A 272 3.10 -6.56 -33.02
C ALA A 272 3.66 -7.95 -33.35
N THR A 273 2.78 -8.95 -33.52
CA THR A 273 3.22 -10.32 -33.74
C THR A 273 3.94 -10.52 -35.07
N SER A 274 4.04 -9.50 -35.92
CA SER A 274 4.85 -9.56 -37.14
C SER A 274 6.25 -9.01 -36.92
N ALA A 275 6.63 -8.80 -35.66
CA ALA A 275 8.02 -8.50 -35.31
C ALA A 275 8.71 -9.79 -34.86
N THR A 276 9.20 -10.61 -35.85
CA THR A 276 10.02 -11.80 -35.57
C THR A 276 11.44 -11.65 -36.13
N SER A 277 12.41 -11.82 -35.24
CA SER A 277 13.82 -11.84 -35.52
C SER A 277 14.31 -13.22 -35.04
N SER A 278 15.59 -13.57 -35.28
CA SER A 278 16.18 -14.83 -34.74
C SER A 278 16.91 -14.68 -33.37
N LYS A 279 16.81 -13.51 -32.65
CA LYS A 279 17.43 -13.12 -31.32
C LYS A 279 16.48 -13.20 -30.08
N ALA A 280 15.15 -13.32 -30.22
CA ALA A 280 14.19 -13.49 -29.11
C ALA A 280 13.94 -14.95 -28.79
N LEU A 281 14.72 -15.86 -29.39
CA LEU A 281 14.52 -17.30 -29.32
C LEU A 281 15.36 -17.80 -28.17
N TRP A 282 14.74 -18.57 -27.31
CA TRP A 282 15.42 -19.03 -26.13
C TRP A 282 15.27 -20.53 -26.09
N GLU A 283 16.38 -21.20 -25.88
CA GLU A 283 16.31 -22.61 -25.59
C GLU A 283 15.86 -22.77 -24.16
N VAL A 284 15.11 -23.82 -23.95
CA VAL A 284 14.56 -24.19 -22.67
C VAL A 284 15.39 -25.32 -22.12
N GLU A 285 15.73 -25.18 -20.86
CA GLU A 285 16.58 -26.11 -20.18
C GLU A 285 15.69 -26.55 -19.08
N VAL A 286 14.84 -27.51 -19.40
CA VAL A 286 14.04 -28.12 -18.37
C VAL A 286 15.08 -28.68 -17.41
N VAL A 287 15.41 -27.94 -16.34
CA VAL A 287 16.47 -28.40 -15.45
C VAL A 287 16.09 -29.77 -14.95
N GLN A 288 17.06 -30.65 -14.96
CA GLN A 288 16.92 -32.01 -14.48
C GLN A 288 18.01 -32.17 -13.42
N HIS A 289 18.67 -33.29 -13.45
CA HIS A 289 19.88 -33.45 -12.64
C HIS A 289 21.07 -33.94 -13.49
N ASP A 290 20.87 -35.04 -14.16
CA ASP A 290 21.71 -35.42 -15.28
C ASP A 290 21.20 -34.71 -16.56
N PRO A 291 22.03 -34.55 -17.58
CA PRO A 291 21.62 -33.75 -18.75
C PRO A 291 20.61 -34.36 -19.79
N CYS A 292 19.28 -34.29 -19.53
CA CYS A 292 18.24 -35.06 -20.28
C CYS A 292 16.94 -34.33 -20.72
N ARG A 293 15.82 -35.08 -20.73
CA ARG A 293 14.56 -34.67 -21.37
C ARG A 293 14.04 -33.36 -20.82
N TRP A 299 6.53 -28.45 -15.38
CA TRP A 299 5.53 -27.51 -14.87
C TRP A 299 5.56 -27.35 -13.32
N ASN A 300 6.09 -28.34 -12.58
CA ASN A 300 6.32 -28.24 -11.15
C ASN A 300 7.79 -28.00 -10.82
N SER A 301 8.69 -28.26 -11.76
CA SER A 301 10.12 -28.03 -11.63
C SER A 301 10.54 -26.88 -12.55
N LEU A 302 11.77 -26.43 -12.31
CA LEU A 302 12.22 -25.12 -12.71
C LEU A 302 12.69 -25.18 -14.15
N PHE A 303 13.20 -24.05 -14.64
CA PHE A 303 13.53 -23.90 -16.04
C PHE A 303 14.68 -22.88 -16.18
N ARG A 304 15.50 -23.02 -17.24
CA ARG A 304 16.50 -22.01 -17.59
C ARG A 304 16.40 -21.70 -19.06
N PHE A 305 16.72 -20.47 -19.41
CA PHE A 305 16.63 -20.04 -20.80
C PHE A 305 18.02 -19.76 -21.30
N LYS A 306 18.50 -20.64 -22.11
CA LYS A 306 19.72 -20.32 -22.79
C LYS A 306 19.35 -19.41 -23.92
N HIS A 307 19.99 -18.27 -24.00
CA HIS A 307 19.64 -17.40 -25.09
C HIS A 307 19.93 -18.18 -26.38
N LEU A 308 18.92 -18.32 -27.25
CA LEU A 308 19.11 -19.16 -28.44
C LEU A 308 20.26 -18.71 -29.35
N ALA A 309 20.65 -17.43 -29.36
CA ALA A 309 21.72 -16.96 -30.27
C ALA A 309 23.17 -17.01 -29.69
N THR A 310 23.45 -16.36 -28.54
CA THR A 310 24.84 -16.20 -28.06
C THR A 310 25.43 -17.45 -27.39
N GLY A 311 24.68 -18.09 -26.51
CA GLY A 311 25.15 -19.17 -25.68
C GLY A 311 25.22 -18.74 -24.24
N HIS A 312 24.85 -17.50 -24.00
CA HIS A 312 24.68 -16.95 -22.68
C HIS A 312 23.24 -17.10 -22.23
N TYR A 313 23.07 -17.67 -21.07
CA TYR A 313 21.77 -17.84 -20.49
C TYR A 313 21.31 -16.47 -20.04
N LEU A 314 20.28 -16.49 -19.23
CA LEU A 314 19.64 -15.34 -18.63
C LEU A 314 19.77 -15.49 -17.12
N ALA A 315 19.80 -14.38 -16.36
CA ALA A 315 19.78 -14.46 -14.90
C ALA A 315 19.64 -13.05 -14.33
N ALA A 316 18.78 -12.88 -13.29
CA ALA A 316 18.54 -11.53 -12.75
C ALA A 316 19.56 -11.21 -11.65
N GLU A 317 20.38 -10.14 -11.88
CA GLU A 317 21.41 -9.63 -10.94
C GLU A 317 21.61 -8.09 -11.05
N VAL A 318 21.36 -7.36 -9.91
CA VAL A 318 21.42 -5.84 -9.58
C VAL A 318 21.07 -4.77 -10.62
N MET A 351 14.07 -1.45 -7.73
CA MET A 351 13.85 -2.88 -7.87
C MET A 351 15.09 -3.59 -7.26
N VAL A 352 14.85 -4.59 -6.42
CA VAL A 352 15.99 -5.29 -5.83
C VAL A 352 16.86 -5.89 -6.92
N TYR A 353 16.27 -6.51 -7.96
CA TYR A 353 17.01 -7.26 -8.99
C TYR A 353 16.54 -6.95 -10.42
N SER A 354 17.38 -7.31 -11.41
CA SER A 354 17.14 -7.10 -12.85
C SER A 354 17.76 -8.23 -13.69
N LEU A 355 17.19 -8.46 -14.88
CA LEU A 355 17.63 -9.49 -15.84
C LEU A 355 18.87 -9.08 -16.72
N VAL A 356 19.88 -9.93 -16.83
CA VAL A 356 20.89 -9.82 -17.91
C VAL A 356 21.50 -11.19 -18.22
N SER A 357 22.13 -11.29 -19.39
CA SER A 357 22.70 -12.54 -19.88
C SER A 357 23.89 -12.92 -19.02
N VAL A 358 23.96 -14.20 -18.65
CA VAL A 358 25.16 -14.72 -17.97
C VAL A 358 25.85 -15.69 -18.94
N PRO A 359 27.17 -15.63 -19.11
CA PRO A 359 27.84 -16.47 -20.14
C PRO A 359 27.59 -17.97 -19.99
N GLU A 360 27.44 -18.45 -18.76
CA GLU A 360 27.18 -19.85 -18.46
C GLU A 360 25.91 -19.91 -17.61
N GLY A 361 25.01 -20.79 -18.00
CA GLY A 361 23.73 -20.88 -17.33
C GLY A 361 23.68 -21.83 -16.14
N ASN A 362 24.79 -21.92 -15.37
CA ASN A 362 24.98 -22.83 -14.22
C ASN A 362 24.53 -22.15 -12.94
N ASP A 363 25.04 -20.96 -12.70
CA ASP A 363 24.82 -20.26 -11.45
C ASP A 363 23.35 -20.30 -11.09
N ILE A 364 23.05 -20.45 -9.77
CA ILE A 364 21.68 -20.62 -9.34
C ILE A 364 20.86 -19.45 -9.88
N SER A 365 21.54 -18.33 -10.15
CA SER A 365 20.87 -17.14 -10.71
C SER A 365 20.13 -17.47 -12.01
N SER A 366 20.69 -18.37 -12.86
CA SER A 366 20.12 -18.76 -14.16
C SER A 366 19.02 -19.82 -14.04
N ILE A 367 18.25 -19.75 -12.97
CA ILE A 367 17.12 -20.65 -12.75
C ILE A 367 15.88 -19.90 -12.32
N PHE A 368 14.73 -20.28 -12.90
CA PHE A 368 13.44 -19.59 -12.72
C PHE A 368 12.30 -20.58 -12.36
N GLU A 369 11.05 -20.04 -12.19
CA GLU A 369 9.85 -20.81 -11.79
C GLU A 369 8.53 -20.30 -12.36
N LEU A 370 7.71 -21.19 -12.93
CA LEU A 370 6.55 -20.80 -13.73
C LEU A 370 5.28 -20.80 -12.86
N ASP A 371 4.26 -19.92 -13.28
CA ASP A 371 2.90 -19.54 -12.76
C ASP A 371 1.88 -19.35 -13.90
N PRO A 372 0.76 -20.14 -13.96
CA PRO A 372 -0.20 -19.91 -15.06
C PRO A 372 -0.84 -18.53 -15.04
N VAL A 382 1.98 -28.44 -18.09
CA VAL A 382 2.20 -27.16 -18.74
C VAL A 382 1.67 -27.34 -20.15
N PRO A 383 1.44 -26.23 -20.88
CA PRO A 383 1.08 -26.36 -22.30
C PRO A 383 1.93 -25.55 -23.29
N ARG A 384 2.20 -26.09 -24.48
CA ARG A 384 2.82 -25.29 -25.53
C ARG A 384 1.86 -24.14 -25.83
N ASN A 385 2.41 -22.92 -25.94
CA ASN A 385 1.65 -21.68 -26.09
C ASN A 385 0.95 -21.22 -24.79
N SER A 386 1.53 -21.49 -23.63
CA SER A 386 0.92 -21.01 -22.39
C SER A 386 1.22 -19.55 -22.21
N TYR A 387 0.38 -18.89 -21.45
CA TYR A 387 0.60 -17.51 -21.06
C TYR A 387 0.86 -17.56 -19.55
N VAL A 388 2.09 -17.29 -19.15
CA VAL A 388 2.55 -17.52 -17.78
C VAL A 388 3.05 -16.20 -17.17
N ARG A 389 3.18 -16.23 -15.84
CA ARG A 389 3.98 -15.31 -15.02
C ARG A 389 5.15 -16.09 -14.42
N LEU A 390 6.37 -15.54 -14.51
CA LEU A 390 7.56 -16.25 -14.06
C LEU A 390 8.24 -15.59 -12.84
N ARG A 391 9.01 -16.38 -12.07
CA ARG A 391 9.50 -15.97 -10.76
C ARG A 391 10.96 -16.34 -10.56
N HIS A 392 11.79 -15.35 -10.25
CA HIS A 392 13.21 -15.64 -10.22
C HIS A 392 13.57 -16.36 -8.92
N LEU A 393 14.14 -17.57 -9.05
CA LEU A 393 14.18 -18.48 -7.92
C LEU A 393 15.04 -17.94 -6.78
N CYS A 394 16.33 -17.87 -7.01
CA CYS A 394 17.29 -17.55 -5.94
C CYS A 394 16.84 -16.38 -5.08
N THR A 395 16.06 -15.46 -5.67
CA THR A 395 15.72 -14.18 -5.08
C THR A 395 14.29 -14.05 -4.58
N ASN A 396 13.39 -14.88 -5.08
CA ASN A 396 11.96 -14.75 -4.87
C ASN A 396 11.49 -13.36 -5.26
N THR A 397 11.36 -13.13 -6.57
CA THR A 397 10.81 -11.91 -7.09
C THR A 397 10.11 -12.27 -8.38
N TRP A 398 9.13 -11.43 -8.72
CA TRP A 398 8.28 -11.55 -9.89
C TRP A 398 8.58 -10.41 -10.85
N VAL A 399 8.70 -10.78 -12.14
CA VAL A 399 9.28 -9.92 -13.19
C VAL A 399 8.37 -8.74 -13.59
N HIS A 400 8.99 -7.66 -14.14
CA HIS A 400 8.35 -6.38 -14.39
C HIS A 400 9.09 -5.50 -15.44
N SER A 401 8.32 -4.78 -16.29
CA SER A 401 8.84 -3.97 -17.42
C SER A 401 8.76 -2.45 -17.18
N THR A 402 9.90 -1.76 -17.29
CA THR A 402 9.99 -0.32 -17.04
C THR A 402 9.90 0.41 -18.36
N ASN A 403 10.27 1.70 -18.32
CA ASN A 403 10.30 2.51 -19.51
C ASN A 403 11.54 3.43 -19.59
N ILE A 404 12.54 3.26 -18.71
CA ILE A 404 13.82 3.96 -18.90
C ILE A 404 14.70 3.15 -19.85
N PRO A 405 15.14 3.71 -20.98
CA PRO A 405 15.85 2.86 -21.95
C PRO A 405 17.36 3.04 -21.95
N ILE A 406 18.03 2.11 -22.63
CA ILE A 406 19.46 2.18 -22.98
C ILE A 406 19.62 1.98 -24.48
N GLU A 409 21.95 6.97 -25.42
CA GLU A 409 22.65 7.69 -26.46
C GLU A 409 21.82 8.02 -27.70
N GLU A 410 20.98 7.07 -28.12
CA GLU A 410 20.20 7.22 -29.32
C GLU A 410 19.14 8.31 -29.18
N GLU A 411 18.72 8.85 -30.33
CA GLU A 411 17.55 9.72 -30.47
C GLU A 411 16.36 8.84 -30.78
N LYS A 412 15.42 8.74 -29.81
CA LYS A 412 14.27 7.87 -29.95
C LYS A 412 14.77 6.43 -29.95
N PRO A 413 15.28 5.89 -28.76
CA PRO A 413 15.86 4.53 -28.77
C PRO A 413 14.84 3.42 -29.06
N VAL A 414 15.19 2.17 -28.73
CA VAL A 414 14.22 1.08 -28.75
C VAL A 414 14.33 0.14 -27.53
N MET A 415 15.46 0.06 -26.81
CA MET A 415 15.72 -0.99 -25.81
C MET A 415 15.14 -0.59 -24.43
N LEU A 416 14.00 -1.22 -24.04
CA LEU A 416 13.38 -0.90 -22.76
C LEU A 416 13.81 -1.91 -21.71
N LYS A 417 14.55 -1.43 -20.73
CA LYS A 417 15.06 -2.31 -19.73
C LYS A 417 13.91 -3.08 -19.11
N ILE A 418 14.23 -4.27 -18.58
CA ILE A 418 13.30 -5.14 -17.87
C ILE A 418 13.97 -5.55 -16.55
N GLY A 419 13.22 -5.46 -15.43
CA GLY A 419 13.73 -5.88 -14.09
C GLY A 419 12.76 -6.70 -13.21
N THR A 420 12.89 -6.72 -11.86
CA THR A 420 12.01 -7.57 -11.07
C THR A 420 11.48 -6.77 -9.92
N SER A 421 10.62 -7.41 -9.18
CA SER A 421 9.94 -6.74 -8.09
C SER A 421 9.43 -7.82 -7.18
N PRO A 422 9.70 -7.70 -5.85
CA PRO A 422 9.04 -8.60 -4.92
C PRO A 422 7.51 -8.52 -4.97
N LEU A 423 6.89 -7.62 -5.77
CA LEU A 423 5.43 -7.54 -5.90
C LEU A 423 4.94 -8.27 -7.16
N LYS A 424 4.25 -9.39 -6.96
CA LYS A 424 3.65 -10.13 -8.05
C LYS A 424 2.50 -9.29 -8.59
N GLU A 425 2.43 -9.20 -9.92
CA GLU A 425 1.41 -8.36 -10.58
C GLU A 425 0.37 -9.28 -11.30
N ASP A 426 -0.34 -8.75 -12.34
CA ASP A 426 -1.35 -9.49 -13.15
C ASP A 426 -1.28 -9.28 -14.65
N LYS A 427 -0.56 -8.25 -15.16
CA LYS A 427 -0.45 -7.83 -16.57
C LYS A 427 0.91 -8.11 -17.21
N GLU A 428 1.97 -8.15 -16.42
CA GLU A 428 3.28 -8.46 -16.93
C GLU A 428 3.36 -9.88 -17.44
N ALA A 429 2.30 -10.40 -18.11
CA ALA A 429 2.17 -11.83 -18.44
C ALA A 429 2.76 -12.12 -19.80
N PHE A 430 3.68 -13.09 -19.84
CA PHE A 430 4.40 -13.45 -21.04
C PHE A 430 3.72 -14.64 -21.72
N ALA A 431 3.96 -14.77 -23.03
CA ALA A 431 3.43 -15.81 -23.89
C ALA A 431 4.59 -16.68 -24.36
N ILE A 432 4.50 -18.00 -24.10
CA ILE A 432 5.52 -18.98 -24.45
C ILE A 432 5.39 -19.34 -25.91
N VAL A 433 5.52 -18.34 -26.77
CA VAL A 433 5.17 -18.60 -28.16
C VAL A 433 6.15 -19.68 -28.62
N PRO A 434 5.68 -20.89 -28.98
CA PRO A 434 6.60 -21.92 -29.52
C PRO A 434 7.08 -21.55 -30.93
N VAL A 435 8.46 -21.75 -31.21
CA VAL A 435 9.06 -21.45 -32.51
C VAL A 435 9.00 -22.70 -33.41
N SER A 436 8.80 -22.50 -34.73
CA SER A 436 8.77 -23.64 -35.65
C SER A 436 10.17 -24.23 -35.76
N PRO A 437 10.30 -25.56 -35.78
CA PRO A 437 11.64 -26.16 -35.80
C PRO A 437 12.48 -25.82 -37.06
N ALA A 438 11.82 -25.55 -38.18
CA ALA A 438 12.50 -25.17 -39.40
C ALA A 438 13.22 -23.85 -39.23
N GLU A 439 12.52 -22.84 -38.72
CA GLU A 439 13.12 -21.55 -38.40
C GLU A 439 14.35 -21.68 -37.50
N VAL A 440 14.30 -22.60 -36.51
CA VAL A 440 15.48 -22.90 -35.71
C VAL A 440 16.57 -23.49 -36.58
N ARG A 441 16.22 -24.37 -37.52
CA ARG A 441 17.25 -24.85 -38.41
C ARG A 441 17.63 -23.86 -39.50
N ASP A 442 16.88 -22.75 -39.64
CA ASP A 442 17.24 -21.63 -40.51
C ASP A 442 18.35 -20.81 -39.89
N LEU A 443 18.08 -20.27 -38.69
CA LEU A 443 19.15 -19.69 -37.89
C LEU A 443 20.39 -20.63 -37.82
N ASP A 444 20.20 -21.98 -37.70
CA ASP A 444 21.32 -22.94 -37.74
C ASP A 444 22.12 -22.84 -39.04
N PHE A 445 21.47 -23.23 -40.14
CA PHE A 445 22.06 -23.26 -41.47
C PHE A 445 22.41 -21.88 -42.01
N ALA A 446 22.46 -20.86 -41.15
CA ALA A 446 23.06 -19.55 -41.43
C ALA A 446 24.24 -19.22 -40.53
N ASN A 447 24.10 -19.42 -39.22
CA ASN A 447 25.23 -19.26 -38.31
C ASN A 447 26.42 -20.01 -38.83
N ASP A 448 26.20 -21.29 -39.19
CA ASP A 448 27.30 -21.96 -39.87
C ASP A 448 27.91 -20.94 -40.83
N ALA A 449 27.14 -20.47 -41.84
CA ALA A 449 27.64 -19.59 -42.90
C ALA A 449 28.47 -18.43 -42.35
N SER A 450 28.00 -17.84 -41.24
CA SER A 450 28.72 -16.74 -40.61
C SER A 450 30.10 -17.19 -40.14
N LYS A 451 30.21 -18.40 -39.59
CA LYS A 451 31.50 -18.89 -39.12
C LYS A 451 32.37 -19.54 -40.21
N VAL A 452 31.76 -20.05 -41.31
CA VAL A 452 32.54 -20.47 -42.49
C VAL A 452 33.26 -19.27 -43.12
N LEU A 453 32.53 -18.18 -43.43
CA LEU A 453 33.22 -16.98 -43.93
C LEU A 453 34.03 -16.27 -42.83
N GLY A 454 33.85 -16.66 -41.56
CA GLY A 454 34.73 -16.18 -40.49
C GLY A 454 36.11 -16.83 -40.51
N SER A 455 36.20 -18.13 -40.80
CA SER A 455 37.53 -18.66 -41.09
C SER A 455 38.04 -18.14 -42.45
N ILE A 456 37.27 -18.34 -43.55
CA ILE A 456 37.83 -18.13 -44.90
C ILE A 456 38.08 -16.65 -45.21
N ALA A 457 37.18 -15.76 -44.80
CA ALA A 457 37.46 -14.35 -44.99
C ALA A 457 38.56 -13.85 -44.07
N GLY A 458 38.92 -14.64 -43.05
CA GLY A 458 40.04 -14.35 -42.17
C GLY A 458 41.36 -14.91 -42.66
N LYS A 459 41.29 -16.04 -43.38
CA LYS A 459 42.47 -16.70 -43.90
C LYS A 459 42.88 -16.16 -45.27
N LEU A 460 42.00 -15.40 -45.96
CA LEU A 460 42.33 -14.81 -47.25
C LEU A 460 42.50 -13.30 -47.21
N GLU A 461 42.42 -12.70 -46.04
CA GLU A 461 42.73 -11.28 -45.87
C GLU A 461 44.19 -11.05 -45.53
N LYS A 462 44.82 -12.03 -44.86
CA LYS A 462 46.19 -12.00 -44.35
C LYS A 462 47.09 -13.03 -45.02
N GLY A 463 46.72 -13.47 -46.24
CA GLY A 463 47.36 -14.60 -46.91
C GLY A 463 46.48 -15.48 -47.81
N THR A 464 46.76 -16.80 -47.86
CA THR A 464 46.27 -17.70 -48.91
C THR A 464 45.40 -18.85 -48.38
N ILE A 465 44.56 -19.40 -49.30
CA ILE A 465 43.65 -20.50 -49.05
C ILE A 465 43.87 -21.67 -50.02
N THR A 466 43.61 -22.86 -49.52
CA THR A 466 43.89 -24.06 -50.27
C THR A 466 42.87 -24.29 -51.37
N GLN A 467 43.09 -25.38 -52.08
CA GLN A 467 42.18 -25.83 -53.11
C GLN A 467 40.98 -26.60 -52.58
N ASN A 468 40.98 -27.04 -51.32
CA ASN A 468 39.81 -27.64 -50.69
C ASN A 468 38.84 -26.60 -50.18
N GLU A 469 39.32 -25.39 -49.91
CA GLU A 469 38.51 -24.33 -49.33
C GLU A 469 37.77 -23.54 -50.37
N ARG A 470 38.46 -23.16 -51.45
CA ARG A 470 37.75 -22.64 -52.61
C ARG A 470 36.57 -23.52 -52.98
N ARG A 471 36.80 -24.83 -53.11
CA ARG A 471 35.77 -25.74 -53.58
C ARG A 471 34.55 -25.78 -52.67
N SER A 472 34.75 -25.55 -51.39
CA SER A 472 33.69 -25.63 -50.39
C SER A 472 33.03 -24.29 -50.12
N VAL A 473 33.79 -23.20 -50.21
CA VAL A 473 33.21 -21.87 -50.15
C VAL A 473 32.39 -21.61 -51.43
N THR A 474 33.02 -21.66 -52.61
CA THR A 474 32.27 -21.52 -53.86
C THR A 474 30.95 -22.28 -53.76
N LYS A 475 31.04 -23.54 -53.33
CA LYS A 475 29.87 -24.34 -53.02
C LYS A 475 28.93 -23.57 -52.10
N LEU A 476 29.44 -23.06 -50.97
CA LEU A 476 28.59 -22.33 -50.05
C LEU A 476 27.85 -21.22 -50.78
N LEU A 477 28.60 -20.32 -51.40
CA LEU A 477 27.96 -19.24 -52.13
C LEU A 477 27.15 -19.65 -53.33
N GLU A 478 26.94 -20.94 -53.52
CA GLU A 478 25.81 -21.40 -54.34
C GLU A 478 24.61 -21.88 -53.51
N ASP A 479 24.88 -22.50 -52.37
CA ASP A 479 23.80 -22.96 -51.53
C ASP A 479 22.95 -21.81 -51.01
N LEU A 480 23.59 -20.75 -50.48
CA LEU A 480 22.82 -19.60 -49.95
C LEU A 480 21.82 -19.08 -50.99
N VAL A 481 22.27 -18.88 -52.23
CA VAL A 481 21.32 -18.61 -53.31
C VAL A 481 20.19 -19.60 -53.20
N TYR A 482 20.54 -20.89 -53.06
CA TYR A 482 19.50 -21.92 -52.93
C TYR A 482 18.65 -21.74 -51.68
N PHE A 483 19.05 -20.85 -50.78
CA PHE A 483 18.26 -20.56 -49.60
C PHE A 483 17.37 -19.33 -49.83
N VAL A 484 17.98 -18.16 -50.02
CA VAL A 484 17.31 -16.89 -49.77
C VAL A 484 16.05 -16.70 -50.59
N THR A 485 15.91 -17.47 -51.65
CA THR A 485 14.77 -17.42 -52.54
C THR A 485 13.75 -18.52 -52.25
N GLY A 486 13.76 -19.08 -51.04
CA GLY A 486 12.81 -20.11 -50.67
C GLY A 486 12.81 -21.23 -51.67
N GLY A 487 14.01 -21.74 -51.98
CA GLY A 487 14.16 -22.84 -52.92
C GLY A 487 13.49 -22.47 -54.22
N THR A 488 14.14 -21.57 -55.01
CA THR A 488 13.76 -21.32 -56.41
C THR A 488 14.92 -21.16 -57.42
N ASN A 489 15.98 -20.41 -57.12
CA ASN A 489 17.09 -20.21 -58.03
C ASN A 489 18.17 -21.28 -57.78
N SER A 490 19.42 -21.04 -58.21
CA SER A 490 20.60 -21.82 -57.75
C SER A 490 21.94 -21.12 -57.80
N LEU A 495 24.55 -23.26 -63.61
CA LEU A 495 23.12 -23.35 -63.37
C LEU A 495 22.39 -22.66 -64.50
N GLU A 496 21.13 -23.03 -64.72
CA GLU A 496 20.31 -22.45 -65.78
C GLU A 496 18.92 -22.21 -65.20
N VAL A 497 18.68 -20.99 -64.66
CA VAL A 497 17.51 -20.75 -63.82
C VAL A 497 16.31 -20.45 -64.66
N VAL A 498 15.12 -20.57 -64.04
CA VAL A 498 13.85 -20.21 -64.63
C VAL A 498 13.20 -19.01 -63.94
N PHE A 499 13.36 -18.94 -62.64
CA PHE A 499 12.76 -17.88 -61.89
C PHE A 499 13.76 -17.56 -60.82
N SER A 500 13.43 -16.56 -60.04
CA SER A 500 14.31 -16.06 -59.04
C SER A 500 13.55 -15.08 -58.14
N LYS A 501 12.87 -15.63 -57.13
CA LYS A 501 12.02 -14.78 -56.30
C LYS A 501 12.48 -14.95 -54.85
N PRO A 502 12.45 -13.90 -54.08
CA PRO A 502 13.08 -13.90 -52.77
C PRO A 502 12.21 -14.54 -51.69
N ASN A 503 12.80 -14.72 -50.52
CA ASN A 503 12.06 -15.14 -49.35
C ASN A 503 12.53 -14.25 -48.24
N ARG A 504 11.60 -13.58 -47.58
CA ARG A 504 11.94 -12.42 -46.76
C ARG A 504 12.66 -12.86 -45.46
N GLU A 505 12.06 -13.82 -44.74
CA GLU A 505 12.53 -14.14 -43.38
C GLU A 505 14.00 -14.55 -43.36
N ARG A 506 14.49 -15.08 -44.47
CA ARG A 506 15.89 -15.42 -44.53
C ARG A 506 16.77 -14.18 -44.67
N GLN A 507 16.47 -13.29 -45.64
CA GLN A 507 17.21 -12.02 -45.78
C GLN A 507 17.40 -11.32 -44.42
N LYS A 508 16.31 -11.21 -43.62
CA LYS A 508 16.46 -10.62 -42.27
C LYS A 508 17.38 -11.46 -41.41
N LEU A 509 17.30 -12.80 -41.57
CA LEU A 509 18.22 -13.71 -40.90
C LEU A 509 19.68 -13.56 -41.36
N MET A 510 19.97 -12.84 -42.48
CA MET A 510 21.34 -12.51 -42.94
C MET A 510 21.90 -11.21 -42.35
N ARG A 511 21.15 -10.08 -42.36
CA ARG A 511 21.78 -8.88 -41.79
C ARG A 511 21.89 -8.96 -40.29
N GLU A 512 20.94 -9.70 -39.67
CA GLU A 512 20.97 -9.96 -38.23
C GLU A 512 21.94 -11.09 -37.81
N GLN A 513 22.38 -12.02 -38.69
CA GLN A 513 23.38 -13.07 -38.37
C GLN A 513 24.71 -12.90 -39.14
N ASN A 514 25.00 -11.67 -39.60
CA ASN A 514 26.27 -11.29 -40.25
C ASN A 514 26.77 -12.36 -41.17
N ILE A 515 25.89 -12.71 -42.07
CA ILE A 515 26.30 -13.24 -43.35
C ILE A 515 26.77 -12.10 -44.25
N LEU A 516 25.96 -11.03 -44.34
CA LEU A 516 26.32 -9.87 -45.16
C LEU A 516 27.65 -9.28 -44.72
N LYS A 517 27.74 -8.93 -43.44
CA LYS A 517 28.98 -8.40 -42.88
C LYS A 517 30.18 -9.28 -43.27
N GLN A 518 30.05 -10.60 -43.14
CA GLN A 518 31.10 -11.53 -43.53
C GLN A 518 31.49 -11.34 -44.98
N ILE A 519 30.47 -11.24 -45.83
CA ILE A 519 30.67 -11.04 -47.26
C ILE A 519 31.58 -9.82 -47.51
N PHE A 520 31.17 -8.63 -47.01
CA PHE A 520 31.99 -7.46 -47.34
C PHE A 520 33.38 -7.49 -46.69
N LYS A 521 33.54 -8.24 -45.59
CA LYS A 521 34.85 -8.51 -45.02
C LYS A 521 35.47 -9.78 -45.56
N LEU A 522 35.03 -10.20 -46.73
CA LEU A 522 35.69 -11.20 -47.55
C LEU A 522 36.22 -10.59 -48.85
N LEU A 523 35.37 -9.94 -49.69
CA LEU A 523 35.83 -9.39 -50.98
C LEU A 523 37.14 -8.62 -50.85
N GLN A 524 37.36 -7.99 -49.69
CA GLN A 524 38.38 -6.96 -49.54
C GLN A 524 39.75 -7.61 -49.29
N ALA A 525 40.68 -7.30 -50.18
CA ALA A 525 42.07 -7.68 -50.11
C ALA A 525 42.96 -6.44 -50.30
N PRO A 548 40.40 -17.42 -61.28
CA PRO A 548 40.79 -17.15 -59.89
C PRO A 548 39.62 -16.74 -59.01
N PHE A 549 39.15 -15.52 -59.23
CA PHE A 549 37.98 -15.00 -58.55
C PHE A 549 36.74 -15.37 -59.35
N ARG A 550 36.94 -15.82 -60.59
CA ARG A 550 35.89 -16.20 -61.53
C ARG A 550 34.79 -17.10 -60.93
N HIS A 551 34.97 -17.58 -59.69
CA HIS A 551 33.85 -18.14 -58.91
C HIS A 551 34.06 -17.77 -57.43
N ILE A 552 34.15 -16.45 -57.21
CA ILE A 552 34.04 -15.84 -55.88
C ILE A 552 33.38 -14.46 -55.97
N CYS A 553 33.95 -13.53 -56.78
CA CYS A 553 33.29 -12.24 -57.25
C CYS A 553 33.03 -12.01 -58.77
N ARG A 554 31.83 -11.60 -59.18
CA ARG A 554 30.78 -11.15 -58.30
C ARG A 554 29.68 -12.25 -58.08
N LEU A 555 30.04 -13.39 -57.43
CA LEU A 555 29.12 -14.49 -57.01
C LEU A 555 28.56 -14.25 -55.63
N CYS A 556 29.42 -13.77 -54.73
CA CYS A 556 28.95 -12.94 -53.65
C CYS A 556 27.95 -11.89 -54.20
N TYR A 557 28.38 -11.08 -55.19
CA TYR A 557 27.60 -9.92 -55.64
C TYR A 557 26.21 -10.28 -56.18
N ARG A 558 25.97 -11.55 -56.56
CA ARG A 558 24.62 -12.01 -56.90
C ARG A 558 23.84 -12.50 -55.66
N VAL A 559 24.52 -13.04 -54.65
CA VAL A 559 23.90 -13.23 -53.34
C VAL A 559 23.34 -11.88 -52.85
N LEU A 560 24.18 -10.82 -52.89
CA LEU A 560 23.77 -9.44 -52.54
C LEU A 560 22.63 -8.94 -53.46
N ARG A 561 22.64 -9.34 -54.74
CA ARG A 561 21.51 -9.02 -55.61
C ARG A 561 20.20 -9.76 -55.23
N HIS A 562 20.24 -10.87 -54.44
CA HIS A 562 19.08 -11.63 -53.94
C HIS A 562 18.55 -11.19 -52.56
N SER A 563 19.42 -10.79 -51.62
CA SER A 563 19.02 -10.46 -50.25
C SER A 563 18.63 -8.99 -50.03
N GLN A 564 18.88 -8.07 -50.95
CA GLN A 564 18.33 -6.74 -50.82
C GLN A 564 17.12 -6.52 -51.73
N GLN A 565 16.60 -7.61 -52.33
CA GLN A 565 15.47 -7.54 -53.28
C GLN A 565 14.17 -7.08 -52.57
N ASP A 566 13.65 -5.88 -52.95
CA ASP A 566 12.41 -5.31 -52.39
C ASP A 566 12.50 -5.16 -50.87
N TYR A 567 13.66 -4.90 -50.36
CA TYR A 567 13.92 -4.95 -48.92
C TYR A 567 14.68 -3.67 -48.62
N ARG A 568 13.93 -2.63 -48.28
CA ARG A 568 14.50 -1.30 -48.04
C ARG A 568 15.61 -1.31 -46.98
N LYS A 569 15.31 -1.83 -45.79
CA LYS A 569 16.22 -1.71 -44.65
C LYS A 569 17.58 -2.30 -44.93
N ASN A 570 17.63 -3.40 -45.70
CA ASN A 570 18.87 -4.07 -46.11
C ASN A 570 19.55 -3.35 -47.27
N GLN A 571 18.82 -2.51 -48.01
CA GLN A 571 19.39 -1.71 -49.09
C GLN A 571 20.14 -0.49 -48.59
N GLU A 572 19.65 0.10 -47.51
CA GLU A 572 20.32 1.21 -46.83
C GLU A 572 21.61 0.72 -46.22
N TYR A 573 22.47 0.23 -47.05
CA TYR A 573 23.75 -0.45 -46.81
C TYR A 573 24.66 -0.50 -48.08
N ILE A 574 24.16 -0.61 -49.32
CA ILE A 574 24.97 -0.81 -50.51
C ILE A 574 25.60 0.48 -51.01
N ALA A 575 25.42 1.59 -50.32
CA ALA A 575 26.00 2.87 -50.73
C ALA A 575 27.52 2.69 -50.93
N LYS A 576 28.31 2.70 -49.84
CA LYS A 576 29.76 2.58 -50.01
C LYS A 576 30.06 1.33 -50.80
N GLN A 577 29.23 0.30 -50.61
CA GLN A 577 29.28 -0.94 -51.37
C GLN A 577 28.90 -0.76 -52.83
N PHE A 578 28.02 0.17 -53.14
CA PHE A 578 27.54 0.28 -54.50
C PHE A 578 28.69 0.34 -55.50
N GLY A 579 29.85 1.01 -55.14
CA GLY A 579 31.05 1.27 -55.94
C GLY A 579 32.09 0.16 -56.00
N PHE A 580 31.82 -0.95 -55.33
CA PHE A 580 32.36 -2.25 -55.73
C PHE A 580 31.68 -2.74 -57.01
N MET A 581 30.35 -2.54 -57.13
CA MET A 581 29.65 -3.00 -58.30
C MET A 581 30.46 -2.69 -59.55
N GLN A 582 31.17 -1.54 -59.57
CA GLN A 582 32.05 -1.14 -60.68
C GLN A 582 33.16 -2.13 -60.95
N LYS A 583 34.14 -2.25 -60.06
CA LYS A 583 35.20 -3.20 -60.32
C LYS A 583 34.66 -4.62 -60.31
N GLN A 584 33.61 -4.91 -59.52
CA GLN A 584 32.97 -6.22 -59.53
C GLN A 584 32.18 -6.40 -60.80
N ILE A 585 31.69 -5.29 -61.37
CA ILE A 585 31.11 -5.30 -62.71
C ILE A 585 32.16 -5.67 -63.75
N GLY A 586 33.45 -5.44 -63.44
CA GLY A 586 34.53 -5.85 -64.34
C GLY A 586 34.71 -7.33 -64.34
N TYR A 587 35.75 -7.85 -63.74
CA TYR A 587 35.81 -9.31 -63.45
C TYR A 587 34.52 -10.13 -63.64
N ASP A 588 33.31 -9.58 -63.52
CA ASP A 588 32.05 -10.11 -64.05
C ASP A 588 31.01 -9.00 -63.96
N VAL A 589 30.15 -8.92 -64.96
CA VAL A 589 29.03 -7.99 -65.00
C VAL A 589 27.95 -8.34 -63.94
N LEU A 590 28.29 -9.16 -62.94
CA LEU A 590 27.29 -9.53 -61.94
C LEU A 590 26.85 -8.32 -61.13
N ALA A 591 27.80 -7.45 -60.82
CA ALA A 591 27.52 -6.19 -60.15
C ALA A 591 26.61 -5.30 -60.94
N GLU A 592 26.54 -5.55 -62.24
CA GLU A 592 25.48 -5.01 -63.05
C GLU A 592 24.12 -5.35 -62.43
N ASP A 593 23.81 -6.66 -62.30
CA ASP A 593 22.55 -7.13 -61.70
C ASP A 593 22.07 -6.26 -60.51
N THR A 594 22.97 -6.03 -59.56
CA THR A 594 22.68 -5.19 -58.40
C THR A 594 22.18 -3.77 -58.78
N ILE A 595 23.03 -2.92 -59.42
CA ILE A 595 22.69 -1.49 -59.69
C ILE A 595 21.36 -1.31 -60.43
N THR A 596 20.88 -2.34 -61.18
CA THR A 596 19.58 -2.27 -61.86
C THR A 596 18.44 -2.70 -60.93
N ALA A 597 18.64 -3.82 -60.21
CA ALA A 597 17.88 -4.11 -59.01
C ALA A 597 17.88 -2.75 -58.31
N LEU A 598 19.00 -1.98 -58.43
CA LEU A 598 19.01 -0.57 -58.04
C LEU A 598 18.16 0.28 -58.95
N LEU A 599 18.68 0.49 -60.16
CA LEU A 599 18.16 1.43 -61.13
C LEU A 599 16.66 1.65 -60.94
N HIS A 600 15.87 0.57 -60.93
CA HIS A 600 14.43 0.70 -60.90
C HIS A 600 13.97 1.32 -59.58
N ASN A 601 13.96 0.53 -58.52
CA ASN A 601 13.47 1.00 -57.23
C ASN A 601 14.31 2.17 -56.78
N ASN A 602 15.59 1.93 -56.45
CA ASN A 602 16.59 2.99 -56.40
C ASN A 602 16.52 3.72 -57.72
N ARG A 603 15.40 4.37 -57.93
CA ARG A 603 15.16 5.17 -59.10
C ARG A 603 15.53 6.57 -58.67
N LYS A 604 15.17 7.57 -59.45
CA LYS A 604 15.34 8.97 -59.08
C LYS A 604 16.72 9.25 -58.49
N LEU A 605 17.05 8.62 -57.36
CA LEU A 605 18.32 8.84 -56.67
C LEU A 605 19.46 7.94 -57.11
N LEU A 606 19.21 6.81 -57.76
CA LEU A 606 20.29 6.14 -58.46
C LEU A 606 20.84 7.08 -59.55
N GLU A 607 19.97 7.55 -60.46
CA GLU A 607 20.29 8.40 -61.62
C GLU A 607 21.24 9.62 -61.43
N LYS A 608 21.47 10.07 -60.20
CA LYS A 608 22.29 11.25 -59.97
C LYS A 608 23.75 10.95 -59.69
N HIS A 609 24.09 9.68 -59.41
CA HIS A 609 25.46 9.33 -59.06
C HIS A 609 26.25 8.79 -60.25
N ILE A 610 25.67 7.93 -61.10
CA ILE A 610 26.26 7.61 -62.38
C ILE A 610 26.60 8.89 -63.11
N THR A 611 25.59 9.54 -63.65
CA THR A 611 25.79 10.86 -64.26
C THR A 611 26.81 10.61 -65.37
N ALA A 612 27.69 11.57 -65.64
CA ALA A 612 28.68 11.38 -66.70
C ALA A 612 29.63 10.23 -66.40
N ALA A 613 29.64 9.72 -65.17
CA ALA A 613 30.28 8.45 -64.96
C ALA A 613 29.99 7.51 -66.14
N GLU A 614 28.73 7.51 -66.63
CA GLU A 614 28.25 6.61 -67.69
C GLU A 614 28.95 6.80 -69.04
N ILE A 615 29.25 8.05 -69.42
CA ILE A 615 29.98 8.27 -70.64
C ILE A 615 31.39 7.70 -70.59
N ASP A 616 31.79 7.11 -69.42
CA ASP A 616 33.05 6.37 -69.25
C ASP A 616 32.90 4.91 -68.80
N THR A 617 31.66 4.37 -68.63
CA THR A 617 31.38 2.96 -68.29
C THR A 617 30.57 2.18 -69.35
N PHE A 618 30.02 2.85 -70.38
CA PHE A 618 29.65 2.16 -71.61
C PHE A 618 30.77 2.22 -72.65
N VAL A 619 31.40 3.40 -72.83
CA VAL A 619 32.60 3.52 -73.66
C VAL A 619 33.66 2.53 -73.17
N SER A 620 33.87 2.46 -71.86
CA SER A 620 34.60 1.32 -71.30
C SER A 620 33.87 0.00 -71.57
N LEU A 621 32.59 -0.10 -71.17
CA LEU A 621 31.84 -1.36 -71.28
C LEU A 621 31.64 -1.76 -72.71
N VAL A 622 31.79 -0.81 -73.61
CA VAL A 622 31.85 -1.12 -75.03
C VAL A 622 33.28 -1.52 -75.45
N ARG A 623 34.33 -0.85 -74.92
CA ARG A 623 35.74 -1.12 -75.27
C ARG A 623 36.36 -2.25 -74.49
N LYS A 624 35.64 -2.81 -73.53
CA LYS A 624 36.05 -4.04 -72.84
C LYS A 624 34.97 -5.11 -72.88
N ASN A 625 33.74 -4.82 -72.43
CA ASN A 625 32.63 -5.73 -72.64
C ASN A 625 32.32 -5.73 -74.14
N ARG A 626 33.03 -6.59 -74.89
CA ARG A 626 32.88 -6.59 -76.33
C ARG A 626 31.43 -6.90 -76.71
N GLU A 627 30.83 -7.94 -76.09
CA GLU A 627 29.39 -8.22 -76.20
C GLU A 627 28.61 -7.08 -75.54
N PRO A 628 29.32 -6.30 -74.64
CA PRO A 628 28.79 -5.04 -74.10
C PRO A 628 27.54 -5.19 -73.25
N ARG A 629 27.25 -6.42 -72.79
CA ARG A 629 26.10 -6.67 -71.93
C ARG A 629 25.88 -5.49 -70.99
N PHE A 630 26.93 -5.18 -70.21
CA PHE A 630 26.90 -4.08 -69.27
C PHE A 630 26.28 -2.85 -69.89
N LEU A 631 26.90 -2.37 -70.96
CA LEU A 631 26.35 -1.21 -71.65
C LEU A 631 24.85 -1.38 -71.92
N ASP A 632 24.41 -2.59 -72.30
CA ASP A 632 23.03 -2.83 -72.73
C ASP A 632 22.02 -2.77 -71.58
N TYR A 633 22.07 -3.71 -70.61
CA TYR A 633 21.09 -3.67 -69.51
C TYR A 633 21.17 -2.36 -68.75
N LEU A 634 22.31 -1.65 -68.88
CA LEU A 634 22.31 -0.21 -68.61
C LEU A 634 21.23 0.48 -69.43
N SER A 635 21.31 0.37 -70.76
CA SER A 635 20.32 1.03 -71.60
C SER A 635 18.92 0.66 -71.12
N ASP A 636 18.68 -0.63 -70.91
CA ASP A 636 17.42 -1.17 -70.41
C ASP A 636 17.08 -0.69 -69.02
N LEU A 637 18.02 -0.07 -68.30
CA LEU A 637 17.73 0.41 -66.96
C LEU A 637 17.03 1.79 -66.90
N CYS A 638 17.04 2.61 -67.97
CA CYS A 638 16.51 3.99 -67.92
C CYS A 638 15.02 4.03 -67.54
N VAL A 639 14.68 4.74 -66.46
CA VAL A 639 13.29 4.83 -66.03
C VAL A 639 13.09 6.12 -65.25
N SER A 640 12.06 6.90 -65.65
CA SER A 640 11.65 8.23 -65.16
C SER A 640 12.06 9.41 -66.07
N MET A 641 11.24 10.47 -66.18
CA MET A 641 11.54 11.54 -67.13
C MET A 641 12.96 12.07 -66.91
N ASN A 642 13.33 12.30 -65.66
CA ASN A 642 14.57 12.94 -65.26
C ASN A 642 15.79 12.16 -65.64
N LYS A 643 15.62 10.96 -66.20
CA LYS A 643 16.79 10.24 -66.66
C LYS A 643 17.27 10.72 -68.02
N SER A 644 16.41 11.38 -68.80
CA SER A 644 16.73 11.62 -70.21
C SER A 644 17.99 12.47 -70.42
N ILE A 645 18.42 13.24 -69.42
CA ILE A 645 19.43 14.30 -69.60
C ILE A 645 20.85 13.78 -69.63
N PRO A 646 21.53 13.69 -68.47
CA PRO A 646 22.77 12.95 -68.40
C PRO A 646 22.77 11.89 -69.47
N VAL A 647 21.69 11.12 -69.50
CA VAL A 647 21.46 10.12 -70.54
C VAL A 647 21.91 10.61 -71.92
N THR A 648 21.13 11.51 -72.53
CA THR A 648 21.36 11.83 -73.94
C THR A 648 22.84 12.12 -74.19
N GLN A 649 23.60 12.52 -73.17
CA GLN A 649 25.01 12.86 -73.35
C GLN A 649 25.81 11.67 -73.91
N GLU A 650 25.68 10.49 -73.29
CA GLU A 650 26.40 9.33 -73.82
C GLU A 650 26.13 9.11 -75.31
N LEU A 651 24.90 9.40 -75.77
CA LEU A 651 24.58 9.16 -77.18
C LEU A 651 25.66 9.72 -78.08
N ILE A 652 26.17 10.90 -77.72
CA ILE A 652 27.15 11.59 -78.54
C ILE A 652 28.46 10.83 -78.54
N CYS A 653 28.92 10.40 -77.36
CA CYS A 653 30.08 9.53 -77.32
C CYS A 653 29.91 8.43 -78.35
N LYS A 654 28.66 7.97 -78.53
CA LYS A 654 28.38 6.88 -79.47
C LYS A 654 28.74 7.23 -80.91
N ALA A 655 28.47 8.45 -81.35
CA ALA A 655 28.84 8.83 -82.71
C ALA A 655 30.36 8.97 -82.87
N VAL A 656 31.07 9.25 -81.78
CA VAL A 656 32.53 9.17 -81.78
C VAL A 656 32.99 7.74 -81.53
N LEU A 657 32.12 6.89 -80.97
CA LEU A 657 32.40 5.51 -80.57
C LEU A 657 31.93 4.44 -81.57
N ASN A 658 31.13 4.79 -82.63
CA ASN A 658 30.79 3.83 -83.68
C ASN A 658 32.07 3.31 -84.32
N PRO A 659 32.90 2.53 -83.56
CA PRO A 659 34.09 1.88 -84.12
C PRO A 659 33.94 0.37 -84.11
N THR A 660 32.68 -0.10 -84.17
CA THR A 660 32.29 -1.51 -84.16
C THR A 660 32.98 -2.37 -85.22
N ASN A 661 33.82 -1.76 -86.06
CA ASN A 661 34.65 -2.50 -87.02
C ASN A 661 33.82 -3.39 -87.93
N ALA A 662 32.57 -3.00 -88.19
CA ALA A 662 31.73 -3.74 -89.10
C ALA A 662 30.80 -2.78 -89.81
N ASP A 663 30.14 -3.32 -90.82
CA ASP A 663 29.39 -2.54 -91.78
C ASP A 663 27.92 -2.96 -91.78
N ILE A 664 27.05 -1.99 -92.08
CA ILE A 664 25.60 -2.18 -92.25
C ILE A 664 25.06 -1.18 -93.27
N LEU A 665 24.53 -1.67 -94.39
CA LEU A 665 24.01 -0.79 -95.44
C LEU A 665 23.44 -1.57 -96.63
N ILE A 666 22.89 -0.83 -97.60
CA ILE A 666 22.17 -1.41 -98.75
C ILE A 666 21.46 -0.42 -99.76
N GLU A 667 20.50 0.45 -99.36
CA GLU A 667 19.91 0.61 -98.00
C GLU A 667 18.65 -0.22 -97.64
N THR A 668 18.08 -0.92 -98.63
CA THR A 668 17.06 -1.95 -98.39
C THR A 668 17.54 -3.38 -98.65
N LYS A 669 18.40 -3.60 -99.66
CA LYS A 669 18.90 -4.92 -100.02
C LYS A 669 19.77 -5.57 -98.92
N LEU A 670 21.10 -5.30 -98.87
CA LEU A 670 22.07 -6.07 -98.06
C LEU A 670 21.75 -6.19 -96.56
N VAL A 671 20.97 -5.28 -96.01
CA VAL A 671 20.36 -5.51 -94.72
C VAL A 671 19.47 -6.70 -94.92
N LEU A 672 18.37 -6.51 -95.65
CA LEU A 672 17.46 -7.62 -95.94
C LEU A 672 18.23 -8.94 -96.09
N SER A 673 19.20 -8.96 -96.99
CA SER A 673 20.03 -10.15 -97.16
C SER A 673 20.59 -10.60 -95.82
N ARG A 674 21.09 -9.63 -95.06
CA ARG A 674 21.54 -9.86 -93.70
C ARG A 674 20.48 -10.74 -93.05
N PHE A 675 19.21 -10.38 -93.22
CA PHE A 675 18.13 -11.07 -92.52
C PHE A 675 17.95 -12.51 -93.02
N GLU A 676 17.95 -12.74 -94.33
CA GLU A 676 17.84 -14.12 -94.79
C GLU A 676 18.93 -14.99 -94.21
N PHE A 677 20.06 -14.38 -93.83
CA PHE A 677 21.19 -15.15 -93.31
C PHE A 677 21.12 -15.42 -91.79
N GLU A 678 20.80 -14.45 -90.89
CA GLU A 678 20.66 -14.78 -89.45
C GLU A 678 19.40 -15.60 -89.15
N GLY A 679 18.38 -15.49 -90.03
CA GLY A 679 17.28 -16.41 -90.03
C GLY A 679 17.76 -17.84 -89.84
N VAL A 680 18.85 -18.17 -90.51
CA VAL A 680 19.52 -19.45 -90.30
C VAL A 680 19.72 -19.62 -88.81
N SER A 681 19.16 -20.60 -88.30
CA SER A 681 19.51 -20.83 -86.96
C SER A 681 20.84 -21.26 -86.84
N THR A 682 21.66 -21.23 -87.89
CA THR A 682 23.06 -21.53 -87.76
C THR A 682 23.60 -20.77 -86.58
N GLY A 683 24.81 -21.11 -86.17
CA GLY A 683 25.46 -20.49 -85.03
C GLY A 683 26.38 -19.33 -85.37
N GLU A 684 27.34 -19.06 -84.46
CA GLU A 684 28.35 -18.00 -84.58
C GLU A 684 27.81 -16.74 -85.24
N ASN A 685 27.88 -16.67 -86.56
CA ASN A 685 27.38 -15.49 -87.28
C ASN A 685 25.90 -15.23 -87.03
N ALA A 686 25.00 -16.11 -87.51
CA ALA A 686 23.56 -15.93 -87.33
C ALA A 686 23.22 -15.61 -85.90
N LEU A 687 23.78 -16.41 -85.01
CA LEU A 687 23.71 -16.12 -83.59
C LEU A 687 23.86 -14.61 -83.39
N GLU A 688 25.02 -14.04 -83.72
CA GLU A 688 25.36 -12.65 -83.38
C GLU A 688 24.15 -11.71 -83.48
N ALA A 689 23.44 -11.77 -84.61
CA ALA A 689 22.44 -10.78 -84.97
C ALA A 689 21.50 -10.44 -83.81
N GLY A 690 21.08 -11.44 -83.06
CA GLY A 690 20.15 -11.20 -81.97
C GLY A 690 20.55 -9.99 -81.14
N GLU A 691 21.84 -9.88 -80.81
CA GLU A 691 22.42 -8.84 -79.95
C GLU A 691 22.17 -7.40 -80.44
N ASP A 692 22.71 -7.03 -81.61
CA ASP A 692 22.44 -5.68 -82.12
C ASP A 692 20.95 -5.47 -82.48
N GLU A 693 20.14 -6.55 -82.60
CA GLU A 693 18.69 -6.44 -82.93
C GLU A 693 17.82 -5.98 -81.76
N GLU A 694 17.80 -6.75 -80.66
CA GLU A 694 17.28 -6.20 -79.42
C GLU A 694 17.84 -4.79 -79.16
N GLU A 695 19.20 -4.68 -79.12
CA GLU A 695 19.93 -3.45 -78.79
C GLU A 695 19.39 -2.23 -79.52
N VAL A 696 19.03 -2.43 -80.79
CA VAL A 696 18.41 -1.37 -81.57
C VAL A 696 16.94 -1.15 -81.11
N TRP A 697 16.15 -2.23 -80.99
CA TRP A 697 14.72 -2.08 -80.71
C TRP A 697 14.47 -1.22 -79.48
N LEU A 698 14.89 -1.73 -78.32
CA LEU A 698 14.61 -1.04 -77.08
C LEU A 698 15.07 0.43 -77.17
N PHE A 699 16.40 0.68 -77.07
CA PHE A 699 16.96 2.04 -76.86
C PHE A 699 16.74 3.02 -78.01
N TRP A 700 16.50 2.52 -79.23
CA TRP A 700 16.21 3.42 -80.34
C TRP A 700 14.81 3.95 -80.24
N ARG A 701 13.87 3.11 -79.80
CA ARG A 701 12.54 3.61 -79.53
C ARG A 701 12.52 4.41 -78.26
N ASP A 702 13.36 4.01 -77.29
CA ASP A 702 13.55 4.64 -75.98
C ASP A 702 13.00 6.04 -75.95
N SER A 703 13.31 6.76 -77.01
CA SER A 703 12.76 8.05 -77.25
C SER A 703 11.23 8.01 -77.08
N ASN A 704 10.72 8.62 -75.99
CA ASN A 704 9.29 8.74 -75.72
C ASN A 704 8.81 10.12 -76.19
N LYS A 705 8.50 11.04 -75.25
CA LYS A 705 8.14 12.43 -75.56
C LYS A 705 9.32 13.39 -75.64
N GLU A 706 10.55 12.89 -75.53
CA GLU A 706 11.68 13.69 -75.95
C GLU A 706 11.66 13.75 -77.46
N ILE A 707 10.47 13.59 -78.03
CA ILE A 707 10.39 13.43 -79.46
C ILE A 707 10.60 14.82 -80.04
N ARG A 708 11.56 14.87 -80.98
CA ARG A 708 12.49 15.96 -81.27
C ARG A 708 13.84 15.26 -81.23
N SER A 709 14.39 15.08 -80.02
CA SER A 709 15.61 14.27 -79.91
C SER A 709 15.35 12.88 -80.47
N LYS A 710 14.22 12.28 -80.11
CA LYS A 710 13.76 11.02 -80.70
C LYS A 710 13.32 11.16 -82.14
N SER A 711 12.39 12.04 -82.34
CA SER A 711 11.83 12.24 -83.65
C SER A 711 12.81 12.99 -84.57
N VAL A 712 14.01 13.34 -84.10
CA VAL A 712 15.14 13.79 -84.95
C VAL A 712 16.19 12.69 -85.16
N ARG A 713 16.41 11.86 -84.11
CA ARG A 713 17.34 10.73 -84.23
C ARG A 713 16.75 9.56 -85.02
N GLU A 714 15.43 9.40 -85.06
CA GLU A 714 14.77 8.30 -85.77
C GLU A 714 14.26 8.87 -87.10
N LEU A 715 15.10 8.80 -88.17
CA LEU A 715 14.84 9.32 -89.54
C LEU A 715 13.98 8.32 -90.34
N ALA A 716 14.33 7.99 -91.60
CA ALA A 716 13.50 7.11 -92.45
C ALA A 716 12.54 6.23 -91.69
N GLN A 717 11.28 6.26 -92.08
CA GLN A 717 10.25 5.54 -91.36
C GLN A 717 10.03 4.25 -92.13
N ASP A 718 10.60 3.16 -91.59
CA ASP A 718 10.46 1.83 -92.17
C ASP A 718 10.02 0.82 -91.12
N ALA A 719 9.27 -0.18 -91.57
CA ALA A 719 8.71 -1.14 -90.63
C ALA A 719 8.09 -2.35 -91.33
N LYS A 720 8.58 -2.70 -92.53
CA LYS A 720 7.96 -3.78 -93.32
C LYS A 720 8.03 -5.11 -92.59
N GLU A 721 9.24 -5.54 -92.30
CA GLU A 721 9.48 -6.57 -91.30
C GLU A 721 9.59 -5.83 -89.98
N GLY A 722 8.64 -6.04 -89.08
CA GLY A 722 8.59 -5.31 -87.81
C GLY A 722 9.13 -6.04 -86.58
N GLN A 723 8.84 -7.34 -86.48
CA GLN A 723 9.43 -8.20 -85.44
C GLN A 723 8.94 -7.97 -84.03
N LYS A 724 9.87 -8.07 -83.12
CA LYS A 724 9.46 -8.00 -81.75
C LYS A 724 9.35 -6.53 -81.37
N GLU A 725 8.19 -5.93 -81.63
CA GLU A 725 7.80 -4.76 -80.88
C GLU A 725 8.82 -3.60 -80.98
N ASP A 726 10.02 -3.81 -81.55
CA ASP A 726 11.01 -2.74 -81.68
C ASP A 726 10.33 -1.51 -82.21
N ARG A 727 9.90 -1.65 -83.45
CA ARG A 727 9.13 -0.65 -84.14
C ARG A 727 8.07 0.03 -83.25
N ASP A 728 7.09 -0.69 -82.72
CA ASP A 728 5.98 -0.02 -82.02
C ASP A 728 6.50 1.05 -81.09
N ILE A 729 7.58 0.73 -80.42
CA ILE A 729 8.30 1.63 -79.56
C ILE A 729 8.85 2.84 -80.34
N LEU A 730 9.47 2.57 -81.49
CA LEU A 730 10.14 3.66 -82.23
C LEU A 730 9.14 4.76 -82.61
N SER A 731 8.06 4.38 -83.32
CA SER A 731 7.02 5.37 -83.67
C SER A 731 6.52 6.10 -82.44
N TYR A 732 6.52 5.45 -81.28
CA TYR A 732 6.31 6.28 -80.10
C TYR A 732 7.33 7.43 -80.05
N TYR A 733 8.61 7.10 -80.20
CA TYR A 733 9.68 8.09 -80.21
C TYR A 733 9.39 9.24 -81.15
N ARG A 734 9.04 8.93 -82.37
CA ARG A 734 8.78 9.99 -83.31
C ARG A 734 7.51 10.77 -82.92
N TYR A 735 6.44 10.07 -82.45
CA TYR A 735 5.10 10.65 -82.27
C TYR A 735 5.12 11.76 -81.25
N GLN A 736 5.76 11.50 -80.14
CA GLN A 736 5.85 12.51 -79.11
C GLN A 736 6.23 13.87 -79.67
N LEU A 737 7.01 13.88 -80.74
CA LEU A 737 7.48 15.14 -81.28
C LEU A 737 6.30 15.90 -81.79
N ASN A 738 5.26 15.14 -82.08
CA ASN A 738 4.11 15.54 -82.85
C ASN A 738 2.89 15.28 -81.98
N LEU A 739 2.21 16.34 -81.58
CA LEU A 739 0.83 16.18 -81.18
C LEU A 739 0.72 15.43 -79.88
N PHE A 740 1.01 16.11 -78.80
CA PHE A 740 0.47 15.56 -77.58
C PHE A 740 -1.03 15.70 -77.80
N ALA A 741 -1.70 14.58 -78.15
CA ALA A 741 -3.17 14.53 -78.17
C ALA A 741 -3.73 14.72 -76.74
N ARG A 742 -4.99 15.20 -76.60
CA ARG A 742 -5.58 15.49 -75.27
C ARG A 742 -7.10 15.49 -75.16
N MET A 743 -7.80 16.27 -75.99
CA MET A 743 -9.25 16.36 -75.91
C MET A 743 -9.72 17.15 -74.70
N CYS A 744 -10.44 16.48 -73.82
CA CYS A 744 -11.27 17.16 -72.85
C CYS A 744 -12.22 16.15 -72.16
N LEU A 745 -12.33 14.93 -72.71
CA LEU A 745 -13.52 14.11 -72.58
C LEU A 745 -14.39 14.77 -73.61
N ASP A 746 -15.12 13.96 -74.35
CA ASP A 746 -15.91 14.52 -75.43
C ASP A 746 -16.77 15.68 -74.93
N ARG A 747 -17.61 15.44 -73.93
CA ARG A 747 -18.75 16.33 -73.67
C ARG A 747 -18.90 16.64 -72.19
N GLN A 748 -20.12 17.01 -71.86
CA GLN A 748 -20.57 17.25 -70.50
C GLN A 748 -22.11 17.35 -70.54
N TYR A 749 -22.71 18.10 -69.59
CA TYR A 749 -24.15 18.35 -69.50
C TYR A 749 -24.96 17.08 -69.29
N LEU A 750 -26.28 17.24 -69.06
CA LEU A 750 -27.16 16.11 -68.71
C LEU A 750 -27.15 15.03 -69.76
N ALA A 751 -26.64 15.33 -70.96
CA ALA A 751 -26.75 14.42 -72.08
C ALA A 751 -25.96 13.17 -71.85
N ILE A 752 -24.66 13.35 -71.63
CA ILE A 752 -23.71 12.26 -71.56
C ILE A 752 -24.37 11.13 -70.79
N ASN A 753 -25.02 11.49 -69.67
CA ASN A 753 -25.94 10.64 -68.92
C ASN A 753 -27.06 9.97 -69.73
N GLU A 754 -28.06 10.76 -70.14
CA GLU A 754 -29.21 10.23 -70.85
C GLU A 754 -28.73 9.08 -71.70
N ILE A 755 -27.54 9.25 -72.28
CA ILE A 755 -26.78 8.22 -73.00
C ILE A 755 -26.38 7.06 -72.09
N SER A 756 -25.27 7.25 -71.37
CA SER A 756 -24.68 6.16 -70.62
C SER A 756 -25.77 5.29 -70.05
N GLY A 757 -26.72 5.91 -69.36
CA GLY A 757 -27.94 5.25 -69.04
C GLY A 757 -28.48 4.55 -70.25
N GLN A 758 -28.74 5.29 -71.33
CA GLN A 758 -29.00 4.58 -72.58
C GLN A 758 -27.90 3.55 -72.81
N LEU A 759 -26.61 3.94 -72.64
CA LEU A 759 -25.44 3.04 -72.77
C LEU A 759 -25.41 1.96 -71.72
N ASP A 760 -26.42 1.99 -70.84
CA ASP A 760 -26.75 0.91 -69.93
C ASP A 760 -25.50 0.27 -69.33
N VAL A 761 -25.64 -0.96 -68.83
CA VAL A 761 -24.56 -1.55 -68.05
C VAL A 761 -23.29 -1.43 -68.85
N ASP A 762 -23.35 -1.91 -70.09
CA ASP A 762 -22.18 -2.17 -70.90
C ASP A 762 -20.93 -1.58 -70.24
N LEU A 763 -20.93 -0.24 -70.22
CA LEU A 763 -19.85 0.56 -69.67
C LEU A 763 -19.33 -0.07 -68.37
N ILE A 764 -20.25 -0.63 -67.56
CA ILE A 764 -19.90 -1.30 -66.30
C ILE A 764 -19.19 -2.67 -66.52
N LEU A 765 -19.83 -3.61 -67.24
CA LEU A 765 -19.29 -4.96 -67.45
C LEU A 765 -17.82 -4.95 -67.87
N ARG A 766 -17.46 -4.08 -68.84
CA ARG A 766 -16.04 -3.93 -69.21
C ARG A 766 -15.20 -3.12 -68.20
N CYS A 767 -15.80 -2.18 -67.44
CA CYS A 767 -15.01 -1.42 -66.46
C CYS A 767 -14.40 -2.34 -65.40
N MET A 768 -15.16 -3.34 -64.94
CA MET A 768 -14.68 -4.26 -63.90
C MET A 768 -13.51 -5.14 -64.38
N SER A 769 -13.67 -5.76 -65.56
CA SER A 769 -12.73 -6.77 -66.03
C SER A 769 -11.30 -6.21 -66.14
N ASP A 770 -11.12 -5.09 -66.86
CA ASP A 770 -9.79 -4.45 -66.92
C ASP A 770 -9.46 -3.72 -65.62
N GLU A 771 -10.34 -2.82 -65.17
CA GLU A 771 -10.09 -2.13 -63.90
C GLU A 771 -9.67 -3.14 -62.82
N ASN A 772 -10.47 -4.19 -62.69
CA ASN A 772 -10.18 -5.36 -61.85
C ASN A 772 -9.77 -6.51 -62.79
N LEU A 773 -10.36 -7.69 -62.61
CA LEU A 773 -10.00 -8.86 -63.38
C LEU A 773 -8.59 -8.72 -63.96
N PRO A 774 -7.62 -8.25 -63.18
CA PRO A 774 -6.22 -8.60 -63.48
C PRO A 774 -6.12 -10.11 -63.73
N TYR A 775 -6.73 -10.90 -62.84
CA TYR A 775 -6.99 -12.32 -63.09
C TYR A 775 -7.79 -12.53 -64.38
N ASP A 776 -7.48 -13.62 -65.07
CA ASP A 776 -8.20 -13.98 -66.28
C ASP A 776 -9.70 -14.13 -66.03
N LEU A 777 -10.10 -15.11 -65.22
CA LEU A 777 -11.51 -15.51 -65.13
C LEU A 777 -12.51 -14.32 -65.12
N ARG A 778 -12.30 -13.32 -64.23
CA ARG A 778 -13.28 -12.23 -64.01
C ARG A 778 -13.55 -11.41 -65.25
N ALA A 779 -12.49 -10.94 -65.91
CA ALA A 779 -12.70 -10.32 -67.20
C ALA A 779 -13.30 -11.30 -68.20
N SER A 780 -12.97 -12.59 -68.08
CA SER A 780 -13.47 -13.62 -69.01
C SER A 780 -14.99 -13.61 -69.14
N PHE A 781 -15.68 -13.47 -67.98
CA PHE A 781 -17.15 -13.37 -67.96
C PHE A 781 -17.70 -12.18 -68.79
N CYS A 782 -17.17 -10.96 -68.59
CA CYS A 782 -17.55 -9.83 -69.45
C CYS A 782 -17.24 -10.11 -70.92
N ARG A 783 -16.24 -11.01 -71.21
CA ARG A 783 -15.91 -11.51 -72.57
C ARG A 783 -17.00 -12.39 -73.20
N LEU A 784 -17.69 -13.23 -72.41
CA LEU A 784 -18.95 -13.83 -72.88
C LEU A 784 -20.01 -12.74 -73.21
N MET A 785 -20.15 -11.74 -72.30
CA MET A 785 -21.07 -10.59 -72.44
C MET A 785 -20.86 -9.75 -73.67
N LEU A 786 -19.64 -9.81 -74.20
CA LEU A 786 -19.31 -9.31 -75.53
C LEU A 786 -19.79 -10.29 -76.60
N HIS A 787 -19.14 -11.48 -76.81
CA HIS A 787 -19.46 -12.33 -77.97
C HIS A 787 -20.91 -12.92 -78.03
N MET A 788 -21.88 -12.29 -77.32
CA MET A 788 -23.31 -12.48 -77.67
C MET A 788 -23.98 -11.31 -78.46
N HIS A 789 -23.72 -10.02 -78.11
CA HIS A 789 -24.28 -8.75 -78.65
C HIS A 789 -25.35 -8.75 -79.75
N VAL A 790 -25.28 -9.66 -80.72
CA VAL A 790 -26.38 -9.84 -81.67
C VAL A 790 -26.12 -9.06 -82.95
N ASP A 791 -26.15 -7.72 -82.89
CA ASP A 791 -26.11 -6.88 -84.11
C ASP A 791 -24.89 -7.13 -85.00
N SER A 825 -7.75 15.84 -91.80
CA SER A 825 -6.44 15.98 -92.45
C SER A 825 -5.21 15.45 -91.60
N LYS A 826 -4.79 14.19 -91.85
CA LYS A 826 -3.61 13.54 -91.24
C LYS A 826 -2.41 13.43 -92.19
N ASP A 827 -2.67 13.25 -93.49
CA ASP A 827 -1.66 13.33 -94.53
C ASP A 827 -0.42 12.56 -94.12
N GLU A 828 0.58 13.25 -93.54
CA GLU A 828 1.85 12.61 -93.24
C GLU A 828 1.73 11.64 -92.06
N ILE A 829 0.98 12.01 -91.01
CA ILE A 829 0.64 11.07 -89.93
C ILE A 829 -0.28 9.97 -90.42
N LYS A 830 -0.90 10.17 -91.59
CA LYS A 830 -1.78 9.16 -92.18
C LYS A 830 -1.00 8.04 -92.88
N GLU A 831 0.07 8.41 -93.59
CA GLU A 831 0.73 7.49 -94.51
C GLU A 831 1.40 6.30 -93.84
N ARG A 832 1.65 6.36 -92.53
CA ARG A 832 1.95 5.15 -91.76
C ARG A 832 0.68 4.46 -91.24
N PHE A 833 -0.33 5.25 -90.81
CA PHE A 833 -1.59 4.73 -90.27
C PHE A 833 -2.23 3.64 -91.16
N ALA A 834 -2.31 3.89 -92.48
CA ALA A 834 -2.87 2.86 -93.37
C ALA A 834 -2.11 1.52 -93.30
N GLN A 835 -0.76 1.51 -93.48
CA GLN A 835 0.03 0.25 -93.37
C GLN A 835 -0.38 -0.50 -92.12
N THR A 836 -0.60 0.25 -91.04
CA THR A 836 -1.29 -0.30 -89.88
C THR A 836 -2.55 -1.09 -90.28
N MET A 837 -3.67 -0.39 -90.48
CA MET A 837 -4.98 -1.06 -90.58
C MET A 837 -4.90 -2.32 -91.44
N GLU A 838 -4.09 -2.27 -92.51
CA GLU A 838 -3.90 -3.50 -93.26
C GLU A 838 -3.31 -4.51 -92.31
N PHE A 839 -2.12 -4.23 -91.74
CA PHE A 839 -1.48 -5.17 -90.84
C PHE A 839 -2.43 -5.73 -89.75
N VAL A 840 -3.27 -4.85 -89.19
CA VAL A 840 -4.20 -5.27 -88.15
C VAL A 840 -5.15 -6.33 -88.70
N GLU A 841 -5.79 -5.99 -89.82
CA GLU A 841 -6.57 -7.05 -90.49
C GLU A 841 -5.75 -8.32 -90.47
N GLU A 842 -4.46 -8.22 -90.80
CA GLU A 842 -3.55 -9.35 -90.69
C GLU A 842 -3.75 -10.04 -89.34
N TYR A 843 -3.49 -9.31 -88.26
CA TYR A 843 -3.81 -9.82 -86.94
C TYR A 843 -5.19 -10.47 -86.92
N LEU A 844 -6.04 -10.07 -87.86
CA LEU A 844 -7.32 -10.74 -88.06
C LEU A 844 -7.21 -12.00 -88.96
N ARG A 845 -6.23 -12.06 -89.91
CA ARG A 845 -6.01 -13.21 -90.81
C ARG A 845 -5.13 -14.28 -90.18
N ASP A 846 -4.06 -13.88 -89.50
CA ASP A 846 -3.45 -14.75 -88.49
C ASP A 846 -4.47 -15.12 -87.43
N VAL A 847 -5.37 -14.19 -87.06
CA VAL A 847 -6.51 -14.43 -86.17
C VAL A 847 -7.40 -15.64 -86.56
N VAL A 848 -7.76 -15.77 -87.84
CA VAL A 848 -8.51 -16.93 -88.32
C VAL A 848 -7.81 -18.20 -87.83
N CYS A 849 -6.50 -18.09 -87.51
CA CYS A 849 -5.72 -19.12 -86.79
C CYS A 849 -5.88 -18.98 -85.27
N GLN A 850 -6.63 -19.90 -84.67
CA GLN A 850 -6.88 -19.85 -83.23
C GLN A 850 -5.59 -19.82 -82.39
N ARG A 851 -4.62 -20.68 -82.69
CA ARG A 851 -3.50 -20.93 -81.75
C ARG A 851 -2.66 -19.69 -81.53
N PHE A 852 -2.46 -19.41 -80.30
CA PHE A 852 -1.55 -18.38 -79.95
C PHE A 852 -0.47 -19.19 -79.29
N PRO A 853 -0.18 -20.36 -79.83
CA PRO A 853 0.96 -21.10 -79.30
C PRO A 853 2.24 -20.32 -79.49
N PHE A 854 3.35 -21.00 -79.76
CA PHE A 854 4.64 -20.34 -79.93
C PHE A 854 4.48 -19.00 -80.65
N SER A 855 3.80 -19.00 -81.81
CA SER A 855 3.49 -17.77 -82.53
C SER A 855 3.19 -16.64 -81.57
N ASP A 856 2.30 -16.89 -80.62
CA ASP A 856 1.84 -15.84 -79.74
C ASP A 856 2.94 -15.28 -78.85
N LYS A 857 4.14 -15.89 -78.81
CA LYS A 857 5.26 -15.17 -78.22
C LYS A 857 5.65 -14.04 -79.13
N GLU A 858 6.02 -14.38 -80.36
CA GLU A 858 6.39 -13.37 -81.33
C GLU A 858 5.19 -12.46 -81.57
N LYS A 859 4.19 -12.94 -82.29
CA LYS A 859 2.99 -12.20 -82.62
C LYS A 859 2.40 -11.45 -81.42
N ASN A 860 2.25 -12.11 -80.27
CA ASN A 860 1.56 -11.42 -79.18
C ASN A 860 2.47 -10.46 -78.40
N LYS A 861 3.80 -10.48 -78.67
CA LYS A 861 4.68 -9.36 -78.32
C LYS A 861 4.55 -8.26 -79.36
N LEU A 862 5.09 -8.48 -80.55
CA LEU A 862 5.05 -7.42 -81.56
C LEU A 862 3.71 -6.71 -81.47
N THR A 863 2.64 -7.47 -81.57
CA THR A 863 1.32 -7.27 -81.02
C THR A 863 1.36 -6.38 -79.81
N PHE A 864 1.64 -6.98 -78.66
CA PHE A 864 1.67 -6.23 -77.42
C PHE A 864 2.06 -4.78 -77.77
N GLU A 865 3.30 -4.56 -78.26
CA GLU A 865 3.85 -3.24 -78.62
C GLU A 865 2.97 -2.49 -79.59
N VAL A 866 2.14 -3.26 -80.29
CA VAL A 866 1.05 -2.74 -81.10
C VAL A 866 -0.22 -2.44 -80.26
N VAL A 867 -0.73 -3.41 -79.51
CA VAL A 867 -2.12 -3.39 -79.07
C VAL A 867 -2.43 -2.09 -78.37
N ASN A 868 -1.65 -1.79 -77.32
CA ASN A 868 -1.85 -0.55 -76.58
C ASN A 868 -1.52 0.72 -77.39
N LEU A 869 -0.30 0.80 -78.00
CA LEU A 869 0.13 2.01 -78.73
C LEU A 869 -0.87 2.37 -79.80
N ALA A 870 -1.72 1.41 -80.17
CA ALA A 870 -2.90 1.59 -81.02
C ALA A 870 -4.11 2.14 -80.23
N ARG A 871 -4.39 1.65 -79.01
CA ARG A 871 -5.36 2.36 -78.17
C ARG A 871 -5.22 3.86 -78.21
N ASN A 872 -3.99 4.27 -77.96
CA ASN A 872 -3.69 5.69 -77.92
C ASN A 872 -3.49 6.27 -79.33
N LEU A 873 -3.19 5.42 -80.34
CA LEU A 873 -3.13 5.91 -81.72
C LEU A 873 -4.52 6.21 -82.31
N ILE A 874 -5.58 5.50 -81.89
CA ILE A 874 -6.97 5.93 -82.16
C ILE A 874 -7.45 7.07 -81.25
N TYR A 875 -6.82 7.24 -80.09
CA TYR A 875 -7.15 8.45 -79.33
C TYR A 875 -6.41 9.68 -79.81
N PHE A 876 -5.43 9.55 -80.74
CA PHE A 876 -4.61 10.65 -81.30
C PHE A 876 -4.67 10.85 -82.84
N GLY A 877 -5.30 9.95 -83.64
CA GLY A 877 -5.45 10.00 -85.12
C GLY A 877 -6.75 9.51 -85.82
N PHE A 878 -7.90 9.58 -85.14
CA PHE A 878 -9.19 9.28 -85.77
C PHE A 878 -9.63 10.48 -86.62
N TYR A 879 -10.91 10.54 -86.98
CA TYR A 879 -11.47 11.70 -87.67
C TYR A 879 -12.97 11.69 -87.45
N ASN A 880 -13.55 12.89 -87.27
CA ASN A 880 -14.99 13.07 -87.13
C ASN A 880 -15.62 13.10 -88.53
N PHE A 881 -15.52 11.96 -89.20
CA PHE A 881 -16.29 11.67 -90.39
C PHE A 881 -16.42 10.16 -90.47
N SER A 882 -17.10 9.66 -91.49
CA SER A 882 -17.43 8.23 -91.52
C SER A 882 -16.21 7.32 -91.63
N ASP A 883 -15.00 7.87 -91.64
CA ASP A 883 -13.78 7.08 -91.84
C ASP A 883 -13.26 6.47 -90.54
N LEU A 884 -12.85 7.31 -89.56
CA LEU A 884 -12.32 6.75 -88.31
C LEU A 884 -13.23 5.64 -87.78
N LEU A 885 -14.53 5.91 -87.74
CA LEU A 885 -15.52 4.89 -87.40
C LEU A 885 -15.52 3.70 -88.38
N ARG A 886 -15.84 3.94 -89.65
CA ARG A 886 -15.96 2.81 -90.58
C ARG A 886 -14.76 1.89 -90.46
N LEU A 887 -13.58 2.49 -90.31
CA LEU A 887 -12.43 1.78 -89.77
C LEU A 887 -12.80 1.02 -88.50
N THR A 888 -13.49 1.67 -87.53
CA THR A 888 -14.09 0.92 -86.42
C THR A 888 -14.78 -0.35 -86.87
N LYS A 889 -15.78 -0.21 -87.71
CA LYS A 889 -16.38 -1.37 -88.36
C LYS A 889 -15.33 -2.47 -88.67
N ILE A 890 -14.34 -2.17 -89.53
CA ILE A 890 -13.32 -3.17 -89.88
C ILE A 890 -12.58 -3.71 -88.65
N LEU A 891 -12.29 -2.85 -87.68
CA LEU A 891 -11.69 -3.26 -86.43
C LEU A 891 -12.57 -4.27 -85.69
N LEU A 892 -13.87 -3.96 -85.55
CA LEU A 892 -14.82 -4.98 -85.14
C LEU A 892 -14.38 -6.33 -85.68
N ALA A 893 -14.34 -6.48 -87.01
CA ALA A 893 -13.94 -7.81 -87.47
C ALA A 893 -12.46 -8.15 -87.17
N ILE A 894 -11.64 -7.17 -86.80
CA ILE A 894 -10.26 -7.45 -86.40
C ILE A 894 -10.34 -8.04 -85.01
N LEU A 895 -10.58 -7.19 -84.00
CA LEU A 895 -10.90 -7.49 -82.60
C LEU A 895 -11.73 -8.77 -82.39
N ASP A 896 -12.60 -9.14 -83.35
CA ASP A 896 -13.32 -10.42 -83.33
C ASP A 896 -12.50 -11.56 -83.97
N CYS A 897 -11.73 -11.25 -85.02
CA CYS A 897 -10.81 -12.24 -85.53
C CYS A 897 -9.90 -12.81 -84.44
N VAL A 898 -9.81 -12.17 -83.26
CA VAL A 898 -8.97 -12.59 -82.13
C VAL A 898 -9.68 -12.86 -80.75
N HIS A 899 -10.94 -13.39 -80.70
CA HIS A 899 -11.72 -13.88 -79.46
C HIS A 899 -12.34 -12.86 -78.45
N PRO A 960 -4.16 -23.43 -65.99
CA PRO A 960 -2.90 -23.41 -65.25
C PRO A 960 -1.67 -23.96 -65.99
N GLU A 961 -0.58 -24.19 -65.24
CA GLU A 961 0.66 -24.70 -65.80
C GLU A 961 1.76 -23.62 -65.87
N LYS A 962 2.57 -23.55 -66.95
CA LYS A 962 3.59 -22.52 -67.10
C LYS A 962 2.99 -21.18 -67.47
N GLU A 963 1.65 -21.11 -67.52
CA GLU A 963 0.85 -20.04 -68.09
C GLU A 963 0.33 -19.03 -67.06
N ASP A 964 0.94 -18.99 -65.88
CA ASP A 964 0.91 -17.83 -65.02
C ASP A 964 2.19 -16.96 -65.13
N ILE A 965 3.40 -17.54 -65.26
CA ILE A 965 4.57 -16.76 -65.72
C ILE A 965 4.31 -16.17 -67.10
N MET A 966 3.66 -16.96 -67.98
CA MET A 966 3.14 -16.47 -69.26
C MET A 966 1.90 -15.61 -69.10
N VAL A 967 1.04 -15.89 -68.10
CA VAL A 967 -0.24 -15.19 -67.93
C VAL A 967 -0.14 -13.81 -67.26
N MET A 968 1.02 -13.46 -66.70
CA MET A 968 1.34 -12.06 -66.46
C MET A 968 1.30 -11.33 -67.80
N ASP A 969 1.89 -11.96 -68.81
CA ASP A 969 1.97 -11.42 -70.17
C ASP A 969 0.62 -11.44 -70.90
N THR A 970 -0.11 -12.56 -70.78
CA THR A 970 -1.51 -12.59 -71.21
C THR A 970 -2.31 -11.47 -70.55
N LYS A 971 -2.08 -11.24 -69.25
CA LYS A 971 -2.82 -10.23 -68.50
C LYS A 971 -2.63 -8.85 -69.12
N LEU A 972 -1.37 -8.48 -69.35
CA LEU A 972 -1.07 -7.24 -70.07
C LEU A 972 -1.73 -7.20 -71.46
N LYS A 973 -1.59 -8.25 -72.29
CA LYS A 973 -2.25 -8.26 -73.61
C LYS A 973 -3.73 -7.84 -73.52
N ILE A 974 -4.49 -8.47 -72.60
CA ILE A 974 -5.92 -8.15 -72.40
C ILE A 974 -6.10 -6.71 -71.97
N ILE A 975 -5.08 -6.15 -71.30
CA ILE A 975 -5.07 -4.70 -71.09
C ILE A 975 -4.95 -3.92 -72.41
N GLU A 976 -3.99 -4.25 -73.28
CA GLU A 976 -3.86 -3.47 -74.51
C GLU A 976 -5.15 -3.52 -75.29
N ILE A 977 -5.78 -4.68 -75.26
CA ILE A 977 -7.12 -4.98 -75.75
C ILE A 977 -8.10 -4.00 -75.11
N LEU A 978 -8.55 -4.29 -73.88
CA LEU A 978 -9.57 -3.46 -73.25
C LEU A 978 -9.19 -2.00 -73.15
N GLN A 979 -7.99 -1.62 -73.67
CA GLN A 979 -7.33 -0.32 -73.55
C GLN A 979 -7.51 0.58 -74.77
N PHE A 980 -7.07 0.11 -75.93
CA PHE A 980 -7.64 0.72 -77.10
C PHE A 980 -9.16 0.60 -77.03
N ILE A 981 -9.65 -0.52 -76.49
CA ILE A 981 -11.10 -0.79 -76.42
C ILE A 981 -11.86 0.26 -75.61
N LEU A 982 -11.33 0.65 -74.47
CA LEU A 982 -12.08 1.66 -73.70
C LEU A 982 -11.73 3.11 -74.13
N ASN A 983 -10.48 3.41 -74.53
CA ASN A 983 -10.16 4.78 -74.96
C ASN A 983 -11.02 5.17 -76.15
N VAL A 984 -11.33 4.17 -76.97
CA VAL A 984 -12.37 4.20 -77.99
C VAL A 984 -13.75 4.12 -77.38
N ARG A 985 -14.09 2.90 -76.95
CA ARG A 985 -15.44 2.48 -76.61
C ARG A 985 -16.07 3.34 -75.53
N LEU A 986 -15.27 3.75 -74.54
CA LEU A 986 -15.78 4.61 -73.48
C LEU A 986 -15.89 6.06 -73.93
N ASP A 987 -14.76 6.67 -74.36
CA ASP A 987 -14.58 8.14 -74.45
C ASP A 987 -14.52 8.72 -75.86
N TYR A 988 -13.91 8.03 -76.82
CA TYR A 988 -14.16 8.37 -78.21
C TYR A 988 -15.62 8.05 -78.62
N ARG A 989 -16.15 6.91 -78.13
CA ARG A 989 -17.33 6.19 -78.66
C ARG A 989 -18.71 6.89 -78.51
N ILE A 990 -19.40 7.06 -79.66
CA ILE A 990 -20.83 7.32 -79.79
C ILE A 990 -21.07 8.80 -80.01
N SER A 991 -20.10 9.47 -80.63
CA SER A 991 -20.04 10.92 -80.58
C SER A 991 -21.03 11.59 -81.53
N CYS A 992 -21.58 10.89 -82.53
CA CYS A 992 -22.34 11.56 -83.59
C CYS A 992 -23.84 11.46 -83.44
N LEU A 993 -24.34 10.26 -83.16
CA LEU A 993 -25.76 10.07 -83.00
C LEU A 993 -26.22 11.29 -82.23
N LEU A 994 -25.38 11.74 -81.30
CA LEU A 994 -25.55 13.01 -80.56
C LEU A 994 -25.93 14.16 -81.50
N CYS A 995 -24.96 14.86 -82.11
CA CYS A 995 -25.28 16.04 -82.90
C CYS A 995 -26.24 15.73 -84.04
N ILE A 996 -26.43 14.44 -84.34
CA ILE A 996 -27.40 13.99 -85.32
C ILE A 996 -28.82 14.43 -84.94
N PHE A 997 -29.20 14.23 -83.67
CA PHE A 997 -30.59 14.35 -83.24
C PHE A 997 -31.06 15.77 -83.13
N LYS A 998 -30.29 16.73 -83.57
CA LYS A 998 -30.84 18.06 -83.71
C LYS A 998 -32.08 17.95 -84.61
N ARG A 999 -33.24 18.39 -84.09
CA ARG A 999 -34.49 18.77 -84.81
C ARG A 999 -35.06 20.03 -84.16
N GLU A 1000 -36.37 20.20 -84.26
CA GLU A 1000 -36.93 21.24 -83.42
C GLU A 1000 -37.31 20.66 -82.06
N PHE A 1001 -37.70 21.55 -81.18
CA PHE A 1001 -38.49 21.21 -80.00
C PHE A 1001 -39.27 22.49 -79.68
N ASP A 1002 -40.53 22.51 -80.08
CA ASP A 1002 -41.35 23.70 -79.98
C ASP A 1002 -41.11 24.73 -81.11
N GLU A 1003 -39.87 25.22 -81.35
CA GLU A 1003 -39.64 26.48 -82.12
C GLU A 1003 -39.18 26.25 -83.56
N SER A 1004 -40.09 25.72 -84.38
CA SER A 1004 -39.83 25.56 -85.80
C SER A 1004 -38.74 24.52 -86.07
N ASN A 1005 -38.94 23.65 -87.06
CA ASN A 1005 -38.04 22.51 -87.29
C ASN A 1005 -36.62 22.98 -87.31
N SER A 1006 -35.81 22.35 -86.49
CA SER A 1006 -34.49 22.86 -86.29
C SER A 1006 -33.53 21.67 -86.26
N GLN A 1007 -33.50 20.87 -87.34
CA GLN A 1007 -32.65 19.68 -87.36
C GLN A 1007 -31.21 19.97 -87.83
N SER A 1008 -30.27 19.05 -87.47
CA SER A 1008 -28.83 19.29 -87.65
C SER A 1008 -28.26 18.90 -89.03
N SER A 1009 -28.94 19.21 -90.12
CA SER A 1009 -28.47 18.90 -91.47
C SER A 1009 -28.21 17.43 -91.67
N GLY A 1026 -21.60 30.68 -74.69
CA GLY A 1026 -20.83 31.68 -73.98
C GLY A 1026 -20.32 32.71 -74.95
N ALA A 1027 -21.20 33.33 -75.75
CA ALA A 1027 -20.78 34.41 -76.62
C ALA A 1027 -19.79 33.88 -77.63
N LEU A 1028 -18.78 34.70 -77.95
CA LEU A 1028 -17.72 34.28 -78.85
C LEU A 1028 -16.85 33.13 -78.31
N ASP A 1029 -17.46 31.98 -77.96
CA ASP A 1029 -16.73 30.80 -77.46
C ASP A 1029 -15.42 30.57 -78.22
N PHE A 1030 -15.48 30.69 -79.54
CA PHE A 1030 -14.30 30.69 -80.39
C PHE A 1030 -13.12 31.45 -79.78
N GLU A 1031 -13.27 32.78 -79.66
CA GLU A 1031 -12.15 33.62 -79.29
C GLU A 1031 -11.40 33.08 -78.08
N HIS A 1032 -12.10 32.65 -77.06
CA HIS A 1032 -11.44 32.07 -75.89
C HIS A 1032 -10.88 30.66 -76.16
N ILE A 1033 -11.35 29.93 -77.20
CA ILE A 1033 -10.82 28.58 -77.55
C ILE A 1033 -9.70 28.61 -78.60
N GLU A 1034 -9.40 29.79 -79.10
CA GLU A 1034 -8.32 30.05 -80.04
C GLU A 1034 -7.24 31.01 -79.49
N GLU A 1035 -7.54 31.80 -78.45
CA GLU A 1035 -6.51 32.06 -77.42
C GLU A 1035 -6.18 30.79 -76.64
N GLN A 1036 -7.17 29.88 -76.47
CA GLN A 1036 -7.01 28.55 -75.84
C GLN A 1036 -6.39 27.52 -76.77
N ALA A 1037 -6.50 27.77 -78.09
CA ALA A 1037 -5.61 27.13 -79.06
C ALA A 1037 -4.24 27.80 -79.05
N GLU A 1038 -4.18 29.14 -78.96
CA GLU A 1038 -2.94 29.84 -78.61
C GLU A 1038 -2.30 29.18 -77.44
N GLY A 1039 -3.18 28.51 -76.68
CA GLY A 1039 -2.93 27.54 -75.64
C GLY A 1039 -2.34 26.22 -76.08
N ILE A 1040 -3.06 25.37 -76.83
CA ILE A 1040 -2.38 24.15 -77.30
C ILE A 1040 -1.00 24.46 -77.88
N PHE A 1041 -0.90 25.50 -78.75
CA PHE A 1041 0.38 26.05 -79.25
C PHE A 1041 1.32 26.46 -78.15
N GLY A 1042 0.77 27.06 -77.10
CA GLY A 1042 1.47 27.13 -75.85
C GLY A 1042 2.05 25.77 -75.46
N GLY A 1043 1.19 24.72 -75.44
CA GLY A 1043 1.51 23.37 -75.01
C GLY A 1043 2.52 22.65 -75.90
N SER A 1044 2.80 23.23 -77.09
CA SER A 1044 3.86 22.72 -77.95
C SER A 1044 5.25 23.34 -77.67
N GLU A 1045 5.35 24.54 -77.02
CA GLU A 1045 6.57 25.34 -76.81
C GLU A 1045 7.34 24.92 -75.57
N GLU A 1046 8.57 25.42 -75.48
CA GLU A 1046 9.52 24.97 -74.48
C GLU A 1046 10.45 26.12 -74.12
N ASN A 1047 11.32 25.84 -73.14
CA ASN A 1047 12.16 26.84 -72.51
C ASN A 1047 13.36 27.25 -73.36
N THR A 1048 13.96 26.31 -74.11
CA THR A 1048 15.09 26.71 -74.94
C THR A 1048 14.67 27.83 -75.87
N PRO A 1049 13.36 27.92 -76.26
CA PRO A 1049 12.87 28.93 -77.21
C PRO A 1049 12.82 30.38 -76.71
N LEU A 1050 13.91 30.84 -76.06
CA LEU A 1050 14.04 32.17 -75.44
C LEU A 1050 13.33 33.25 -76.23
N ASP A 1051 13.48 33.21 -77.56
CA ASP A 1051 12.76 34.17 -78.38
C ASP A 1051 11.26 34.07 -78.14
N LEU A 1052 10.67 32.91 -78.46
CA LEU A 1052 9.23 32.69 -78.36
C LEU A 1052 8.75 32.35 -76.96
N ASP A 1053 9.69 32.27 -76.02
CA ASP A 1053 9.45 31.76 -74.68
C ASP A 1053 8.73 32.83 -73.84
N ASP A 1054 9.39 33.97 -73.55
CA ASP A 1054 8.90 35.07 -72.72
C ASP A 1054 8.07 36.13 -73.47
N HIS A 1055 8.52 36.59 -74.65
CA HIS A 1055 7.93 37.78 -75.25
C HIS A 1055 6.54 37.50 -75.79
N GLY A 1056 6.36 36.42 -76.56
CA GLY A 1056 5.10 36.20 -77.23
C GLY A 1056 3.93 35.75 -76.37
N GLY A 1057 3.94 34.50 -75.88
CA GLY A 1057 2.84 34.00 -75.08
C GLY A 1057 2.27 34.99 -74.07
N ARG A 1058 3.08 35.55 -73.16
CA ARG A 1058 2.58 36.48 -72.12
C ARG A 1058 1.64 35.92 -71.08
N THR A 1059 1.03 36.81 -70.31
CA THR A 1059 0.01 36.31 -69.45
C THR A 1059 -1.32 36.38 -70.19
N PHE A 1060 -1.69 35.31 -70.92
CA PHE A 1060 -3.07 35.16 -71.41
C PHE A 1060 -4.08 35.03 -70.27
N LEU A 1061 -3.58 34.77 -69.06
CA LEU A 1061 -4.36 34.56 -67.85
C LEU A 1061 -5.51 35.54 -67.63
N ARG A 1062 -5.36 36.78 -68.10
CA ARG A 1062 -6.42 37.77 -67.99
C ARG A 1062 -7.74 37.22 -68.54
N VAL A 1063 -7.77 36.74 -69.80
CA VAL A 1063 -8.95 36.09 -70.40
C VAL A 1063 -9.60 35.10 -69.42
N LEU A 1064 -8.78 34.20 -68.85
CA LEU A 1064 -9.23 33.27 -67.82
C LEU A 1064 -9.84 33.98 -66.61
N LEU A 1065 -9.03 34.77 -65.91
CA LEU A 1065 -9.53 35.56 -64.79
C LEU A 1065 -10.86 36.23 -65.14
N HIS A 1066 -11.00 36.72 -66.39
CA HIS A 1066 -12.17 37.51 -66.78
C HIS A 1066 -13.36 36.64 -67.11
N LEU A 1067 -13.12 35.43 -67.61
CA LEU A 1067 -14.18 34.49 -67.92
C LEU A 1067 -14.29 33.44 -66.84
N THR A 1068 -13.69 33.70 -65.67
CA THR A 1068 -13.82 32.80 -64.52
C THR A 1068 -15.26 32.76 -64.01
N MET A 1069 -15.99 33.86 -64.12
CA MET A 1069 -17.39 33.82 -63.70
C MET A 1069 -18.30 33.01 -64.64
N HIS A 1070 -17.92 32.79 -65.90
CA HIS A 1070 -18.83 32.25 -66.92
C HIS A 1070 -18.87 30.71 -66.91
N ASP A 1071 -19.89 30.12 -67.57
CA ASP A 1071 -20.19 28.68 -67.44
C ASP A 1071 -19.06 27.80 -68.00
N TYR A 1072 -18.89 26.58 -67.42
CA TYR A 1072 -17.68 25.74 -67.65
C TYR A 1072 -17.63 25.12 -69.05
N PRO A 1073 -16.63 25.46 -69.86
CA PRO A 1073 -16.59 24.95 -71.24
C PRO A 1073 -16.47 23.45 -71.27
N PRO A 1074 -16.59 22.82 -72.45
CA PRO A 1074 -16.42 21.37 -72.55
C PRO A 1074 -14.96 21.04 -72.75
N LEU A 1075 -14.26 21.79 -73.61
CA LEU A 1075 -12.83 21.61 -73.78
C LEU A 1075 -12.09 22.08 -72.57
N VAL A 1076 -12.74 21.91 -71.40
CA VAL A 1076 -12.14 22.18 -70.10
C VAL A 1076 -11.12 21.09 -69.73
N SER A 1077 -11.37 19.83 -70.10
CA SER A 1077 -10.31 18.86 -69.83
C SER A 1077 -9.16 19.12 -70.79
N GLY A 1078 -9.47 19.76 -71.92
CA GLY A 1078 -8.43 20.26 -72.81
C GLY A 1078 -7.65 21.43 -72.26
N ALA A 1079 -8.32 22.29 -71.45
CA ALA A 1079 -7.61 23.22 -70.57
C ALA A 1079 -6.54 22.46 -69.79
N LEU A 1080 -6.96 21.49 -68.96
CA LEU A 1080 -6.05 20.73 -68.12
C LEU A 1080 -4.82 20.31 -68.94
N GLN A 1081 -4.94 20.27 -70.30
CA GLN A 1081 -3.77 20.07 -71.17
C GLN A 1081 -2.63 20.97 -70.73
N LEU A 1082 -2.77 22.28 -70.98
CA LEU A 1082 -1.86 23.28 -70.43
C LEU A 1082 -1.39 22.95 -69.01
N LEU A 1083 -2.33 22.78 -68.07
CA LEU A 1083 -2.02 22.52 -66.68
C LEU A 1083 -0.93 21.45 -66.58
N PHE A 1084 -1.21 20.21 -67.02
CA PHE A 1084 -0.30 19.10 -66.75
C PHE A 1084 1.19 19.48 -66.92
N ARG A 1085 1.54 20.17 -68.02
CA ARG A 1085 2.95 20.40 -68.38
C ARG A 1085 3.78 20.98 -67.23
N HIS A 1086 3.25 21.94 -66.45
CA HIS A 1086 4.05 22.65 -65.44
C HIS A 1086 4.49 21.79 -64.26
N PHE A 1087 3.96 20.58 -64.18
CA PHE A 1087 4.36 19.66 -63.13
C PHE A 1087 5.88 19.38 -63.16
N SER A 1088 6.56 19.54 -64.29
CA SER A 1088 8.03 19.41 -64.28
C SER A 1088 8.67 20.34 -63.26
N GLN A 1089 8.54 21.68 -63.44
CA GLN A 1089 9.29 22.62 -62.60
C GLN A 1089 8.78 24.04 -62.69
N ARG A 1090 9.41 24.90 -61.89
CA ARG A 1090 9.05 26.30 -61.82
C ARG A 1090 10.13 27.06 -61.03
N GLN A 1091 11.20 27.43 -61.74
CA GLN A 1091 12.13 28.45 -61.26
C GLN A 1091 11.68 29.84 -61.72
N GLU A 1092 11.51 30.04 -63.04
CA GLU A 1092 11.14 31.34 -63.59
C GLU A 1092 9.97 31.95 -62.84
N VAL A 1093 10.12 33.19 -62.37
CA VAL A 1093 8.98 33.78 -61.66
C VAL A 1093 7.76 33.75 -62.56
N LEU A 1094 7.98 33.74 -63.87
CA LEU A 1094 6.91 33.91 -64.83
C LEU A 1094 5.71 33.02 -64.52
N GLN A 1095 5.94 31.74 -64.16
CA GLN A 1095 4.83 30.76 -64.06
C GLN A 1095 3.52 31.37 -63.55
N ALA A 1096 3.56 31.93 -62.32
CA ALA A 1096 2.37 32.44 -61.61
C ALA A 1096 1.39 33.23 -62.47
N PHE A 1097 1.81 34.35 -63.08
CA PHE A 1097 0.76 35.17 -63.70
C PHE A 1097 -0.06 34.27 -64.62
N LYS A 1098 0.61 33.49 -65.48
CA LYS A 1098 -0.09 32.51 -66.34
C LYS A 1098 -0.78 31.45 -65.53
N GLN A 1099 0.03 30.72 -64.74
CA GLN A 1099 -0.48 29.72 -63.84
C GLN A 1099 -1.72 30.37 -63.18
N VAL A 1100 -1.71 31.71 -62.95
CA VAL A 1100 -2.75 32.38 -62.13
C VAL A 1100 -4.14 32.32 -62.79
N GLN A 1101 -4.20 32.42 -64.12
CA GLN A 1101 -5.47 32.22 -64.81
C GLN A 1101 -6.21 30.97 -64.35
N LEU A 1102 -5.47 29.85 -64.26
CA LEU A 1102 -6.05 28.58 -63.83
C LEU A 1102 -6.84 28.76 -62.54
N LEU A 1103 -6.21 29.31 -61.49
CA LEU A 1103 -6.89 29.70 -60.25
C LEU A 1103 -8.25 30.32 -60.57
N VAL A 1104 -8.30 31.19 -61.56
CA VAL A 1104 -9.57 31.71 -62.02
C VAL A 1104 -10.38 30.50 -62.43
N THR A 1105 -11.20 30.01 -61.50
CA THR A 1105 -12.07 28.87 -61.73
C THR A 1105 -13.38 29.14 -60.97
N SER A 1106 -14.52 28.58 -61.49
CA SER A 1106 -15.86 28.71 -60.89
C SER A 1106 -16.74 27.48 -61.17
N GLN A 1107 -16.16 26.33 -61.55
CA GLN A 1107 -16.84 25.03 -61.58
C GLN A 1107 -15.98 24.09 -60.74
N ASP A 1108 -15.96 24.31 -59.42
CA ASP A 1108 -15.15 23.63 -58.41
C ASP A 1108 -15.38 22.11 -58.36
N VAL A 1109 -16.43 21.65 -57.64
CA VAL A 1109 -16.72 20.22 -57.45
C VAL A 1109 -16.22 19.30 -58.58
N ASP A 1110 -16.87 19.43 -59.75
CA ASP A 1110 -16.55 18.63 -60.93
C ASP A 1110 -15.05 18.55 -61.21
N ASN A 1111 -14.40 19.71 -61.33
CA ASN A 1111 -12.95 19.76 -61.56
C ASN A 1111 -12.21 19.00 -60.47
N TYR A 1112 -12.23 19.52 -59.24
CA TYR A 1112 -11.37 18.99 -58.17
C TYR A 1112 -11.43 17.47 -58.12
N LYS A 1113 -12.57 16.90 -58.54
CA LYS A 1113 -12.59 15.47 -58.89
C LYS A 1113 -11.49 15.11 -59.92
N GLN A 1114 -11.43 15.84 -61.04
CA GLN A 1114 -10.33 15.69 -62.01
C GLN A 1114 -8.98 16.20 -61.51
N ILE A 1115 -8.97 17.07 -60.47
CA ILE A 1115 -7.76 17.69 -59.93
C ILE A 1115 -7.02 16.75 -58.99
N LYS A 1116 -7.72 16.02 -58.12
CA LYS A 1116 -7.06 14.89 -57.47
C LYS A 1116 -6.32 13.94 -58.45
N GLN A 1117 -6.52 13.98 -59.78
CA GLN A 1117 -5.58 13.33 -60.70
C GLN A 1117 -4.11 13.34 -60.20
N ASP A 1118 -3.57 14.51 -59.86
CA ASP A 1118 -2.23 14.68 -59.22
C ASP A 1118 -2.17 14.26 -57.67
N LEU A 1119 -3.14 13.60 -57.02
CA LEU A 1119 -3.14 13.49 -55.51
C LEU A 1119 -1.79 13.03 -54.88
N ASP A 1120 -1.09 12.09 -55.54
CA ASP A 1120 0.22 11.59 -55.07
C ASP A 1120 1.36 12.55 -55.46
N GLN A 1121 1.40 13.00 -56.73
CA GLN A 1121 2.22 14.16 -57.09
C GLN A 1121 1.97 15.38 -56.18
N LEU A 1122 0.80 16.04 -56.28
CA LEU A 1122 0.39 17.20 -55.47
C LEU A 1122 0.54 16.97 -53.97
N ARG A 1123 0.54 15.70 -53.53
CA ARG A 1123 1.14 15.37 -52.24
C ARG A 1123 2.68 15.59 -52.25
N SER A 1124 3.38 15.28 -53.36
CA SER A 1124 4.79 15.74 -53.51
C SER A 1124 4.90 17.28 -53.61
N ILE A 1125 3.81 17.95 -54.08
CA ILE A 1125 3.70 19.41 -54.16
C ILE A 1125 3.52 20.03 -52.77
N VAL A 1126 2.88 19.32 -51.85
CA VAL A 1126 2.82 19.77 -50.44
C VAL A 1126 4.04 19.35 -49.61
N GLU A 1127 4.84 18.36 -50.07
CA GLU A 1127 6.03 17.88 -49.36
C GLU A 1127 7.31 18.60 -49.78
N LYS A 1128 7.43 18.93 -51.07
CA LYS A 1128 8.41 19.93 -51.51
C LYS A 1128 7.91 21.36 -51.26
N SER A 1129 6.68 21.71 -51.71
CA SER A 1129 6.06 23.00 -51.35
C SER A 1129 6.07 23.25 -49.84
N GLU A 1130 6.11 22.16 -49.02
CA GLU A 1130 6.20 22.16 -47.55
C GLU A 1130 7.63 22.16 -46.94
N LEU A 1131 8.61 21.45 -47.50
CA LEU A 1131 9.99 21.66 -47.05
C LEU A 1131 10.50 23.08 -47.29
N TRP A 1132 9.76 23.92 -48.11
CA TRP A 1132 9.99 25.37 -48.33
C TRP A 1132 8.64 26.14 -48.35
N VAL A 1133 8.06 26.33 -47.16
CA VAL A 1133 6.92 27.21 -46.92
C VAL A 1133 6.52 27.16 -45.46
N TYR A 1134 5.33 27.71 -45.18
CA TYR A 1134 4.76 27.68 -43.86
C TYR A 1134 3.59 28.67 -43.73
N VAL A 1176 9.00 31.09 -58.02
CA VAL A 1176 9.31 29.90 -57.24
C VAL A 1176 8.38 29.77 -56.03
N LYS A 1177 7.65 30.84 -55.73
CA LYS A 1177 6.65 30.80 -54.67
C LYS A 1177 5.33 30.19 -55.13
N GLU A 1178 5.19 29.88 -56.41
CA GLU A 1178 3.91 29.47 -56.97
C GLU A 1178 3.52 28.04 -56.62
N ILE A 1179 4.41 27.24 -56.04
CA ILE A 1179 4.14 25.81 -55.81
C ILE A 1179 3.59 25.52 -54.40
N LEU A 1180 3.87 26.39 -53.42
CA LEU A 1180 3.21 26.40 -52.09
C LEU A 1180 1.92 27.24 -52.04
N ILE A 1181 1.84 28.39 -52.75
CA ILE A 1181 0.60 29.17 -52.83
C ILE A 1181 -0.39 28.52 -53.83
N ARG A 1182 0.14 27.76 -54.82
CA ARG A 1182 -0.67 26.93 -55.72
C ARG A 1182 -1.04 25.53 -55.11
N LEU A 1183 -0.14 24.82 -54.40
CA LEU A 1183 -0.60 23.59 -53.74
C LEU A 1183 -1.61 23.88 -52.59
N SER A 1184 -1.57 25.12 -52.02
CA SER A 1184 -2.60 25.61 -51.09
C SER A 1184 -3.94 25.93 -51.76
N LYS A 1185 -3.92 26.74 -52.83
CA LYS A 1185 -5.15 26.97 -53.59
C LYS A 1185 -5.83 25.64 -53.99
N LEU A 1186 -5.08 24.71 -54.62
CA LEU A 1186 -5.56 23.33 -54.88
C LEU A 1186 -6.19 22.68 -53.65
N CYS A 1187 -5.66 23.01 -52.46
CA CYS A 1187 -6.09 22.44 -51.18
C CYS A 1187 -7.42 23.05 -50.66
N VAL A 1188 -7.54 24.38 -50.69
CA VAL A 1188 -8.80 25.00 -50.28
C VAL A 1188 -9.91 24.58 -51.26
N GLN A 1189 -9.55 24.40 -52.56
CA GLN A 1189 -10.43 23.75 -53.55
C GLN A 1189 -10.88 22.30 -53.20
N GLU A 1190 -9.96 21.31 -53.06
CA GLU A 1190 -10.43 20.00 -52.55
C GLU A 1190 -10.83 20.05 -51.06
N SER A 1191 -11.02 21.28 -50.55
CA SER A 1191 -11.39 21.66 -49.20
C SER A 1191 -12.74 22.44 -49.04
N ALA A 1192 -13.28 23.13 -50.07
CA ALA A 1192 -14.59 23.91 -50.03
C ALA A 1192 -15.63 23.34 -51.01
N SER A 1193 -15.99 22.09 -50.73
CA SER A 1193 -16.66 21.23 -51.68
C SER A 1193 -17.43 20.19 -50.86
N VAL A 1194 -17.52 18.96 -51.41
CA VAL A 1194 -18.42 17.94 -50.90
C VAL A 1194 -17.86 17.28 -49.63
N ARG A 1195 -18.77 16.83 -48.76
CA ARG A 1195 -18.38 15.91 -47.71
C ARG A 1195 -17.60 14.70 -48.29
N LYS A 1196 -17.99 14.20 -49.50
CA LYS A 1196 -17.25 13.12 -50.21
C LYS A 1196 -15.81 13.51 -50.66
N SER A 1197 -15.55 14.79 -50.99
CA SER A 1197 -14.19 15.27 -51.21
C SER A 1197 -13.34 15.25 -49.92
N ARG A 1198 -13.97 15.64 -48.80
CA ARG A 1198 -13.45 15.38 -47.47
C ARG A 1198 -13.02 13.90 -47.22
N LYS A 1199 -13.94 12.91 -47.30
CA LYS A 1199 -13.56 11.50 -47.11
C LYS A 1199 -12.54 11.03 -48.14
N GLN A 1200 -12.52 11.68 -49.31
CA GLN A 1200 -11.71 11.29 -50.47
C GLN A 1200 -10.26 11.65 -50.28
N GLN A 1201 -10.00 12.77 -49.60
CA GLN A 1201 -8.66 13.03 -49.14
C GLN A 1201 -8.09 11.65 -48.86
N GLN A 1202 -8.92 10.77 -48.27
CA GLN A 1202 -8.61 9.37 -48.00
C GLN A 1202 -7.09 9.31 -47.91
N ARG A 1203 -6.56 9.89 -46.81
CA ARG A 1203 -5.16 10.31 -46.67
C ARG A 1203 -4.36 9.44 -45.72
N LEU A 1204 -4.65 8.16 -45.72
CA LEU A 1204 -3.60 7.19 -45.48
C LEU A 1204 -2.58 7.17 -46.62
N LEU A 1205 -2.87 7.82 -47.76
CA LEU A 1205 -1.96 7.97 -48.93
C LEU A 1205 -1.97 9.38 -49.61
N ARG A 1206 -1.43 10.41 -48.94
CA ARG A 1206 -0.73 10.29 -47.66
C ARG A 1206 -0.89 11.49 -46.67
N ASN A 1207 -1.99 11.48 -45.88
CA ASN A 1207 -2.19 12.42 -44.75
C ASN A 1207 -1.06 12.31 -43.75
N MET A 1208 -1.13 11.30 -42.90
CA MET A 1208 -0.15 11.12 -41.84
C MET A 1208 1.26 11.52 -42.31
N GLY A 1209 1.52 11.42 -43.62
CA GLY A 1209 2.77 11.86 -44.26
C GLY A 1209 2.84 13.31 -44.73
N ALA A 1210 1.67 13.94 -45.00
CA ALA A 1210 1.63 15.39 -45.27
C ALA A 1210 1.43 16.28 -44.02
N HIS A 1211 0.85 15.73 -42.92
CA HIS A 1211 0.85 16.36 -41.58
C HIS A 1211 2.15 16.12 -40.77
N ALA A 1212 2.74 14.90 -40.85
CA ALA A 1212 4.04 14.63 -40.21
C ALA A 1212 5.22 15.30 -40.93
N VAL A 1213 5.19 15.39 -42.28
CA VAL A 1213 6.24 16.05 -43.11
C VAL A 1213 6.00 17.55 -43.41
N VAL A 1214 4.74 17.98 -43.56
CA VAL A 1214 4.48 19.40 -43.61
C VAL A 1214 4.78 20.03 -42.26
N LEU A 1215 4.35 19.38 -41.14
CA LEU A 1215 4.80 19.79 -39.80
C LEU A 1215 6.30 19.79 -39.69
N GLU A 1216 6.88 18.60 -39.88
CA GLU A 1216 8.28 18.36 -39.61
C GLU A 1216 9.11 19.60 -39.98
N LEU A 1217 8.91 20.15 -41.19
CA LEU A 1217 9.57 21.38 -41.57
C LEU A 1217 8.80 22.58 -41.07
N LEU A 1218 7.48 22.41 -41.02
CA LEU A 1218 6.40 23.38 -40.88
C LEU A 1218 5.94 23.60 -39.43
N GLN A 1219 6.40 22.79 -38.48
CA GLN A 1219 6.23 23.13 -37.07
C GLN A 1219 7.23 24.20 -36.63
N ILE A 1220 8.53 23.92 -36.78
CA ILE A 1220 9.65 24.80 -36.46
C ILE A 1220 9.60 26.14 -37.20
N PRO A 1221 8.89 26.27 -38.38
CA PRO A 1221 8.66 27.61 -38.98
C PRO A 1221 7.23 28.18 -38.85
N TYR A 1222 7.10 29.46 -38.52
CA TYR A 1222 5.80 30.09 -38.38
C TYR A 1222 5.92 31.53 -38.87
N GLU A 1223 4.97 31.98 -39.69
CA GLU A 1223 5.06 33.24 -40.40
C GLU A 1223 4.23 34.30 -39.70
N LYS A 1224 4.80 35.50 -39.53
CA LYS A 1224 4.18 36.61 -38.82
C LYS A 1224 3.06 37.27 -39.63
N ALA A 1225 2.11 37.92 -38.95
CA ALA A 1225 1.02 38.59 -39.65
C ALA A 1225 1.59 39.69 -40.58
N GLU A 1226 0.88 40.07 -41.63
CA GLU A 1226 -0.38 39.51 -42.01
C GLU A 1226 -0.18 38.26 -42.97
N ASP A 1227 0.87 38.23 -43.86
CA ASP A 1227 1.07 37.14 -44.84
C ASP A 1227 1.73 35.91 -44.23
N THR A 1228 1.00 34.81 -44.19
CA THR A 1228 1.47 33.67 -43.44
C THR A 1228 0.50 32.55 -43.62
N LYS A 1229 1.05 31.38 -43.86
CA LYS A 1229 0.41 30.38 -44.67
C LYS A 1229 0.16 29.03 -43.98
N MET A 1230 0.89 28.65 -42.92
CA MET A 1230 0.72 27.28 -42.42
C MET A 1230 -0.76 26.98 -42.19
N GLN A 1231 -1.54 28.06 -41.97
CA GLN A 1231 -2.93 28.04 -41.50
C GLN A 1231 -4.04 27.81 -42.58
N GLU A 1232 -3.81 28.13 -43.88
CA GLU A 1232 -4.84 27.96 -44.93
C GLU A 1232 -4.84 26.63 -45.68
N ILE A 1233 -3.66 26.02 -45.88
CA ILE A 1233 -3.51 24.68 -46.46
C ILE A 1233 -3.50 23.53 -45.40
N MET A 1234 -3.25 23.79 -44.06
CA MET A 1234 -3.77 22.87 -43.00
C MET A 1234 -5.14 23.26 -42.37
N ARG A 1235 -5.77 24.35 -42.86
CA ARG A 1235 -7.08 24.81 -42.41
C ARG A 1235 -8.21 24.74 -43.47
N LEU A 1236 -7.91 24.48 -44.78
CA LEU A 1236 -8.96 24.08 -45.73
C LEU A 1236 -9.12 22.55 -45.87
N ALA A 1237 -8.25 21.72 -45.25
CA ALA A 1237 -8.41 20.25 -45.28
C ALA A 1237 -9.47 19.72 -44.29
N HIS A 1238 -9.66 20.36 -43.10
CA HIS A 1238 -10.52 19.93 -41.98
C HIS A 1238 -11.88 20.66 -41.89
N GLU A 1239 -12.24 21.41 -42.94
CA GLU A 1239 -13.62 21.84 -43.22
C GLU A 1239 -14.53 20.64 -43.14
N PHE A 1240 -14.90 20.27 -41.90
CA PHE A 1240 -15.67 19.06 -41.62
C PHE A 1240 -17.18 19.37 -41.69
N LEU A 1241 -17.62 19.73 -42.90
CA LEU A 1241 -19.00 20.16 -43.19
C LEU A 1241 -19.37 21.53 -42.54
N GLN A 1242 -18.40 22.45 -42.38
CA GLN A 1242 -18.52 23.82 -41.79
C GLN A 1242 -19.18 23.82 -40.41
N ASN A 1243 -18.49 23.20 -39.47
CA ASN A 1243 -19.01 22.96 -38.11
C ASN A 1243 -20.41 22.20 -38.01
N PHE A 1244 -20.62 21.35 -36.98
CA PHE A 1244 -19.82 21.16 -35.74
C PHE A 1244 -18.72 20.02 -35.75
N CYS A 1245 -18.64 19.16 -34.71
CA CYS A 1245 -17.45 18.34 -34.41
C CYS A 1245 -17.67 16.86 -34.78
N ALA A 1246 -17.48 16.54 -36.07
CA ALA A 1246 -17.98 15.30 -36.62
C ALA A 1246 -17.20 15.00 -37.90
N GLY A 1247 -17.31 13.76 -38.34
CA GLY A 1247 -16.67 13.35 -39.57
C GLY A 1247 -15.17 13.62 -39.66
N ASN A 1248 -14.52 13.77 -38.51
CA ASN A 1248 -13.06 13.93 -38.43
C ASN A 1248 -12.48 12.80 -37.61
N GLN A 1249 -12.97 11.57 -37.86
CA GLN A 1249 -12.52 10.37 -37.17
C GLN A 1249 -11.05 10.02 -37.48
N GLN A 1250 -10.53 10.45 -38.64
CA GLN A 1250 -9.11 10.29 -39.03
C GLN A 1250 -8.12 11.09 -38.17
N ASN A 1251 -8.61 11.92 -37.23
CA ASN A 1251 -7.82 12.97 -36.56
C ASN A 1251 -7.35 12.58 -35.15
N GLN A 1252 -7.63 11.36 -34.74
CA GLN A 1252 -6.98 10.76 -33.58
C GLN A 1252 -5.63 10.04 -33.92
N ALA A 1253 -5.37 9.59 -35.17
CA ALA A 1253 -4.08 8.92 -35.48
C ALA A 1253 -3.01 9.84 -36.09
N LEU A 1254 -3.38 10.69 -37.06
CA LEU A 1254 -2.41 11.63 -37.65
C LEU A 1254 -2.12 12.79 -36.71
N LEU A 1255 -3.14 13.31 -36.05
CA LEU A 1255 -2.89 14.13 -34.88
C LEU A 1255 -2.30 13.31 -33.75
N HIS A 1256 -2.27 11.96 -33.85
CA HIS A 1256 -1.74 11.08 -32.80
C HIS A 1256 -0.23 11.16 -32.68
N LYS A 1257 0.44 10.98 -33.80
CA LYS A 1257 1.87 11.11 -33.87
C LYS A 1257 2.13 12.49 -34.44
N HIS A 1258 2.82 13.30 -33.66
CA HIS A 1258 3.26 14.60 -34.11
C HIS A 1258 4.06 15.19 -32.96
N ILE A 1259 4.86 16.23 -33.27
CA ILE A 1259 5.62 17.05 -32.32
C ILE A 1259 4.77 18.26 -31.90
N ASN A 1260 4.78 18.60 -30.59
CA ASN A 1260 3.88 19.60 -29.98
C ASN A 1260 4.33 21.06 -30.24
N LEU A 1261 3.73 22.05 -29.52
CA LEU A 1261 4.00 23.48 -29.67
C LEU A 1261 4.54 24.13 -28.38
N PHE A 1262 5.23 25.26 -28.53
CA PHE A 1262 6.17 25.70 -27.51
C PHE A 1262 5.46 25.90 -26.18
N LEU A 1263 6.26 26.13 -25.14
CA LEU A 1263 5.66 26.33 -23.84
C LEU A 1263 6.68 26.98 -22.91
N ASN A 1264 6.13 27.70 -21.88
CA ASN A 1264 6.67 28.32 -20.65
C ASN A 1264 7.48 29.59 -20.95
N PRO A 1265 8.60 29.85 -20.29
CA PRO A 1265 9.38 31.08 -20.60
C PRO A 1265 9.77 31.23 -22.07
N GLY A 1266 9.86 32.49 -22.54
CA GLY A 1266 10.12 32.82 -23.94
C GLY A 1266 8.87 33.23 -24.71
N ILE A 1267 8.82 32.88 -26.01
CA ILE A 1267 7.69 33.09 -26.93
C ILE A 1267 7.99 32.46 -28.30
N LEU A 1268 7.11 32.70 -29.27
CA LEU A 1268 7.24 32.10 -30.61
C LEU A 1268 6.61 33.00 -31.68
N GLU A 1269 6.59 32.47 -32.92
CA GLU A 1269 6.25 33.14 -34.17
C GLU A 1269 4.71 33.17 -34.35
N ALA A 1270 4.18 34.15 -35.11
CA ALA A 1270 2.74 34.51 -35.10
C ALA A 1270 1.92 33.81 -36.22
N VAL A 1271 0.56 33.87 -36.11
CA VAL A 1271 -0.42 33.33 -37.05
C VAL A 1271 -0.60 31.82 -36.86
N THR A 1272 0.45 31.01 -37.16
CA THR A 1272 0.41 29.53 -37.03
C THR A 1272 0.00 29.03 -35.63
N MET A 1273 0.02 29.91 -34.62
CA MET A 1273 -0.76 29.77 -33.38
C MET A 1273 -2.25 29.81 -33.70
N GLN A 1274 -2.76 31.00 -34.08
CA GLN A 1274 -4.19 31.15 -34.36
C GLN A 1274 -4.68 29.93 -35.13
N HIS A 1275 -3.94 29.64 -36.20
CA HIS A 1275 -4.05 28.38 -36.94
C HIS A 1275 -4.09 27.15 -36.04
N ILE A 1276 -3.11 27.01 -35.14
CA ILE A 1276 -2.88 25.77 -34.39
C ILE A 1276 -4.05 25.44 -33.47
N PHE A 1277 -4.34 26.35 -32.55
CA PHE A 1277 -5.44 26.15 -31.60
C PHE A 1277 -6.70 25.74 -32.36
N MET A 1278 -7.05 26.49 -33.42
CA MET A 1278 -8.20 26.05 -34.21
C MET A 1278 -8.03 24.61 -34.75
N ASN A 1279 -6.90 24.37 -35.46
CA ASN A 1279 -6.64 23.09 -36.12
C ASN A 1279 -6.82 21.92 -35.14
N ASN A 1280 -6.24 22.04 -33.93
CA ASN A 1280 -6.49 21.03 -32.89
C ASN A 1280 -7.98 20.77 -32.67
N PHE A 1281 -8.77 21.86 -32.48
CA PHE A 1281 -10.21 21.71 -32.46
C PHE A 1281 -10.65 20.66 -33.49
N GLN A 1282 -10.43 20.89 -34.78
CA GLN A 1282 -11.01 19.94 -35.75
C GLN A 1282 -10.35 18.53 -35.81
N LEU A 1283 -9.12 18.32 -35.28
CA LEU A 1283 -8.53 16.98 -35.32
C LEU A 1283 -9.05 16.13 -34.18
N CYS A 1284 -8.84 16.57 -32.96
CA CYS A 1284 -9.39 15.84 -31.84
C CYS A 1284 -10.70 16.51 -31.34
N SER A 1285 -11.68 16.87 -32.26
CA SER A 1285 -12.96 17.61 -31.97
C SER A 1285 -14.26 16.88 -32.36
N GLU A 1286 -14.22 15.89 -33.30
CA GLU A 1286 -15.22 14.82 -33.40
C GLU A 1286 -15.97 14.70 -32.04
N ILE A 1287 -17.24 14.28 -32.10
CA ILE A 1287 -18.07 13.79 -30.99
C ILE A 1287 -18.39 12.32 -31.35
N ASN A 1288 -17.93 11.39 -30.48
CA ASN A 1288 -17.96 9.92 -30.40
C ASN A 1288 -17.05 9.09 -29.43
N GLU A 1289 -15.70 9.31 -29.16
CA GLU A 1289 -14.94 8.63 -28.09
C GLU A 1289 -14.71 9.40 -26.79
N ARG A 1290 -14.25 8.73 -25.78
CA ARG A 1290 -13.86 9.31 -24.50
C ARG A 1290 -12.46 9.92 -24.49
N VAL A 1291 -11.59 9.65 -25.48
CA VAL A 1291 -10.36 10.43 -25.64
C VAL A 1291 -10.62 11.93 -25.47
N VAL A 1292 -11.54 12.52 -26.26
CA VAL A 1292 -11.71 13.95 -26.46
C VAL A 1292 -11.58 14.74 -25.15
N GLN A 1293 -12.03 14.15 -24.06
CA GLN A 1293 -11.87 14.79 -22.75
C GLN A 1293 -10.39 14.87 -22.31
N HIS A 1294 -9.70 13.73 -22.25
CA HIS A 1294 -8.25 13.76 -22.01
C HIS A 1294 -7.46 14.48 -23.11
N PHE A 1295 -8.08 14.72 -24.29
CA PHE A 1295 -7.46 15.34 -25.47
C PHE A 1295 -7.45 16.89 -25.49
N VAL A 1296 -8.61 17.56 -25.34
CA VAL A 1296 -8.67 19.01 -25.08
C VAL A 1296 -8.21 19.32 -23.65
N HIS A 1297 -7.82 18.25 -22.90
CA HIS A 1297 -7.16 18.28 -21.58
C HIS A 1297 -5.72 17.71 -21.49
N CYS A 1298 -5.36 16.66 -22.24
CA CYS A 1298 -3.94 16.28 -22.31
C CYS A 1298 -3.12 17.40 -22.93
N ILE A 1299 -2.06 17.85 -22.22
CA ILE A 1299 -1.08 18.85 -22.71
C ILE A 1299 -1.37 20.22 -22.09
N GLU A 1300 -1.95 21.15 -22.87
CA GLU A 1300 -2.30 22.48 -22.33
C GLU A 1300 -2.99 22.34 -20.99
N THR A 1301 -3.84 21.31 -20.88
CA THR A 1301 -4.61 20.90 -19.70
C THR A 1301 -5.18 22.15 -19.06
N HIS A 1302 -5.76 22.05 -17.85
CA HIS A 1302 -6.22 23.24 -17.15
C HIS A 1302 -5.16 24.35 -17.18
N GLY A 1303 -3.89 23.94 -17.10
CA GLY A 1303 -2.79 24.89 -16.92
C GLY A 1303 -2.76 26.00 -17.95
N ARG A 1304 -3.05 25.67 -19.20
CA ARG A 1304 -3.17 26.70 -20.24
C ARG A 1304 -3.83 28.00 -19.76
N ASN A 1305 -5.04 27.93 -19.14
CA ASN A 1305 -5.79 29.16 -18.80
C ASN A 1305 -4.90 30.22 -18.15
N VAL A 1306 -3.98 29.78 -17.28
CA VAL A 1306 -3.14 30.73 -16.57
C VAL A 1306 -2.42 31.65 -17.58
N GLN A 1307 -1.66 31.05 -18.52
CA GLN A 1307 -0.85 31.84 -19.47
C GLN A 1307 -1.70 32.68 -20.40
N TYR A 1308 -3.01 32.44 -20.47
CA TYR A 1308 -3.95 33.24 -21.25
C TYR A 1308 -4.50 34.42 -20.43
N ILE A 1309 -3.83 34.84 -19.35
CA ILE A 1309 -4.23 36.06 -18.66
C ILE A 1309 -3.37 37.27 -19.08
N LYS A 1310 -2.06 37.11 -19.30
CA LYS A 1310 -1.25 38.26 -19.74
C LYS A 1310 0.04 37.75 -20.38
N PHE A 1311 0.40 38.37 -21.52
CA PHE A 1311 1.67 38.20 -22.22
C PHE A 1311 1.55 37.91 -23.74
N LEU A 1312 0.40 37.37 -24.22
CA LEU A 1312 0.14 37.08 -25.65
C LEU A 1312 -0.28 38.33 -26.46
N GLN A 1313 -0.76 39.40 -25.79
CA GLN A 1313 -0.64 40.74 -26.38
C GLN A 1313 0.82 41.09 -26.69
N THR A 1314 1.78 40.52 -25.91
CA THR A 1314 3.24 40.72 -26.12
C THR A 1314 3.82 39.90 -27.30
N ILE A 1315 3.46 38.61 -27.48
CA ILE A 1315 4.00 37.82 -28.63
C ILE A 1315 3.32 38.19 -29.95
N VAL A 1316 2.08 38.73 -29.89
CA VAL A 1316 1.41 39.28 -31.07
C VAL A 1316 1.97 40.68 -31.44
N LYS A 1317 2.32 41.52 -30.45
CA LYS A 1317 2.96 42.83 -30.71
C LYS A 1317 4.43 42.72 -31.24
N ALA A 1318 5.24 41.75 -30.74
CA ALA A 1318 6.50 41.38 -31.43
C ALA A 1318 6.26 40.54 -32.68
N GLU A 1319 5.03 40.07 -32.89
CA GLU A 1319 4.61 39.23 -34.00
C GLU A 1319 4.28 40.01 -35.29
N GLY A 1320 3.61 41.17 -35.21
CA GLY A 1320 3.20 41.96 -36.38
C GLY A 1320 2.56 43.33 -36.15
N LYS A 1321 2.83 44.31 -37.05
CA LYS A 1321 2.34 45.70 -36.93
C LYS A 1321 0.89 45.75 -36.49
N PHE A 1322 0.06 44.93 -37.14
CA PHE A 1322 -1.26 44.59 -36.63
C PHE A 1322 -1.10 43.53 -35.54
N ILE A 1323 -0.82 44.00 -34.31
CA ILE A 1323 -0.63 43.15 -33.14
C ILE A 1323 -1.96 42.55 -32.69
N LYS A 1324 -2.96 43.42 -32.44
CA LYS A 1324 -4.26 43.05 -31.86
C LYS A 1324 -5.19 42.17 -32.77
N LYS A 1325 -4.81 41.86 -34.04
CA LYS A 1325 -5.56 40.82 -34.80
C LYS A 1325 -5.02 39.42 -34.56
N CYS A 1326 -3.69 39.24 -34.49
CA CYS A 1326 -3.11 37.95 -34.10
C CYS A 1326 -3.34 37.69 -32.62
N GLN A 1327 -3.41 38.76 -31.80
CA GLN A 1327 -3.91 38.63 -30.45
C GLN A 1327 -5.40 38.27 -30.43
N ASP A 1328 -6.26 39.01 -31.19
CA ASP A 1328 -7.73 38.78 -31.23
C ASP A 1328 -8.11 37.41 -31.84
N MET A 1329 -7.26 36.88 -32.72
CA MET A 1329 -7.37 35.48 -33.17
C MET A 1329 -6.80 34.52 -32.14
N VAL A 1330 -5.84 34.99 -31.35
CA VAL A 1330 -5.38 34.24 -30.19
C VAL A 1330 -6.52 34.10 -29.18
N MET A 1331 -7.47 35.08 -29.16
CA MET A 1331 -8.65 35.16 -28.26
C MET A 1331 -9.87 34.35 -28.77
N ALA A 1332 -10.03 34.24 -30.10
CA ALA A 1332 -11.02 33.29 -30.59
C ALA A 1332 -10.54 31.84 -30.47
N GLU A 1333 -9.20 31.65 -30.57
CA GLU A 1333 -8.57 30.36 -30.24
C GLU A 1333 -8.78 29.95 -28.76
N LEU A 1334 -8.42 30.78 -27.74
CA LEU A 1334 -8.62 30.40 -26.31
C LEU A 1334 -10.10 30.40 -25.82
N VAL A 1335 -11.01 31.15 -26.47
CA VAL A 1335 -12.43 31.15 -26.07
C VAL A 1335 -13.28 30.08 -26.76
N ASN A 1336 -12.79 29.44 -27.81
CA ASN A 1336 -13.62 28.44 -28.51
C ASN A 1336 -13.40 26.98 -28.01
N SER A 1337 -12.78 26.77 -26.82
CA SER A 1337 -12.55 25.41 -26.32
C SER A 1337 -13.85 24.65 -26.10
N GLY A 1338 -14.95 25.32 -25.66
CA GLY A 1338 -16.27 24.68 -25.51
C GLY A 1338 -16.98 24.28 -26.79
N GLU A 1339 -16.58 24.83 -27.95
CA GLU A 1339 -17.36 24.76 -29.20
C GLU A 1339 -17.27 23.41 -29.92
N ASP A 1340 -16.06 22.81 -29.98
CA ASP A 1340 -15.75 21.61 -30.79
C ASP A 1340 -15.66 20.34 -29.96
N VAL A 1341 -16.60 19.42 -30.19
CA VAL A 1341 -16.83 18.26 -29.35
C VAL A 1341 -17.03 18.66 -27.89
N LEU A 1342 -17.87 19.69 -27.64
CA LEU A 1342 -18.26 20.10 -26.26
C LEU A 1342 -18.90 18.96 -25.47
N VAL A 1343 -20.17 18.63 -25.74
CA VAL A 1343 -20.67 17.26 -25.63
C VAL A 1343 -19.54 16.27 -25.32
N PHE A 1344 -18.65 15.98 -26.31
CA PHE A 1344 -17.52 15.06 -26.11
C PHE A 1344 -16.48 15.57 -25.13
N TYR A 1345 -16.17 16.86 -25.21
CA TYR A 1345 -15.20 17.54 -24.36
C TYR A 1345 -15.54 17.09 -22.97
N ASN A 1346 -16.78 17.29 -22.54
CA ASN A 1346 -17.17 16.74 -21.26
C ASN A 1346 -16.83 15.22 -21.19
N ASP A 1347 -16.88 14.46 -22.34
CA ASP A 1347 -16.67 12.98 -22.40
C ASP A 1347 -16.93 12.10 -21.16
N ARG A 1348 -16.18 12.32 -20.05
CA ARG A 1348 -16.25 11.38 -18.98
C ARG A 1348 -16.43 12.03 -17.61
N ALA A 1349 -15.69 13.09 -17.43
CA ALA A 1349 -15.74 13.69 -16.14
C ALA A 1349 -14.83 14.88 -16.37
N SER A 1350 -15.11 15.51 -17.49
CA SER A 1350 -14.34 16.67 -17.92
C SER A 1350 -14.84 17.98 -17.24
N PHE A 1351 -16.16 18.08 -16.89
CA PHE A 1351 -16.71 19.24 -16.16
C PHE A 1351 -16.65 19.16 -14.64
N GLN A 1352 -16.26 17.97 -14.14
CA GLN A 1352 -15.92 17.73 -12.76
C GLN A 1352 -14.40 17.99 -12.42
N THR A 1353 -13.40 17.89 -13.38
CA THR A 1353 -11.95 18.11 -13.10
C THR A 1353 -11.47 19.59 -13.16
N LEU A 1354 -12.24 20.49 -13.82
CA LEU A 1354 -12.00 21.94 -13.84
C LEU A 1354 -13.21 22.77 -13.37
N ILE A 1355 -14.30 22.15 -12.95
CA ILE A 1355 -15.40 22.83 -12.30
C ILE A 1355 -14.80 23.98 -11.49
N GLN A 1356 -15.50 25.09 -11.41
CA GLN A 1356 -15.11 26.11 -10.44
C GLN A 1356 -13.92 26.96 -10.91
N MET A 1357 -12.87 26.37 -11.52
CA MET A 1357 -11.60 27.08 -11.79
C MET A 1357 -11.56 27.80 -13.11
N MET A 1358 -12.31 27.28 -14.07
CA MET A 1358 -12.44 27.97 -15.32
C MET A 1358 -13.49 29.08 -15.27
N ARG A 1359 -14.63 28.93 -14.54
CA ARG A 1359 -15.63 30.03 -14.49
C ARG A 1359 -15.06 31.31 -13.83
N SER A 1360 -14.42 31.18 -12.65
CA SER A 1360 -13.76 32.30 -11.97
C SER A 1360 -12.60 32.90 -12.79
N GLU A 1361 -11.78 32.05 -13.38
CA GLU A 1361 -10.71 32.56 -14.22
C GLU A 1361 -11.33 33.33 -15.38
N ARG A 1362 -12.46 32.84 -15.91
CA ARG A 1362 -13.14 33.50 -17.02
C ARG A 1362 -13.50 34.94 -16.66
N ASP A 1363 -14.15 35.15 -15.51
CA ASP A 1363 -14.34 36.54 -15.09
C ASP A 1363 -13.03 37.33 -15.34
N ARG A 1364 -11.85 36.69 -15.26
CA ARG A 1364 -10.58 37.39 -15.56
C ARG A 1364 -10.52 37.92 -16.99
N MET A 1365 -11.13 37.24 -17.99
CA MET A 1365 -11.19 37.79 -19.35
C MET A 1365 -12.55 38.41 -19.71
N ASP A 1366 -13.28 39.01 -18.78
CA ASP A 1366 -14.71 39.37 -18.92
C ASP A 1366 -15.00 40.67 -19.70
N GLU A 1367 -13.99 41.40 -20.24
CA GLU A 1367 -14.19 42.74 -20.83
C GLU A 1367 -13.40 42.99 -22.14
N ASN A 1368 -14.03 43.72 -23.09
CA ASN A 1368 -13.52 43.92 -24.47
C ASN A 1368 -14.41 44.89 -25.29
N SER A 1369 -13.93 45.20 -26.59
CA SER A 1369 -14.52 46.15 -27.59
C SER A 1369 -14.04 46.13 -29.07
N PRO A 1370 -14.47 47.15 -29.92
CA PRO A 1370 -13.95 47.28 -31.31
C PRO A 1370 -13.67 45.91 -31.92
N LEU A 1371 -14.67 45.03 -31.85
CA LEU A 1371 -14.46 43.60 -31.94
C LEU A 1371 -15.00 42.89 -33.19
N MET A 1372 -15.39 43.59 -34.27
CA MET A 1372 -15.87 42.87 -35.47
C MET A 1372 -15.24 41.47 -35.73
N TYR A 1373 -13.89 41.43 -35.76
CA TYR A 1373 -13.16 40.17 -35.87
C TYR A 1373 -13.10 39.43 -34.52
N HIS A 1374 -12.86 40.15 -33.39
CA HIS A 1374 -13.01 39.58 -32.03
C HIS A 1374 -14.48 39.48 -31.57
N ILE A 1375 -15.45 39.96 -32.36
CA ILE A 1375 -16.91 39.77 -32.20
C ILE A 1375 -17.41 38.65 -33.12
N HIS A 1376 -16.56 38.13 -34.04
CA HIS A 1376 -16.48 36.71 -34.45
C HIS A 1376 -15.71 35.90 -33.44
N LEU A 1377 -15.09 36.61 -32.50
CA LEU A 1377 -14.79 36.12 -31.17
C LEU A 1377 -15.85 36.53 -30.12
N VAL A 1378 -16.92 37.21 -30.51
CA VAL A 1378 -18.13 37.45 -29.67
C VAL A 1378 -19.36 36.81 -30.30
N GLU A 1379 -19.24 36.16 -31.44
CA GLU A 1379 -20.10 35.07 -31.91
C GLU A 1379 -19.35 33.73 -32.02
N LEU A 1380 -17.99 33.74 -31.95
CA LEU A 1380 -17.12 32.59 -31.65
C LEU A 1380 -16.65 32.62 -30.20
N LEU A 1381 -16.99 33.72 -29.48
CA LEU A 1381 -17.19 33.80 -28.03
C LEU A 1381 -18.67 33.96 -27.56
N ALA A 1382 -19.68 34.12 -28.46
CA ALA A 1382 -21.10 33.87 -28.14
C ALA A 1382 -21.58 32.49 -28.60
N VAL A 1383 -20.78 31.84 -29.44
CA VAL A 1383 -20.69 30.38 -29.45
C VAL A 1383 -19.75 29.89 -28.35
N CYS A 1384 -18.56 30.50 -28.21
CA CYS A 1384 -17.70 30.23 -27.04
C CYS A 1384 -18.40 30.53 -25.70
N THR A 1385 -19.11 31.66 -25.62
CA THR A 1385 -19.95 31.98 -24.46
C THR A 1385 -21.26 31.19 -24.41
N GLU A 1386 -21.72 30.60 -25.53
CA GLU A 1386 -22.88 29.69 -25.44
C GLU A 1386 -22.53 28.34 -24.80
N GLY A 1387 -21.24 27.93 -24.78
CA GLY A 1387 -20.78 26.61 -24.32
C GLY A 1387 -20.17 26.58 -22.93
N LYS A 1388 -20.66 27.47 -22.05
CA LYS A 1388 -20.38 27.49 -20.62
C LYS A 1388 -21.53 26.92 -19.76
N ASN A 1389 -22.84 27.11 -20.12
CA ASN A 1389 -23.94 26.68 -19.24
C ASN A 1389 -25.06 25.90 -19.96
N VAL A 1390 -24.75 25.18 -21.04
CA VAL A 1390 -25.72 24.35 -21.72
C VAL A 1390 -25.75 22.96 -21.09
N TYR A 1391 -24.63 22.43 -20.56
CA TYR A 1391 -24.62 21.18 -19.82
C TYR A 1391 -24.28 21.24 -18.28
N THR A 1392 -25.16 21.68 -17.24
CA THR A 1392 -24.85 21.44 -15.74
C THR A 1392 -26.03 21.07 -14.76
N GLU A 1393 -25.79 20.38 -13.57
CA GLU A 1393 -26.99 19.88 -12.67
C GLU A 1393 -26.83 19.57 -11.10
N ILE A 1394 -25.97 20.18 -10.15
CA ILE A 1394 -25.16 19.89 -8.95
C ILE A 1394 -23.60 20.00 -9.17
N LYS A 1395 -23.00 21.17 -9.67
CA LYS A 1395 -21.56 21.57 -9.89
C LYS A 1395 -21.22 23.09 -9.83
N CYS A 1396 -22.33 23.84 -9.73
CA CYS A 1396 -22.29 25.26 -9.89
C CYS A 1396 -22.45 25.77 -8.48
N ASN A 1397 -21.64 26.78 -8.15
CA ASN A 1397 -21.37 27.33 -6.81
C ASN A 1397 -20.62 28.65 -6.92
N SER A 1398 -21.03 29.45 -7.87
CA SER A 1398 -20.44 30.75 -8.11
C SER A 1398 -21.62 31.68 -8.30
N LEU A 1399 -21.36 32.97 -8.32
CA LEU A 1399 -22.43 33.94 -8.36
C LEU A 1399 -22.10 34.91 -9.46
N LEU A 1400 -23.11 35.63 -9.88
CA LEU A 1400 -22.80 36.86 -10.56
C LEU A 1400 -22.45 36.67 -12.04
N PRO A 1401 -22.19 35.41 -12.60
CA PRO A 1401 -21.82 35.28 -14.03
C PRO A 1401 -22.87 35.85 -15.03
N LEU A 1402 -24.13 35.91 -14.52
CA LEU A 1402 -25.36 36.29 -15.22
C LEU A 1402 -25.50 37.83 -15.44
N ASP A 1403 -25.22 38.69 -14.42
CA ASP A 1403 -25.18 40.14 -14.68
C ASP A 1403 -24.10 40.54 -15.69
N ASP A 1404 -22.91 39.93 -15.56
CA ASP A 1404 -21.76 40.24 -16.44
C ASP A 1404 -22.09 39.94 -17.91
N ILE A 1405 -22.57 38.73 -18.22
CA ILE A 1405 -23.11 38.49 -19.56
C ILE A 1405 -24.08 39.61 -19.95
N VAL A 1406 -25.20 39.75 -19.20
CA VAL A 1406 -26.18 40.79 -19.54
C VAL A 1406 -25.45 42.11 -19.90
N ARG A 1407 -24.49 42.54 -19.08
CA ARG A 1407 -23.72 43.76 -19.35
C ARG A 1407 -22.97 43.72 -20.68
N VAL A 1408 -22.26 42.62 -20.97
CA VAL A 1408 -21.51 42.48 -22.23
C VAL A 1408 -22.44 42.48 -23.43
N VAL A 1409 -23.64 41.95 -23.28
CA VAL A 1409 -24.58 41.91 -24.40
C VAL A 1409 -25.24 43.29 -24.59
N THR A 1410 -25.23 44.18 -23.54
CA THR A 1410 -25.73 45.57 -23.63
C THR A 1410 -24.72 46.61 -24.12
N HIS A 1411 -23.48 46.51 -23.66
CA HIS A 1411 -22.36 47.37 -24.03
C HIS A 1411 -22.02 47.31 -25.60
N GLU A 1412 -22.80 46.67 -26.48
CA GLU A 1412 -22.45 46.44 -27.89
C GLU A 1412 -22.72 47.67 -28.77
N ASP A 1413 -21.90 47.79 -29.82
CA ASP A 1413 -22.08 48.73 -30.91
C ASP A 1413 -21.95 47.97 -32.24
N CYS A 1414 -21.81 48.69 -33.37
CA CYS A 1414 -21.52 48.08 -34.67
C CYS A 1414 -22.72 47.41 -35.39
N ILE A 1415 -22.70 46.07 -35.52
CA ILE A 1415 -23.53 45.35 -36.51
C ILE A 1415 -24.99 45.16 -36.08
N PRO A 1416 -25.94 45.13 -37.02
CA PRO A 1416 -27.34 44.98 -36.61
C PRO A 1416 -27.43 43.84 -35.62
N GLU A 1417 -28.10 44.09 -34.52
CA GLU A 1417 -28.27 42.99 -33.57
C GLU A 1417 -28.44 41.63 -34.27
N VAL A 1418 -29.42 41.43 -35.19
CA VAL A 1418 -29.91 40.11 -35.62
C VAL A 1418 -28.99 38.89 -35.40
N LYS A 1419 -27.67 39.10 -35.51
CA LYS A 1419 -26.67 38.04 -35.25
C LYS A 1419 -26.22 38.02 -33.78
N ILE A 1420 -26.15 39.20 -33.12
CA ILE A 1420 -26.06 39.35 -31.65
C ILE A 1420 -27.41 39.41 -30.93
N ALA A 1421 -28.56 39.34 -31.68
CA ALA A 1421 -29.96 39.15 -31.22
C ALA A 1421 -30.55 37.76 -31.57
N TYR A 1422 -29.81 36.90 -32.34
CA TYR A 1422 -29.92 35.43 -32.39
C TYR A 1422 -28.80 34.67 -31.63
N ILE A 1423 -27.65 35.32 -31.28
CA ILE A 1423 -26.69 34.83 -30.28
C ILE A 1423 -27.03 35.32 -28.85
N ASN A 1424 -27.63 36.53 -28.69
CA ASN A 1424 -28.23 37.05 -27.44
C ASN A 1424 -29.75 36.83 -27.29
N PHE A 1425 -30.51 36.72 -28.41
CA PHE A 1425 -31.79 36.05 -28.32
C PHE A 1425 -31.60 34.55 -28.17
N LEU A 1426 -30.66 33.96 -28.93
CA LEU A 1426 -30.23 32.58 -28.70
C LEU A 1426 -29.76 32.40 -27.26
N ASN A 1427 -29.09 33.42 -26.70
CA ASN A 1427 -28.81 33.50 -25.26
C ASN A 1427 -30.07 33.71 -24.40
N HIS A 1428 -31.07 34.45 -24.94
CA HIS A 1428 -32.25 34.84 -24.19
C HIS A 1428 -33.26 33.70 -24.08
N CYS A 1429 -33.33 32.82 -25.07
CA CYS A 1429 -34.14 31.60 -24.97
C CYS A 1429 -33.38 30.47 -24.24
N TYR A 1430 -32.06 30.24 -24.52
CA TYR A 1430 -31.29 29.20 -23.77
C TYR A 1430 -31.20 29.52 -22.29
N VAL A 1431 -31.14 30.80 -21.95
CA VAL A 1431 -31.31 31.22 -20.57
C VAL A 1431 -32.77 31.03 -20.13
N ASP A 1432 -33.76 31.54 -20.90
CA ASP A 1432 -35.15 31.59 -20.38
C ASP A 1432 -35.80 30.22 -20.17
N THR A 1433 -35.18 29.12 -20.62
CA THR A 1433 -35.71 27.78 -20.35
C THR A 1433 -35.41 27.29 -18.92
N GLU A 1434 -34.20 27.54 -18.42
CA GLU A 1434 -33.79 26.92 -17.16
C GLU A 1434 -34.74 27.18 -15.97
N VAL A 1435 -34.82 28.44 -15.49
CA VAL A 1435 -35.86 28.93 -14.59
C VAL A 1435 -35.43 28.98 -13.12
N GLU A 1436 -35.44 27.85 -12.42
CA GLU A 1436 -35.15 27.95 -10.99
C GLU A 1436 -33.63 27.91 -10.66
N MET A 1437 -32.81 27.29 -11.55
CA MET A 1437 -31.34 27.39 -11.70
C MET A 1437 -30.75 28.75 -11.44
N LYS A 1438 -30.68 29.55 -12.51
CA LYS A 1438 -30.26 30.92 -12.41
C LYS A 1438 -30.85 31.43 -11.10
N GLU A 1439 -32.11 31.05 -10.77
CA GLU A 1439 -32.74 31.41 -9.49
C GLU A 1439 -31.94 30.87 -8.27
N ILE A 1440 -30.94 29.99 -8.51
CA ILE A 1440 -29.79 29.88 -7.60
C ILE A 1440 -28.48 30.54 -8.12
N TYR A 1441 -28.31 30.77 -9.44
CA TYR A 1441 -27.05 31.28 -10.00
C TYR A 1441 -26.77 32.73 -9.59
N THR A 1442 -27.81 33.50 -9.32
CA THR A 1442 -27.65 34.89 -8.88
C THR A 1442 -28.94 35.27 -8.16
N SER A 1443 -29.00 36.50 -7.62
CA SER A 1443 -30.20 36.89 -6.88
C SER A 1443 -31.43 36.88 -7.77
N ASN A 1444 -31.33 37.46 -8.96
CA ASN A 1444 -32.46 37.52 -9.87
C ASN A 1444 -31.92 37.61 -11.28
N HIS A 1445 -32.79 37.29 -12.23
CA HIS A 1445 -32.55 37.56 -13.63
C HIS A 1445 -33.74 38.33 -14.21
N MET A 1446 -34.03 39.51 -13.62
CA MET A 1446 -35.19 40.33 -13.97
C MET A 1446 -34.88 41.38 -15.07
N TRP A 1447 -33.64 41.90 -15.14
CA TRP A 1447 -33.14 42.57 -16.34
C TRP A 1447 -33.11 41.65 -17.58
N LYS A 1448 -33.16 40.33 -17.36
CA LYS A 1448 -33.14 39.33 -18.45
C LYS A 1448 -34.53 39.04 -19.09
N LEU A 1449 -35.69 39.44 -18.45
CA LEU A 1449 -37.08 39.29 -18.98
C LEU A 1449 -37.59 40.49 -19.81
N PHE A 1450 -37.24 41.72 -19.45
CA PHE A 1450 -37.28 42.81 -20.41
C PHE A 1450 -36.34 42.56 -21.62
N GLU A 1451 -35.04 42.16 -21.38
CA GLU A 1451 -34.03 41.99 -22.47
C GLU A 1451 -34.34 40.89 -23.54
N ASN A 1452 -35.07 39.79 -23.18
CA ASN A 1452 -35.59 38.84 -24.19
C ASN A 1452 -37.03 39.13 -24.66
N PHE A 1453 -37.80 40.02 -23.98
CA PHE A 1453 -38.98 40.63 -24.61
C PHE A 1453 -38.59 41.79 -25.51
N LEU A 1454 -37.26 42.08 -25.65
CA LEU A 1454 -36.67 42.95 -26.68
C LEU A 1454 -35.89 42.26 -27.80
N VAL A 1455 -34.87 41.44 -27.51
CA VAL A 1455 -34.20 40.76 -28.62
C VAL A 1455 -35.16 39.87 -29.43
N ASP A 1456 -36.37 39.60 -28.88
CA ASP A 1456 -37.50 38.85 -29.47
C ASP A 1456 -38.67 39.70 -30.00
N ILE A 1457 -39.00 40.89 -29.42
CA ILE A 1457 -39.96 41.87 -29.99
C ILE A 1457 -39.35 42.63 -31.18
N CYS A 1458 -38.09 43.10 -31.03
CA CYS A 1458 -37.24 43.74 -32.05
C CYS A 1458 -38.04 44.68 -32.95
N ARG A 1459 -37.47 45.07 -34.07
CA ARG A 1459 -38.23 45.78 -35.06
C ARG A 1459 -37.96 45.02 -36.36
N ALA A 1460 -38.39 45.59 -37.47
CA ALA A 1460 -38.16 45.03 -38.81
C ALA A 1460 -36.74 44.37 -39.01
N CYS A 1461 -36.02 44.10 -37.93
CA CYS A 1461 -34.59 43.86 -37.77
C CYS A 1461 -34.41 44.49 -36.41
N ASN A 1462 -34.48 45.88 -36.29
CA ASN A 1462 -34.69 46.75 -35.11
C ASN A 1462 -35.04 48.23 -35.39
N ASN A 1463 -35.28 48.56 -36.70
CA ASN A 1463 -35.59 49.91 -37.15
C ASN A 1463 -36.09 50.01 -38.60
N THR A 1464 -35.29 49.53 -39.56
CA THR A 1464 -35.72 49.51 -40.95
C THR A 1464 -34.63 48.95 -41.89
N SER A 1465 -34.15 47.70 -41.67
CA SER A 1465 -33.19 47.05 -42.58
C SER A 1465 -33.86 46.21 -43.66
N ASP A 1466 -34.95 45.53 -43.34
CA ASP A 1466 -35.81 44.93 -44.34
C ASP A 1466 -34.98 44.06 -45.29
N ARG A 1467 -34.39 43.01 -44.75
CA ARG A 1467 -33.54 42.12 -45.53
C ARG A 1467 -34.00 40.66 -45.50
N LYS A 1468 -35.14 40.37 -44.84
CA LYS A 1468 -35.62 39.03 -44.58
C LYS A 1468 -37.09 38.91 -44.98
N HIS A 1469 -37.37 37.92 -45.86
CA HIS A 1469 -38.66 37.68 -46.50
C HIS A 1469 -39.15 36.27 -46.27
N ALA A 1470 -38.51 35.53 -45.39
CA ALA A 1470 -39.05 34.26 -45.01
C ALA A 1470 -39.48 34.59 -43.59
N ASP A 1471 -40.23 35.67 -43.41
CA ASP A 1471 -40.83 35.95 -42.10
C ASP A 1471 -41.63 34.73 -41.60
N SER A 1472 -42.75 34.33 -42.28
CA SER A 1472 -43.65 33.26 -41.76
C SER A 1472 -42.91 32.04 -41.17
N ILE A 1473 -41.75 31.66 -41.76
CA ILE A 1473 -40.85 30.65 -41.18
C ILE A 1473 -40.01 31.23 -40.03
N LEU A 1474 -39.63 32.51 -40.11
CA LEU A 1474 -38.99 33.23 -39.00
C LEU A 1474 -39.90 33.12 -37.76
N GLU A 1475 -40.97 33.92 -37.70
CA GLU A 1475 -42.07 33.83 -36.71
C GLU A 1475 -42.61 32.40 -36.42
N LYS A 1476 -42.52 31.48 -37.39
CA LYS A 1476 -43.07 30.13 -37.27
C LYS A 1476 -42.10 29.26 -36.47
N TYR A 1477 -40.99 28.82 -37.07
CA TYR A 1477 -39.98 28.09 -36.31
C TYR A 1477 -39.68 28.79 -34.98
N VAL A 1478 -39.98 30.10 -34.90
CA VAL A 1478 -39.82 30.88 -33.66
C VAL A 1478 -41.03 30.83 -32.70
N THR A 1479 -42.22 30.39 -33.17
CA THR A 1479 -43.42 30.20 -32.35
C THR A 1479 -43.79 28.70 -32.14
N GLU A 1480 -43.15 27.73 -32.89
CA GLU A 1480 -43.01 26.30 -32.53
C GLU A 1480 -41.71 25.99 -31.81
N ILE A 1481 -40.76 26.96 -31.83
CA ILE A 1481 -39.64 27.13 -30.87
C ILE A 1481 -39.95 28.04 -29.66
N VAL A 1482 -41.01 28.86 -29.75
CA VAL A 1482 -41.69 29.42 -28.57
C VAL A 1482 -42.79 28.48 -27.99
N MET A 1483 -43.28 27.46 -28.75
CA MET A 1483 -44.07 26.33 -28.23
C MET A 1483 -43.22 25.19 -27.61
N SER A 1484 -42.07 24.81 -28.24
CA SER A 1484 -41.07 23.95 -27.57
C SER A 1484 -40.46 24.61 -26.32
N ILE A 1485 -40.12 25.90 -26.42
CA ILE A 1485 -39.75 26.67 -25.22
C ILE A 1485 -40.87 26.65 -24.15
N VAL A 1486 -42.18 26.76 -24.52
CA VAL A 1486 -43.32 26.69 -23.55
C VAL A 1486 -43.44 25.33 -22.83
N THR A 1487 -43.29 24.22 -23.56
CA THR A 1487 -43.33 22.92 -22.89
C THR A 1487 -42.17 22.80 -21.88
N THR A 1488 -40.95 23.28 -22.24
CA THR A 1488 -39.76 23.12 -21.36
C THR A 1488 -39.95 23.64 -19.92
N PHE A 1489 -40.28 24.94 -19.80
CA PHE A 1489 -40.10 25.72 -18.57
C PHE A 1489 -40.74 25.03 -17.38
N PHE A 1490 -41.89 24.37 -17.60
CA PHE A 1490 -42.59 23.67 -16.53
C PHE A 1490 -41.54 22.87 -15.73
N SER A 1491 -40.51 22.26 -16.36
CA SER A 1491 -39.47 21.45 -15.76
C SER A 1491 -38.20 22.25 -15.59
N SER A 1492 -38.24 23.13 -14.72
CA SER A 1492 -37.10 24.01 -14.50
C SER A 1492 -36.44 23.55 -13.17
N PRO A 1493 -35.45 24.28 -12.75
CA PRO A 1493 -34.69 23.68 -11.67
C PRO A 1493 -34.33 24.54 -10.50
N SER B 6 -23.13 -37.39 4.23
CA SER B 6 -23.52 -35.99 4.14
C SER B 6 -22.84 -35.24 5.26
N SER B 7 -23.57 -34.25 5.83
CA SER B 7 -23.04 -33.31 6.81
C SER B 7 -23.60 -33.73 8.14
N PHE B 8 -22.72 -34.08 9.03
CA PHE B 8 -23.12 -34.72 10.25
C PHE B 8 -23.09 -33.67 11.36
N LEU B 9 -23.56 -34.09 12.52
CA LEU B 9 -23.36 -33.41 13.79
C LEU B 9 -22.03 -33.94 14.40
N HIS B 10 -21.44 -33.22 15.37
CA HIS B 10 -20.22 -33.72 16.04
C HIS B 10 -20.10 -33.15 17.46
N ILE B 11 -19.41 -33.91 18.31
CA ILE B 11 -19.08 -33.45 19.66
C ILE B 11 -18.30 -32.16 19.54
N GLY B 12 -18.85 -31.07 20.09
CA GLY B 12 -18.23 -29.77 20.06
C GLY B 12 -18.96 -28.78 19.18
N ASP B 13 -19.63 -29.25 18.13
CA ASP B 13 -20.48 -28.35 17.40
C ASP B 13 -21.32 -27.59 18.41
N ILE B 14 -21.70 -26.37 18.09
CA ILE B 14 -22.65 -25.61 18.91
C ILE B 14 -23.91 -25.46 18.09
N CYS B 15 -25.02 -25.94 18.63
CA CYS B 15 -26.30 -25.96 17.94
C CYS B 15 -27.41 -25.45 18.83
N SER B 16 -28.53 -25.17 18.14
CA SER B 16 -29.85 -24.92 18.72
C SER B 16 -30.76 -26.13 18.48
N LEU B 17 -31.75 -26.30 19.38
CA LEU B 17 -32.67 -27.45 19.44
C LEU B 17 -34.13 -26.94 19.44
N TYR B 18 -34.87 -27.14 18.33
CA TYR B 18 -36.17 -26.49 18.14
C TYR B 18 -37.30 -27.53 18.20
N ALA B 19 -38.06 -27.50 19.30
CA ALA B 19 -39.23 -28.34 19.53
C ALA B 19 -40.27 -28.18 18.44
N GLU B 20 -40.77 -29.35 17.99
CA GLU B 20 -41.69 -29.58 16.89
C GLU B 20 -42.75 -30.58 17.23
N GLY B 21 -43.17 -30.59 18.48
CA GLY B 21 -44.36 -31.35 18.80
C GLY B 21 -45.59 -30.51 18.49
N SER B 22 -46.40 -30.27 19.53
CA SER B 22 -47.44 -29.25 19.53
C SER B 22 -46.87 -27.84 19.81
N THR B 23 -45.90 -27.72 20.75
CA THR B 23 -45.23 -26.47 21.15
C THR B 23 -43.90 -26.29 20.43
N ASN B 24 -43.72 -25.16 19.78
CA ASN B 24 -42.58 -24.96 18.92
C ASN B 24 -41.68 -23.83 19.39
N GLY B 25 -40.39 -24.08 19.30
CA GLY B 25 -39.50 -23.06 19.79
C GLY B 25 -38.11 -23.62 20.00
N PHE B 26 -37.24 -22.75 20.49
CA PHE B 26 -35.86 -23.09 20.90
C PHE B 26 -35.78 -23.14 22.44
N ILE B 27 -34.91 -24.04 23.06
CA ILE B 27 -34.77 -24.14 24.55
C ILE B 27 -33.93 -22.98 25.13
N SER B 28 -34.11 -22.67 26.44
CA SER B 28 -33.35 -21.56 27.06
C SER B 28 -33.45 -21.53 28.60
N THR B 29 -32.63 -20.66 29.21
CA THR B 29 -32.66 -20.34 30.63
C THR B 29 -33.43 -19.02 30.80
N LEU B 30 -33.77 -18.71 32.07
CA LEU B 30 -34.23 -17.38 32.47
C LEU B 30 -33.08 -16.53 33.09
N GLY B 31 -31.84 -17.05 33.07
CA GLY B 31 -30.64 -16.31 33.43
C GLY B 31 -29.57 -17.25 34.02
N LEU B 32 -28.71 -16.71 34.85
CA LEU B 32 -27.82 -17.51 35.70
C LEU B 32 -28.24 -17.57 37.13
N VAL B 33 -29.21 -16.75 37.54
CA VAL B 33 -29.86 -16.93 38.83
C VAL B 33 -30.74 -18.18 38.78
N ASP B 34 -31.79 -18.16 37.94
CA ASP B 34 -32.76 -19.25 37.88
C ASP B 34 -32.22 -20.40 36.99
N ASP B 35 -32.11 -21.60 37.56
CA ASP B 35 -31.59 -22.74 36.83
C ASP B 35 -32.75 -23.56 36.30
N ARG B 36 -33.67 -22.85 35.69
CA ARG B 36 -34.76 -23.48 35.00
C ARG B 36 -34.49 -23.39 33.53
N CYS B 37 -35.31 -24.11 32.81
CA CYS B 37 -35.22 -24.23 31.37
C CYS B 37 -36.64 -24.21 30.77
N VAL B 38 -36.84 -23.43 29.70
CA VAL B 38 -38.17 -23.16 29.14
C VAL B 38 -38.11 -23.23 27.63
N VAL B 39 -39.30 -23.24 27.00
CA VAL B 39 -39.43 -22.86 25.58
C VAL B 39 -40.30 -21.60 25.50
N GLN B 40 -39.75 -20.53 24.86
CA GLN B 40 -40.44 -19.31 24.42
C GLN B 40 -40.88 -19.39 22.91
N PRO B 41 -42.14 -19.68 22.57
CA PRO B 41 -42.44 -20.11 21.17
C PRO B 41 -42.42 -19.00 20.10
N GLU B 42 -42.94 -17.79 20.44
CA GLU B 42 -43.11 -16.64 19.55
C GLU B 42 -41.84 -15.79 19.41
N ALA B 43 -40.97 -15.84 20.42
CA ALA B 43 -39.76 -15.03 20.41
C ALA B 43 -39.14 -15.15 19.06
N GLY B 44 -39.12 -16.38 18.60
CA GLY B 44 -38.42 -16.71 17.41
C GLY B 44 -38.89 -18.06 16.98
N ASP B 45 -38.53 -18.36 15.77
CA ASP B 45 -38.76 -19.65 15.22
C ASP B 45 -37.48 -19.97 14.49
N LEU B 46 -37.44 -21.14 13.83
CA LEU B 46 -36.41 -21.44 12.84
C LEU B 46 -36.21 -20.20 11.99
N ASN B 47 -37.26 -19.86 11.23
CA ASN B 47 -37.33 -18.73 10.31
C ASN B 47 -36.91 -17.45 11.05
N ASN B 48 -37.77 -16.87 11.94
CA ASN B 48 -37.40 -15.65 12.66
C ASN B 48 -36.53 -16.10 13.79
N PRO B 49 -35.26 -16.36 13.57
CA PRO B 49 -34.49 -16.82 14.70
C PRO B 49 -34.76 -15.84 15.81
N PRO B 50 -34.82 -16.30 16.98
CA PRO B 50 -34.95 -15.41 18.12
C PRO B 50 -34.11 -14.17 17.92
N LYS B 51 -34.38 -13.10 18.65
CA LYS B 51 -33.49 -11.97 18.62
C LYS B 51 -32.33 -12.20 19.58
N LYS B 52 -32.59 -12.84 20.72
CA LYS B 52 -31.64 -13.27 21.75
C LYS B 52 -31.26 -14.77 21.66
N PHE B 53 -30.88 -15.28 20.48
CA PHE B 53 -30.48 -16.67 20.31
C PHE B 53 -29.06 -17.07 20.78
N ARG B 54 -28.49 -16.32 21.74
CA ARG B 54 -27.25 -16.70 22.48
C ARG B 54 -27.52 -17.42 23.81
N ASP B 55 -28.77 -17.39 24.32
CA ASP B 55 -29.13 -18.15 25.50
C ASP B 55 -29.78 -19.47 25.14
N CYS B 56 -30.04 -19.70 23.83
CA CYS B 56 -30.49 -20.98 23.27
C CYS B 56 -29.33 -21.88 22.81
N LEU B 57 -28.07 -21.51 23.04
CA LEU B 57 -26.96 -22.21 22.39
C LEU B 57 -26.41 -23.27 23.31
N PHE B 58 -26.19 -24.43 22.75
CA PHE B 58 -25.64 -25.53 23.48
C PHE B 58 -24.51 -26.14 22.69
N LYS B 59 -23.60 -26.75 23.44
CA LYS B 59 -22.50 -27.53 22.91
C LYS B 59 -22.74 -29.01 23.22
N LEU B 60 -22.40 -29.88 22.26
CA LEU B 60 -22.57 -31.33 22.38
C LEU B 60 -21.30 -31.93 23.00
N CYS B 61 -21.42 -32.48 24.27
CA CYS B 61 -20.38 -32.96 25.21
C CYS B 61 -20.38 -34.50 25.39
N PRO B 62 -19.26 -35.09 25.75
CA PRO B 62 -19.22 -36.55 26.00
C PRO B 62 -19.68 -36.96 27.42
N MET B 63 -19.80 -38.30 27.62
CA MET B 63 -20.34 -38.91 28.87
C MET B 63 -19.38 -38.71 30.05
N ASN B 64 -19.75 -37.82 30.96
CA ASN B 64 -18.86 -37.48 32.05
C ASN B 64 -18.79 -38.64 33.00
N ARG B 65 -17.80 -38.56 33.82
CA ARG B 65 -17.60 -39.53 34.85
C ARG B 65 -18.07 -38.78 36.09
N TYR B 66 -18.98 -39.42 36.81
CA TYR B 66 -19.61 -38.92 38.04
C TYR B 66 -19.85 -40.05 39.02
N SER B 67 -18.90 -40.93 39.18
CA SER B 67 -18.98 -41.98 40.19
C SER B 67 -18.36 -41.48 41.48
N ALA B 68 -17.06 -41.16 41.46
CA ALA B 68 -16.38 -40.59 42.62
C ALA B 68 -16.95 -39.22 42.97
N GLN B 69 -17.45 -38.51 41.96
CA GLN B 69 -17.98 -37.19 42.21
C GLN B 69 -19.35 -37.26 42.84
N LYS B 70 -20.10 -38.31 42.55
CA LYS B 70 -21.29 -38.62 43.32
C LYS B 70 -20.92 -39.03 44.75
N GLN B 71 -19.91 -39.91 44.92
CA GLN B 71 -19.48 -40.37 46.25
C GLN B 71 -19.11 -39.21 47.19
N PHE B 72 -18.28 -38.27 46.72
CA PHE B 72 -17.95 -37.12 47.55
C PHE B 72 -19.18 -36.36 48.02
N TRP B 73 -20.28 -36.41 47.27
CA TRP B 73 -21.50 -35.71 47.62
C TRP B 73 -22.30 -36.44 48.70
N LYS B 74 -21.65 -36.93 49.76
CA LYS B 74 -22.31 -37.43 50.96
C LYS B 74 -21.74 -36.74 52.20
N ALA B 75 -21.38 -35.46 52.06
CA ALA B 75 -20.83 -34.68 53.16
C ALA B 75 -21.92 -34.11 54.09
N SER B 82 -22.60 -37.80 55.71
CA SER B 82 -22.58 -39.15 56.26
C SER B 82 -21.19 -39.54 56.86
N THR B 83 -20.33 -38.56 57.22
CA THR B 83 -18.94 -38.82 57.60
C THR B 83 -18.47 -37.93 58.75
N THR B 84 -17.97 -38.57 59.83
CA THR B 84 -17.22 -37.91 60.90
C THR B 84 -15.78 -37.67 60.48
N ASP B 85 -15.18 -38.67 59.82
CA ASP B 85 -13.76 -38.65 59.50
C ASP B 85 -13.45 -37.53 58.49
N ALA B 86 -12.22 -37.00 58.55
CA ALA B 86 -11.74 -35.94 57.65
C ALA B 86 -10.82 -36.45 56.54
N VAL B 87 -9.95 -37.45 56.79
CA VAL B 87 -9.04 -37.93 55.75
C VAL B 87 -9.75 -38.86 54.76
N LEU B 88 -10.85 -39.51 55.16
CA LEU B 88 -11.72 -40.14 54.17
C LEU B 88 -12.56 -39.11 53.39
N LEU B 89 -12.72 -37.87 53.92
CA LEU B 89 -13.30 -36.75 53.16
C LEU B 89 -12.31 -36.11 52.15
N ASN B 90 -11.00 -35.94 52.51
CA ASN B 90 -9.98 -35.41 51.57
C ASN B 90 -9.50 -36.48 50.57
N LYS B 91 -9.51 -37.76 50.97
CA LYS B 91 -9.40 -38.89 50.05
C LYS B 91 -10.55 -38.89 49.00
N LEU B 92 -11.82 -38.79 49.47
CA LEU B 92 -13.01 -38.77 48.59
C LEU B 92 -13.03 -37.56 47.61
N HIS B 93 -12.59 -36.35 48.06
CA HIS B 93 -12.50 -35.18 47.16
C HIS B 93 -11.30 -35.23 46.20
N HIS B 94 -10.13 -35.71 46.66
CA HIS B 94 -9.02 -35.92 45.72
C HIS B 94 -9.50 -36.74 44.52
N ALA B 95 -10.18 -37.87 44.78
CA ALA B 95 -10.83 -38.59 43.68
C ALA B 95 -11.72 -37.66 42.86
N ALA B 96 -12.83 -37.20 43.42
CA ALA B 96 -13.76 -36.42 42.60
C ALA B 96 -13.05 -35.41 41.73
N ASP B 97 -12.04 -34.75 42.27
CA ASP B 97 -11.30 -33.81 41.47
C ASP B 97 -10.63 -34.53 40.33
N LEU B 98 -9.89 -35.63 40.64
CA LEU B 98 -9.18 -36.41 39.63
C LEU B 98 -10.15 -36.95 38.56
N GLU B 99 -11.41 -37.26 38.93
CA GLU B 99 -12.42 -37.69 37.95
C GLU B 99 -13.00 -36.53 37.17
N LYS B 100 -13.05 -35.36 37.80
CA LYS B 100 -13.49 -34.18 37.13
C LYS B 100 -12.52 -33.71 36.06
N LYS B 101 -11.21 -34.01 36.21
CA LYS B 101 -10.20 -33.73 35.19
C LYS B 101 -9.97 -34.91 34.22
N GLN B 102 -10.04 -36.19 34.64
CA GLN B 102 -9.97 -37.32 33.69
C GLN B 102 -11.14 -37.28 32.72
N ASN B 103 -12.30 -36.90 33.24
CA ASN B 103 -13.38 -36.46 32.37
C ASN B 103 -12.80 -35.50 31.35
N GLU B 104 -12.28 -34.36 31.79
CA GLU B 104 -11.67 -33.40 30.86
C GLU B 104 -10.69 -34.14 29.90
N THR B 105 -9.68 -34.85 30.44
CA THR B 105 -8.66 -35.50 29.60
C THR B 105 -9.29 -36.28 28.48
N GLU B 106 -10.23 -37.13 28.84
CA GLU B 106 -10.89 -37.97 27.87
C GLU B 106 -11.72 -37.14 26.88
N ASN B 107 -12.47 -36.12 27.36
CA ASN B 107 -13.34 -35.30 26.49
C ASN B 107 -12.60 -34.43 25.48
N ARG B 108 -11.31 -34.14 25.68
CA ARG B 108 -10.58 -33.40 24.65
C ARG B 108 -10.13 -34.29 23.50
N LYS B 109 -9.93 -35.59 23.75
CA LYS B 109 -9.57 -36.53 22.69
C LYS B 109 -10.72 -36.74 21.71
N LEU B 110 -11.93 -37.05 22.22
CA LEU B 110 -13.12 -37.40 21.42
C LEU B 110 -13.65 -36.19 20.57
N LEU B 111 -12.98 -35.00 20.58
CA LEU B 111 -13.39 -33.82 19.78
C LEU B 111 -13.33 -34.01 18.26
N GLY B 112 -14.45 -33.77 17.59
CA GLY B 112 -14.55 -33.90 16.14
C GLY B 112 -15.06 -35.23 15.57
N THR B 113 -15.44 -36.21 16.41
CA THR B 113 -15.95 -37.52 15.95
C THR B 113 -17.47 -37.53 15.80
N VAL B 114 -17.96 -38.21 14.77
CA VAL B 114 -19.39 -38.23 14.45
C VAL B 114 -20.18 -38.94 15.55
N ILE B 115 -21.27 -38.29 15.99
CA ILE B 115 -22.30 -38.93 16.82
C ILE B 115 -23.16 -39.84 15.96
N GLN B 116 -23.28 -41.09 16.37
CA GLN B 116 -24.18 -42.05 15.76
C GLN B 116 -25.55 -41.93 16.48
N TYR B 117 -26.60 -42.62 15.99
CA TYR B 117 -27.88 -42.66 16.73
C TYR B 117 -27.87 -43.80 17.75
N GLY B 118 -27.96 -43.45 19.04
CA GLY B 118 -27.78 -44.37 20.15
C GLY B 118 -26.46 -44.32 20.92
N ASN B 119 -25.75 -43.16 20.96
CA ASN B 119 -24.70 -42.75 21.93
C ASN B 119 -25.38 -42.08 23.17
N VAL B 120 -24.60 -41.74 24.25
CA VAL B 120 -25.13 -41.16 25.50
C VAL B 120 -24.52 -39.78 25.85
N ILE B 121 -24.86 -38.70 25.09
CA ILE B 121 -24.17 -37.40 25.22
C ILE B 121 -24.76 -36.62 26.40
N GLN B 122 -24.04 -35.56 26.83
CA GLN B 122 -24.60 -34.50 27.67
C GLN B 122 -24.52 -33.19 26.91
N LEU B 123 -25.46 -32.29 27.17
CA LEU B 123 -25.57 -31.03 26.42
C LEU B 123 -25.22 -29.93 27.44
N LEU B 124 -24.16 -29.15 27.16
CA LEU B 124 -23.79 -28.03 28.04
C LEU B 124 -24.26 -26.67 27.51
N HIS B 125 -24.94 -25.90 28.37
CA HIS B 125 -25.48 -24.59 27.99
C HIS B 125 -24.34 -23.55 27.94
N LEU B 126 -24.16 -22.89 26.80
CA LEU B 126 -22.99 -22.04 26.66
C LEU B 126 -23.01 -20.85 27.62
N LYS B 127 -24.19 -20.21 27.76
CA LYS B 127 -24.35 -18.92 28.42
C LYS B 127 -24.64 -18.97 29.93
N SER B 128 -25.09 -20.11 30.45
CA SER B 128 -25.13 -20.31 31.90
C SER B 128 -24.05 -21.26 32.41
N ASN B 129 -23.28 -21.92 31.50
CA ASN B 129 -22.21 -22.91 31.72
C ASN B 129 -22.67 -24.10 32.59
N LYS B 130 -24.00 -24.26 32.68
CA LYS B 130 -24.71 -25.30 33.42
C LYS B 130 -25.24 -26.43 32.52
N TYR B 131 -25.05 -27.68 32.99
CA TYR B 131 -25.56 -28.86 32.32
C TYR B 131 -27.03 -29.06 32.62
N LEU B 132 -27.85 -29.13 31.57
CA LEU B 132 -29.21 -29.64 31.69
C LEU B 132 -29.18 -30.91 32.60
N THR B 133 -30.22 -31.16 33.40
CA THR B 133 -30.22 -32.35 34.27
C THR B 133 -31.63 -32.81 34.66
N VAL B 134 -31.95 -34.06 34.33
CA VAL B 134 -33.17 -34.71 34.80
C VAL B 134 -32.95 -35.03 36.26
N ASN B 135 -33.53 -34.22 37.12
CA ASN B 135 -33.53 -34.55 38.52
C ASN B 135 -34.57 -35.65 38.58
N LYS B 136 -34.11 -36.90 38.57
CA LYS B 136 -35.03 -38.04 38.50
C LYS B 136 -36.14 -38.04 39.60
N ARG B 137 -35.79 -37.74 40.87
CA ARG B 137 -36.65 -37.98 42.06
C ARG B 137 -37.45 -36.74 42.52
N LEU B 138 -38.09 -36.04 41.59
CA LEU B 138 -38.86 -34.83 41.87
C LEU B 138 -40.06 -34.76 40.94
N PRO B 139 -41.12 -34.11 41.34
CA PRO B 139 -42.12 -33.64 40.37
C PRO B 139 -41.54 -32.47 39.59
N ALA B 140 -42.19 -32.17 38.48
CA ALA B 140 -41.92 -30.88 37.92
C ALA B 140 -42.71 -29.85 38.67
N LEU B 141 -42.37 -28.60 38.43
CA LEU B 141 -42.91 -27.48 39.19
C LEU B 141 -44.30 -27.08 38.69
N LEU B 142 -44.39 -26.70 37.40
CA LEU B 142 -45.66 -26.37 36.76
C LEU B 142 -46.44 -27.64 36.50
N GLU B 143 -45.76 -28.64 35.93
CA GLU B 143 -46.33 -29.93 35.57
C GLU B 143 -46.16 -30.91 36.71
N LYS B 144 -47.25 -31.60 37.04
CA LYS B 144 -47.27 -32.41 38.25
C LYS B 144 -46.45 -33.69 38.07
N ASN B 145 -46.88 -34.54 37.14
CA ASN B 145 -46.26 -35.84 36.98
C ASN B 145 -44.80 -35.68 36.65
N ALA B 146 -44.51 -34.82 35.69
CA ALA B 146 -43.17 -34.76 35.16
C ALA B 146 -42.17 -34.52 36.28
N MET B 147 -41.00 -35.13 36.14
CA MET B 147 -39.88 -34.86 36.99
C MET B 147 -39.46 -33.40 36.81
N ARG B 148 -38.55 -32.94 37.65
CA ARG B 148 -38.06 -31.56 37.54
C ARG B 148 -36.76 -31.54 36.76
N VAL B 149 -36.81 -30.86 35.65
CA VAL B 149 -35.60 -30.54 34.92
C VAL B 149 -35.09 -29.22 35.44
N THR B 150 -33.79 -29.17 35.72
CA THR B 150 -33.15 -28.02 36.29
C THR B 150 -31.75 -27.90 35.66
N LEU B 151 -31.03 -26.76 35.87
CA LEU B 151 -29.68 -26.55 35.24
C LEU B 151 -28.52 -26.68 36.24
N ASP B 152 -27.93 -27.90 36.29
CA ASP B 152 -26.90 -28.33 37.25
C ASP B 152 -25.47 -28.07 36.72
N GLU B 153 -24.66 -27.30 37.50
CA GLU B 153 -23.37 -26.75 37.04
C GLU B 153 -22.33 -27.85 36.69
N ALA B 154 -22.09 -28.81 37.61
CA ALA B 154 -21.12 -29.89 37.37
C ALA B 154 -21.77 -31.08 36.70
N GLY B 155 -23.06 -31.29 36.93
CA GLY B 155 -23.81 -32.38 36.33
C GLY B 155 -24.09 -33.46 37.35
N ASN B 156 -24.70 -34.53 36.84
CA ASN B 156 -24.84 -35.81 37.51
C ASN B 156 -25.52 -36.81 36.60
N GLU B 157 -25.71 -38.03 37.09
CA GLU B 157 -26.20 -39.09 36.22
C GLU B 157 -27.54 -38.81 35.59
N GLY B 158 -28.33 -37.93 36.18
CA GLY B 158 -29.56 -37.50 35.54
C GLY B 158 -29.26 -36.37 34.58
N SER B 159 -27.98 -36.27 34.11
CA SER B 159 -27.50 -35.47 32.98
C SER B 159 -26.86 -36.32 31.88
N TRP B 160 -26.98 -37.65 31.92
CA TRP B 160 -26.78 -38.49 30.74
C TRP B 160 -28.05 -38.58 29.93
N PHE B 161 -27.89 -38.65 28.60
CA PHE B 161 -29.00 -38.74 27.64
C PHE B 161 -28.64 -39.56 26.38
N TYR B 162 -29.50 -40.53 26.02
CA TYR B 162 -29.45 -41.21 24.69
C TYR B 162 -30.03 -40.30 23.58
N ILE B 163 -29.39 -40.29 22.39
CA ILE B 163 -29.85 -39.53 21.20
C ILE B 163 -30.30 -40.51 20.12
N GLN B 164 -31.59 -40.54 19.81
CA GLN B 164 -32.09 -41.55 18.87
C GLN B 164 -33.01 -40.93 17.82
N PRO B 165 -33.29 -41.66 16.70
CA PRO B 165 -33.99 -41.05 15.55
C PRO B 165 -35.54 -41.09 15.58
N PHE B 166 -36.16 -39.89 15.64
CA PHE B 166 -37.58 -39.73 15.97
C PHE B 166 -38.47 -40.46 14.99
N TYR B 167 -38.34 -40.05 13.73
CA TYR B 167 -38.81 -40.82 12.61
C TYR B 167 -37.76 -41.87 12.23
N LYS B 168 -38.24 -43.03 11.76
CA LYS B 168 -37.40 -44.17 11.35
C LYS B 168 -36.76 -43.97 9.98
N LEU B 169 -36.72 -42.72 9.50
CA LEU B 169 -35.85 -42.42 8.38
C LEU B 169 -34.44 -42.86 8.71
N ARG B 170 -33.97 -42.50 9.90
CA ARG B 170 -32.69 -42.97 10.40
C ARG B 170 -32.89 -43.80 11.67
N SER B 171 -32.00 -44.77 11.86
CA SER B 171 -32.15 -45.78 12.90
C SER B 171 -30.83 -45.91 13.63
N ILE B 172 -30.81 -46.79 14.63
CA ILE B 172 -29.64 -46.90 15.47
C ILE B 172 -28.46 -47.48 14.70
N GLY B 173 -27.26 -47.05 15.09
CA GLY B 173 -26.03 -47.42 14.44
C GLY B 173 -25.64 -46.53 13.28
N ASP B 174 -26.58 -45.71 12.81
CA ASP B 174 -26.37 -44.68 11.78
C ASP B 174 -26.01 -43.32 12.39
N SER B 175 -25.11 -42.58 11.71
CA SER B 175 -24.66 -41.27 12.18
C SER B 175 -25.83 -40.28 12.24
N VAL B 176 -25.71 -39.26 13.09
CA VAL B 176 -26.76 -38.26 13.25
C VAL B 176 -26.49 -37.08 12.33
N VAL B 177 -27.43 -36.78 11.44
CA VAL B 177 -27.28 -35.68 10.46
C VAL B 177 -27.66 -34.35 11.11
N ILE B 178 -27.33 -33.21 10.44
CA ILE B 178 -27.79 -31.91 10.88
C ILE B 178 -29.23 -31.70 10.44
N GLY B 179 -30.06 -31.22 11.38
CA GLY B 179 -31.50 -31.04 11.19
C GLY B 179 -32.40 -32.14 11.75
N ASP B 180 -31.93 -33.41 11.74
CA ASP B 180 -32.73 -34.58 12.10
C ASP B 180 -33.66 -34.27 13.24
N LYS B 181 -34.91 -34.59 13.07
CA LYS B 181 -35.76 -34.59 14.23
C LYS B 181 -35.37 -35.80 15.02
N VAL B 182 -34.90 -35.56 16.23
CA VAL B 182 -34.55 -36.62 17.12
C VAL B 182 -35.43 -36.51 18.34
N VAL B 183 -35.31 -37.50 19.22
CA VAL B 183 -35.75 -37.38 20.62
C VAL B 183 -34.48 -37.56 21.48
N LEU B 184 -34.55 -37.02 22.73
CA LEU B 184 -33.52 -37.17 23.80
C LEU B 184 -34.13 -37.81 25.09
N ASN B 185 -33.43 -38.81 25.69
CA ASN B 185 -33.95 -39.64 26.84
C ASN B 185 -32.92 -39.88 27.95
N PRO B 186 -33.16 -39.49 29.24
CA PRO B 186 -32.13 -39.66 30.29
C PRO B 186 -31.79 -41.14 30.64
N VAL B 187 -30.48 -41.42 30.87
CA VAL B 187 -29.99 -42.82 30.86
C VAL B 187 -30.56 -43.64 31.98
N ASN B 188 -30.92 -43.00 33.06
CA ASN B 188 -31.59 -43.63 34.16
C ASN B 188 -32.56 -42.68 34.82
N ALA B 189 -32.38 -41.36 34.64
CA ALA B 189 -33.27 -40.37 35.24
C ALA B 189 -34.70 -40.43 34.68
N GLY B 190 -35.11 -41.45 33.88
CA GLY B 190 -36.48 -41.93 33.65
C GLY B 190 -37.13 -41.73 32.29
N GLN B 191 -38.01 -40.71 32.23
CA GLN B 191 -38.74 -40.26 31.04
C GLN B 191 -37.93 -39.30 30.18
N PRO B 192 -38.28 -39.20 28.88
CA PRO B 192 -37.58 -38.28 27.98
C PRO B 192 -38.04 -36.85 28.14
N LEU B 193 -37.24 -35.95 27.57
CA LEU B 193 -37.53 -34.54 27.62
C LEU B 193 -38.79 -34.24 26.77
N HIS B 194 -39.43 -33.10 27.07
CA HIS B 194 -40.71 -32.65 26.47
C HIS B 194 -40.96 -31.16 26.80
N ALA B 195 -41.38 -30.36 25.79
CA ALA B 195 -41.57 -28.90 25.91
C ALA B 195 -43.03 -28.61 26.26
N SER B 196 -43.26 -28.01 27.44
CA SER B 196 -44.58 -28.15 28.06
C SER B 196 -45.61 -27.33 27.32
N SER B 197 -46.85 -27.52 27.76
CA SER B 197 -47.96 -26.71 27.31
C SER B 197 -48.27 -25.63 28.34
N HIS B 198 -47.46 -25.54 29.40
CA HIS B 198 -47.79 -24.81 30.62
C HIS B 198 -47.02 -23.49 30.68
N GLN B 199 -47.73 -22.38 30.65
CA GLN B 199 -47.02 -21.14 30.89
C GLN B 199 -46.71 -21.04 32.36
N LEU B 200 -45.49 -20.60 32.62
CA LEU B 200 -44.99 -20.36 33.96
C LEU B 200 -45.94 -19.33 34.59
N VAL B 201 -45.50 -18.74 35.73
CA VAL B 201 -46.33 -17.73 36.40
C VAL B 201 -45.83 -16.30 36.13
N ASP B 202 -44.51 -16.04 36.08
CA ASP B 202 -43.99 -14.66 36.07
C ASP B 202 -43.48 -14.16 34.74
N ASN B 203 -43.23 -15.04 33.76
CA ASN B 203 -42.67 -14.64 32.47
C ASN B 203 -43.65 -14.76 31.31
N GLY B 205 -45.68 -16.41 28.69
CA GLY B 205 -45.15 -16.80 27.39
C GLY B 205 -43.89 -17.69 27.38
N CYS B 206 -43.60 -18.44 28.45
CA CYS B 206 -42.44 -19.35 28.55
C CYS B 206 -42.94 -20.69 29.10
N ASN B 207 -42.71 -21.79 28.37
CA ASN B 207 -43.25 -23.09 28.77
C ASN B 207 -42.18 -23.94 29.41
N GLU B 208 -42.49 -24.48 30.60
CA GLU B 208 -41.57 -25.22 31.47
C GLU B 208 -41.24 -26.60 30.88
N VAL B 209 -39.98 -26.81 30.47
CA VAL B 209 -39.56 -28.13 29.96
C VAL B 209 -39.18 -29.02 31.14
N ASN B 210 -39.69 -30.26 31.13
CA ASN B 210 -39.65 -31.23 32.25
C ASN B 210 -39.45 -32.64 31.64
N SER B 211 -39.63 -33.76 32.44
CA SER B 211 -39.37 -35.16 31.98
C SER B 211 -40.59 -36.07 32.21
N VAL B 212 -41.27 -36.43 31.11
CA VAL B 212 -42.48 -37.28 31.09
C VAL B 212 -42.75 -37.63 29.62
N ASN B 213 -43.04 -38.88 29.34
CA ASN B 213 -43.28 -39.32 27.96
C ASN B 213 -44.31 -38.46 27.21
N CYS B 214 -43.91 -37.83 26.09
CA CYS B 214 -44.79 -37.03 25.20
C CYS B 214 -44.19 -37.07 23.77
N ASN B 215 -45.04 -36.71 22.74
CA ASN B 215 -44.73 -36.79 21.27
C ASN B 215 -44.19 -35.48 20.68
N THR B 216 -43.12 -34.98 21.27
CA THR B 216 -42.44 -33.78 20.81
C THR B 216 -41.28 -34.16 19.89
N SER B 217 -41.01 -33.34 18.88
CA SER B 217 -39.91 -33.63 17.97
C SER B 217 -38.99 -32.44 17.93
N TRP B 218 -37.70 -32.71 18.15
CA TRP B 218 -36.66 -31.70 18.30
C TRP B 218 -35.78 -31.65 17.06
N LYS B 219 -35.72 -30.47 16.48
CA LYS B 219 -34.95 -30.17 15.30
C LYS B 219 -33.62 -29.52 15.68
N ILE B 220 -32.51 -30.13 15.26
CA ILE B 220 -31.17 -29.72 15.70
C ILE B 220 -30.61 -28.76 14.64
N VAL B 221 -30.61 -27.47 14.96
CA VAL B 221 -30.29 -26.38 14.03
C VAL B 221 -28.85 -25.90 14.23
N LEU B 222 -27.93 -26.20 13.29
CA LEU B 222 -26.50 -25.88 13.48
C LEU B 222 -26.21 -24.39 13.37
N PHE B 223 -25.45 -23.93 14.35
CA PHE B 223 -24.92 -22.58 14.45
C PHE B 223 -23.45 -22.65 14.02
N MET B 224 -22.58 -23.14 14.88
CA MET B 224 -21.16 -23.15 14.61
C MET B 224 -20.68 -24.58 14.48
N LYS B 225 -20.01 -24.89 13.36
CA LYS B 225 -19.34 -26.18 13.29
C LYS B 225 -18.22 -26.22 14.33
N TRP B 226 -17.83 -27.44 14.78
CA TRP B 226 -16.82 -27.61 15.85
C TRP B 226 -15.47 -27.08 15.44
N SER B 227 -15.48 -26.06 14.57
CA SER B 227 -14.31 -25.34 14.12
C SER B 227 -14.48 -23.89 14.61
N ASP B 228 -14.00 -23.62 15.83
CA ASP B 228 -13.89 -22.30 16.44
C ASP B 228 -12.74 -22.32 17.47
N ASN B 229 -11.50 -22.23 16.96
CA ASN B 229 -10.30 -22.25 17.81
C ASN B 229 -10.26 -21.06 18.76
N LYS B 230 -10.45 -21.28 20.08
CA LYS B 230 -10.52 -20.16 21.05
C LYS B 230 -9.95 -20.51 22.44
N ASP B 231 -9.13 -19.64 23.09
CA ASP B 231 -8.72 -18.21 22.68
C ASP B 231 -7.47 -18.10 21.72
N ASP B 232 -7.72 -18.25 20.43
CA ASP B 232 -6.65 -18.26 19.45
C ASP B 232 -7.19 -17.66 18.14
N ILE B 233 -8.53 -17.60 17.97
CA ILE B 233 -9.20 -16.97 16.83
C ILE B 233 -10.39 -16.15 17.36
N LEU B 234 -10.75 -15.12 16.61
CA LEU B 234 -11.99 -14.37 16.79
C LEU B 234 -13.06 -14.95 15.84
N LYS B 235 -14.25 -15.22 16.38
CA LYS B 235 -15.37 -15.58 15.53
C LYS B 235 -16.68 -15.06 16.12
N GLY B 236 -17.69 -14.90 15.26
CA GLY B 236 -18.95 -14.34 15.71
C GLY B 236 -19.28 -14.80 17.11
N GLY B 237 -19.47 -13.86 18.05
CA GLY B 237 -19.91 -14.16 19.42
C GLY B 237 -18.87 -14.32 20.56
N ASP B 238 -17.58 -13.95 20.38
CA ASP B 238 -16.60 -13.77 21.49
C ASP B 238 -16.93 -12.46 22.25
N VAL B 239 -16.42 -12.31 23.49
CA VAL B 239 -16.50 -11.03 24.23
C VAL B 239 -15.09 -10.51 24.44
N VAL B 240 -14.84 -9.28 23.95
CA VAL B 240 -13.53 -8.61 23.93
C VAL B 240 -13.67 -7.14 24.34
N ARG B 241 -12.53 -6.51 24.73
CA ARG B 241 -12.42 -5.06 24.84
C ARG B 241 -11.54 -4.52 23.69
N LEU B 242 -11.71 -3.25 23.35
CA LEU B 242 -10.97 -2.65 22.23
C LEU B 242 -10.02 -1.54 22.72
N PHE B 243 -8.84 -1.93 23.20
CA PHE B 243 -7.90 -0.96 23.77
C PHE B 243 -7.38 -0.03 22.65
N HIS B 244 -6.79 1.13 22.99
CA HIS B 244 -6.21 2.08 22.01
C HIS B 244 -4.66 2.11 22.12
N ALA B 245 -3.96 2.08 20.97
CA ALA B 245 -2.50 1.92 20.95
C ALA B 245 -1.81 3.20 21.43
N GLU B 246 -2.12 4.33 20.79
CA GLU B 246 -1.52 5.63 21.12
C GLU B 246 -2.15 6.30 22.37
N GLN B 247 -3.48 6.52 22.38
CA GLN B 247 -4.17 7.16 23.51
C GLN B 247 -4.06 6.34 24.82
N GLU B 248 -3.81 5.03 24.73
CA GLU B 248 -3.82 4.08 25.86
C GLU B 248 -5.11 4.19 26.67
N LYS B 249 -6.25 3.85 26.03
CA LYS B 249 -7.58 4.02 26.64
C LYS B 249 -8.58 2.98 26.13
N PHE B 250 -9.49 2.55 27.03
CA PHE B 250 -10.51 1.55 26.68
C PHE B 250 -11.73 2.28 26.14
N LEU B 251 -12.26 1.78 25.00
CA LEU B 251 -13.52 2.26 24.40
C LEU B 251 -14.68 1.91 25.36
N THR B 252 -15.57 2.91 25.65
CA THR B 252 -16.60 2.81 26.70
C THR B 252 -17.92 3.54 26.32
N CYS B 253 -19.07 2.92 26.71
CA CYS B 253 -20.44 3.34 26.39
C CYS B 253 -21.22 3.68 27.64
N ASP B 254 -21.63 4.93 27.79
CA ASP B 254 -22.59 5.21 28.88
C ASP B 254 -23.28 6.53 28.54
N GLU B 255 -23.92 7.12 29.52
CA GLU B 255 -24.80 8.26 29.32
C GLU B 255 -24.14 9.49 29.91
N HIS B 256 -24.11 10.54 29.14
CA HIS B 256 -23.75 11.79 29.75
C HIS B 256 -24.76 12.78 29.25
N ARG B 257 -25.22 13.62 30.16
CA ARG B 257 -26.38 14.44 29.90
C ARG B 257 -27.51 13.62 29.27
N LYS B 258 -27.83 12.49 29.92
CA LYS B 258 -28.92 11.54 29.56
C LYS B 258 -28.76 10.99 28.14
N LYS B 259 -27.59 11.14 27.52
CA LYS B 259 -27.43 10.71 26.13
C LYS B 259 -26.39 9.63 26.06
N GLN B 260 -26.79 8.51 25.47
CA GLN B 260 -25.85 7.43 25.21
C GLN B 260 -24.73 7.96 24.32
N HIS B 261 -23.53 8.01 24.87
CA HIS B 261 -22.36 8.41 24.13
C HIS B 261 -21.30 7.34 24.21
N VAL B 262 -20.76 7.09 23.06
CA VAL B 262 -19.56 6.29 22.85
C VAL B 262 -18.38 7.24 22.98
N PHE B 263 -17.34 6.79 23.68
CA PHE B 263 -16.17 7.65 23.87
C PHE B 263 -15.00 6.73 24.25
N LEU B 264 -13.79 7.31 24.41
CA LEU B 264 -12.63 6.68 25.08
C LEU B 264 -12.53 7.13 26.57
N ARG B 265 -12.21 6.15 27.51
CA ARG B 265 -12.32 6.31 29.00
C ARG B 265 -10.99 6.62 29.70
N THR B 266 -10.78 7.93 30.07
CA THR B 266 -9.55 8.43 30.72
C THR B 266 -9.42 7.91 32.15
N THR B 267 -8.37 7.14 32.43
CA THR B 267 -8.19 6.50 33.72
C THR B 267 -7.12 7.23 34.52
N GLY B 268 -7.36 7.35 35.82
CA GLY B 268 -6.41 7.91 36.75
C GLY B 268 -5.40 6.90 37.26
N ARG B 269 -5.61 5.61 37.00
CA ARG B 269 -4.70 4.55 37.44
C ARG B 269 -3.28 4.84 36.91
N GLN B 270 -2.27 4.02 37.31
CA GLN B 270 -0.89 4.11 36.80
C GLN B 270 -0.48 2.89 35.96
N SER B 271 -1.43 2.32 35.24
CA SER B 271 -1.19 1.14 34.48
C SER B 271 -2.41 0.98 33.61
N ALA B 272 -2.35 1.56 32.42
CA ALA B 272 -3.56 1.63 31.63
C ALA B 272 -4.41 0.34 31.67
N THR B 273 -3.78 -0.84 31.49
CA THR B 273 -4.56 -2.06 31.31
C THR B 273 -5.32 -2.53 32.58
N SER B 274 -5.26 -1.81 33.73
CA SER B 274 -5.98 -2.19 34.96
C SER B 274 -7.31 -1.46 35.14
N ALA B 275 -7.61 -0.47 34.29
CA ALA B 275 -8.87 0.26 34.39
C ALA B 275 -9.98 -0.54 33.71
N THR B 276 -10.29 -1.70 34.30
CA THR B 276 -11.23 -2.66 33.72
C THR B 276 -12.63 -2.39 34.27
N SER B 277 -13.55 -2.12 33.35
CA SER B 277 -14.93 -1.75 33.65
C SER B 277 -15.84 -2.67 32.85
N SER B 278 -16.89 -3.24 33.52
CA SER B 278 -17.91 -4.11 32.86
C SER B 278 -18.67 -3.38 31.75
N LYS B 279 -18.41 -2.08 31.56
CA LYS B 279 -18.90 -1.26 30.46
C LYS B 279 -17.91 -1.13 29.29
N ALA B 280 -16.81 -1.92 29.24
CA ALA B 280 -15.92 -1.99 28.08
C ALA B 280 -16.05 -3.30 27.28
N LEU B 281 -17.13 -4.09 27.48
CA LEU B 281 -17.27 -5.45 26.96
C LEU B 281 -18.27 -5.52 25.81
N TRP B 282 -17.79 -6.02 24.65
CA TRP B 282 -18.58 -6.11 23.45
C TRP B 282 -18.71 -7.58 23.01
N GLU B 283 -19.80 -7.88 22.29
CA GLU B 283 -20.05 -9.14 21.61
C GLU B 283 -19.83 -8.96 20.09
N VAL B 284 -19.32 -10.05 19.42
CA VAL B 284 -18.88 -10.01 18.01
C VAL B 284 -19.84 -10.80 17.09
N GLU B 285 -20.21 -10.17 15.96
CA GLU B 285 -21.16 -10.68 14.96
C GLU B 285 -20.34 -10.96 13.73
N VAL B 286 -19.61 -12.07 13.75
CA VAL B 286 -19.02 -12.54 12.52
C VAL B 286 -20.26 -12.58 11.66
N VAL B 287 -20.65 -11.41 11.13
CA VAL B 287 -21.89 -11.34 10.37
C VAL B 287 -21.82 -12.51 9.43
N GLN B 288 -22.95 -13.17 9.27
CA GLN B 288 -23.06 -14.35 8.43
C GLN B 288 -24.23 -14.03 7.48
N HIS B 289 -24.83 -15.07 6.95
CA HIS B 289 -26.15 -14.97 6.33
C HIS B 289 -27.13 -15.73 7.22
N ASP B 290 -27.03 -17.05 7.30
CA ASP B 290 -27.84 -17.76 8.28
C ASP B 290 -27.30 -17.52 9.68
N PRO B 291 -28.15 -17.11 10.66
CA PRO B 291 -27.60 -16.85 12.00
C PRO B 291 -26.72 -18.01 12.45
N CYS B 292 -25.45 -17.99 12.03
CA CYS B 292 -24.54 -19.12 12.23
C CYS B 292 -23.16 -18.57 12.55
N ARG B 293 -22.14 -19.40 12.41
CA ARG B 293 -20.78 -19.13 12.89
C ARG B 293 -20.39 -17.68 12.58
N TRP B 299 -11.98 -13.12 9.22
CA TRP B 299 -10.77 -12.38 8.88
C TRP B 299 -10.84 -11.70 7.55
N ASN B 300 -11.75 -12.12 6.72
CA ASN B 300 -12.01 -11.40 5.51
C ASN B 300 -13.42 -10.84 5.48
N SER B 301 -14.36 -11.47 6.20
CA SER B 301 -15.74 -11.06 6.21
C SER B 301 -16.00 -10.17 7.39
N LEU B 302 -17.16 -9.52 7.34
CA LEU B 302 -17.40 -8.32 8.10
C LEU B 302 -17.83 -8.70 9.50
N PHE B 303 -18.14 -7.66 10.26
CA PHE B 303 -18.46 -7.80 11.65
C PHE B 303 -19.38 -6.65 12.06
N ARG B 304 -20.35 -6.99 12.92
CA ARG B 304 -21.18 -6.00 13.59
C ARG B 304 -20.93 -6.19 15.08
N PHE B 305 -20.94 -5.10 15.85
CA PHE B 305 -20.57 -5.16 17.27
C PHE B 305 -21.79 -4.82 18.14
N LYS B 306 -22.05 -5.65 19.17
CA LYS B 306 -23.16 -5.46 20.09
C LYS B 306 -22.67 -5.28 21.53
N HIS B 307 -22.96 -4.12 22.14
CA HIS B 307 -22.52 -3.85 23.51
C HIS B 307 -22.94 -5.00 24.46
N LEU B 308 -21.98 -5.59 25.21
CA LEU B 308 -22.29 -6.74 26.06
C LEU B 308 -23.10 -6.37 27.30
N ALA B 309 -23.31 -5.06 27.55
CA ALA B 309 -24.19 -4.57 28.63
C ALA B 309 -25.62 -4.21 28.15
N THR B 310 -25.80 -3.11 27.33
CA THR B 310 -27.14 -2.57 27.03
C THR B 310 -27.92 -3.39 25.97
N GLY B 311 -27.38 -3.60 24.77
CA GLY B 311 -28.05 -4.40 23.75
C GLY B 311 -28.20 -3.83 22.34
N HIS B 312 -27.80 -2.59 22.17
CA HIS B 312 -27.75 -1.97 20.85
C HIS B 312 -26.46 -2.39 20.11
N TYR B 313 -26.29 -1.86 18.89
CA TYR B 313 -25.07 -2.04 18.07
C TYR B 313 -24.44 -0.67 17.76
N LEU B 314 -23.20 -0.69 17.24
CA LEU B 314 -22.37 0.52 17.06
C LEU B 314 -22.49 1.01 15.63
N ALA B 315 -22.16 2.27 15.41
CA ALA B 315 -22.24 2.80 14.06
C ALA B 315 -21.71 4.24 14.14
N ALA B 316 -21.32 4.86 13.01
CA ALA B 316 -20.84 6.26 13.02
C ALA B 316 -21.71 7.20 12.14
N GLU B 317 -22.58 8.05 12.75
CA GLU B 317 -23.52 8.95 12.04
C GLU B 317 -23.43 10.42 12.49
N VAL B 318 -23.30 11.31 11.49
CA VAL B 318 -23.14 12.79 11.56
C VAL B 318 -22.62 13.31 12.87
N MET B 351 -14.52 16.06 10.54
CA MET B 351 -14.86 14.65 10.41
C MET B 351 -16.33 14.40 9.91
N VAL B 352 -16.46 13.57 8.87
CA VAL B 352 -17.74 13.37 8.19
C VAL B 352 -18.73 12.63 9.08
N TYR B 353 -18.24 11.71 9.90
CA TYR B 353 -19.11 10.90 10.74
C TYR B 353 -18.52 10.67 12.12
N SER B 354 -19.37 10.14 12.98
CA SER B 354 -18.95 9.95 14.34
C SER B 354 -19.63 8.71 14.83
N LEU B 355 -18.84 7.82 15.39
CA LEU B 355 -19.42 6.76 16.16
C LEU B 355 -20.47 7.31 17.14
N VAL B 356 -21.58 6.58 17.25
CA VAL B 356 -22.56 6.57 18.35
C VAL B 356 -23.42 5.29 18.24
N SER B 357 -24.33 5.08 19.20
CA SER B 357 -25.12 3.85 19.35
C SER B 357 -26.38 3.82 18.45
N VAL B 358 -26.74 2.61 17.99
CA VAL B 358 -27.97 2.35 17.24
C VAL B 358 -28.77 1.16 17.79
N PRO B 359 -30.08 1.32 18.04
CA PRO B 359 -30.80 0.35 18.90
C PRO B 359 -30.90 -1.07 18.39
N GLU B 360 -30.86 -1.28 17.10
CA GLU B 360 -30.90 -2.64 16.61
C GLU B 360 -29.72 -2.89 15.71
N GLY B 361 -29.26 -4.12 15.77
CA GLY B 361 -28.11 -4.45 14.97
C GLY B 361 -28.51 -5.07 13.68
N ASN B 362 -29.23 -4.29 12.88
CA ASN B 362 -29.84 -4.67 11.61
C ASN B 362 -29.59 -3.66 10.51
N ASP B 363 -29.73 -2.37 10.85
CA ASP B 363 -29.32 -1.34 9.93
C ASP B 363 -27.81 -1.50 9.65
N ILE B 364 -27.41 -1.18 8.42
CA ILE B 364 -26.06 -1.47 7.89
C ILE B 364 -24.98 -0.56 8.50
N SER B 365 -25.39 0.57 9.10
CA SER B 365 -24.46 1.42 9.83
C SER B 365 -23.80 0.67 11.00
N SER B 366 -24.23 -0.58 11.30
CA SER B 366 -23.62 -1.43 12.35
C SER B 366 -22.82 -2.61 11.78
N ILE B 367 -22.00 -2.38 10.76
CA ILE B 367 -21.14 -3.41 10.17
C ILE B 367 -19.76 -2.87 9.82
N PHE B 368 -18.75 -3.33 10.49
CA PHE B 368 -17.42 -2.78 10.27
C PHE B 368 -16.59 -3.76 9.45
N GLU B 369 -15.35 -3.33 9.17
CA GLU B 369 -14.33 -4.15 8.51
C GLU B 369 -13.01 -4.02 9.26
N LEU B 370 -12.09 -4.96 9.02
CA LEU B 370 -10.79 -4.97 9.67
C LEU B 370 -9.63 -4.81 8.66
N ASP B 371 -8.43 -4.38 9.15
CA ASP B 371 -7.10 -4.26 8.42
C ASP B 371 -5.88 -4.45 9.31
N PRO B 372 -4.88 -5.25 8.92
CA PRO B 372 -3.77 -5.44 9.87
C PRO B 372 -2.80 -4.23 9.94
N VAL B 382 -7.38 -14.59 11.11
CA VAL B 382 -7.66 -13.66 12.20
C VAL B 382 -7.17 -14.36 13.52
N PRO B 383 -6.41 -13.57 14.50
CA PRO B 383 -5.89 -14.15 15.78
C PRO B 383 -6.12 -13.45 17.17
N ARG B 384 -6.48 -14.21 18.22
CA ARG B 384 -6.75 -13.63 19.54
C ARG B 384 -5.63 -12.69 19.96
N ASN B 385 -5.99 -11.68 20.72
CA ASN B 385 -5.03 -10.67 21.13
C ASN B 385 -4.16 -10.29 19.95
N SER B 386 -4.82 -9.71 18.97
CA SER B 386 -4.16 -9.04 17.86
C SER B 386 -4.37 -7.51 18.01
N TYR B 387 -3.88 -6.74 17.02
CA TYR B 387 -3.94 -5.25 17.01
C TYR B 387 -4.12 -4.71 15.59
N VAL B 388 -5.30 -4.14 15.29
CA VAL B 388 -5.75 -3.81 13.91
C VAL B 388 -5.96 -2.31 13.61
N ARG B 389 -6.48 -1.98 12.41
CA ARG B 389 -7.10 -0.69 12.05
C ARG B 389 -8.44 -0.96 11.36
N LEU B 390 -9.56 -0.45 11.93
CA LEU B 390 -10.93 -0.80 11.49
C LEU B 390 -11.53 0.29 10.57
N ARG B 391 -12.42 -0.15 9.68
CA ARG B 391 -12.94 0.68 8.60
C ARG B 391 -14.45 0.53 8.45
N HIS B 392 -15.15 1.66 8.60
CA HIS B 392 -16.60 1.71 8.52
C HIS B 392 -16.97 1.28 7.09
N LEU B 393 -17.83 0.27 6.98
CA LEU B 393 -18.12 -0.28 5.67
C LEU B 393 -18.99 0.66 4.83
N CYS B 394 -20.05 1.22 5.44
CA CYS B 394 -21.01 2.14 4.76
C CYS B 394 -20.48 3.55 4.45
N THR B 395 -19.47 4.05 5.17
CA THR B 395 -18.95 5.42 4.96
C THR B 395 -17.48 5.44 4.58
N ASN B 396 -16.88 4.26 4.34
CA ASN B 396 -15.45 4.08 4.10
C ASN B 396 -14.72 5.22 4.75
N THR B 397 -14.51 5.05 6.04
CA THR B 397 -13.74 6.00 6.78
C THR B 397 -13.01 5.15 7.81
N TRP B 398 -11.81 5.61 8.17
CA TRP B 398 -10.92 4.94 9.11
C TRP B 398 -10.96 5.73 10.38
N VAL B 399 -11.52 5.10 11.40
CA VAL B 399 -11.93 5.73 12.65
C VAL B 399 -10.89 6.73 13.11
N HIS B 400 -11.31 7.69 13.94
CA HIS B 400 -10.32 8.64 14.43
C HIS B 400 -10.74 9.52 15.63
N SER B 401 -9.79 9.61 16.61
CA SER B 401 -9.99 10.06 18.01
C SER B 401 -9.77 11.56 18.20
N THR B 402 -10.62 12.18 19.03
CA THR B 402 -10.52 13.59 19.29
C THR B 402 -10.39 13.81 20.78
N ASN B 403 -10.18 15.08 21.12
CA ASN B 403 -9.89 15.51 22.48
C ASN B 403 -10.88 16.51 23.05
N ILE B 404 -11.84 16.96 22.27
CA ILE B 404 -12.97 17.69 22.81
C ILE B 404 -13.88 16.68 23.52
N PRO B 405 -14.05 16.73 24.91
CA PRO B 405 -14.84 15.68 25.61
C PRO B 405 -16.36 15.94 25.73
N ILE B 406 -17.12 15.06 26.39
CA ILE B 406 -18.50 15.37 26.82
C ILE B 406 -18.72 14.79 28.22
N GLU B 409 -20.31 18.57 31.48
CA GLU B 409 -20.78 19.32 32.66
C GLU B 409 -19.85 18.93 33.79
N GLU B 410 -18.74 18.29 33.44
CA GLU B 410 -17.80 17.87 34.44
C GLU B 410 -16.45 18.59 34.30
N GLU B 411 -15.90 19.01 35.45
CA GLU B 411 -14.67 19.80 35.60
C GLU B 411 -13.46 18.89 35.48
N LYS B 412 -12.72 19.00 34.40
CA LYS B 412 -11.73 17.97 34.17
C LYS B 412 -12.53 16.69 34.00
N PRO B 413 -13.32 16.57 32.83
CA PRO B 413 -14.16 15.38 32.60
C PRO B 413 -13.36 14.12 32.39
N VAL B 414 -13.91 13.15 31.66
CA VAL B 414 -13.17 11.95 31.31
C VAL B 414 -13.54 11.57 29.88
N MET B 415 -14.80 11.70 29.50
CA MET B 415 -15.30 11.05 28.27
C MET B 415 -14.75 11.77 27.05
N LEU B 416 -13.85 11.10 26.27
CA LEU B 416 -13.27 11.69 25.06
C LEU B 416 -13.94 11.16 23.78
N LYS B 417 -14.58 12.06 23.01
CA LYS B 417 -15.38 11.68 21.84
C LYS B 417 -14.54 10.94 20.81
N ILE B 418 -15.22 10.18 19.94
CA ILE B 418 -14.61 9.38 18.88
C ILE B 418 -15.41 9.53 17.57
N GLY B 419 -14.73 9.92 16.48
CA GLY B 419 -15.42 9.89 15.20
C GLY B 419 -14.70 9.06 14.17
N THR B 420 -14.51 9.62 13.00
CA THR B 420 -13.78 8.87 12.00
C THR B 420 -13.13 9.90 11.12
N SER B 421 -12.41 9.42 10.08
CA SER B 421 -11.74 10.27 9.11
C SER B 421 -11.48 9.50 7.82
N PRO B 422 -11.71 10.09 6.67
CA PRO B 422 -11.37 9.40 5.42
C PRO B 422 -9.86 9.26 5.17
N LEU B 423 -8.98 9.53 6.17
CA LEU B 423 -7.52 9.37 6.04
C LEU B 423 -7.03 8.20 6.93
N LYS B 424 -6.59 7.10 6.29
CA LYS B 424 -6.16 5.89 6.99
C LYS B 424 -4.87 6.17 7.73
N GLU B 425 -4.94 6.07 9.05
CA GLU B 425 -3.79 6.36 9.88
C GLU B 425 -3.02 5.05 10.15
N ASP B 426 -2.00 5.11 11.03
CA ASP B 426 -1.14 3.98 11.42
C ASP B 426 -1.12 3.78 12.92
N LYS B 427 -1.25 4.87 13.69
CA LYS B 427 -1.26 4.89 15.16
C LYS B 427 -2.64 4.64 15.75
N GLU B 428 -3.71 5.08 15.08
CA GLU B 428 -5.11 4.90 15.50
C GLU B 428 -5.49 3.43 15.42
N ALA B 429 -4.72 2.54 16.08
CA ALA B 429 -4.94 1.08 16.14
C ALA B 429 -5.51 0.67 17.51
N PHE B 430 -6.39 -0.37 17.50
CA PHE B 430 -7.09 -0.91 18.68
C PHE B 430 -6.66 -2.36 19.01
N ALA B 431 -6.75 -2.75 20.29
CA ALA B 431 -6.37 -4.09 20.74
C ALA B 431 -7.61 -4.89 21.08
N ILE B 432 -7.67 -6.12 20.55
CA ILE B 432 -8.81 -7.00 20.75
C ILE B 432 -8.56 -7.90 21.95
N VAL B 433 -8.62 -7.30 23.13
CA VAL B 433 -8.20 -7.99 24.32
C VAL B 433 -9.27 -9.06 24.61
N PRO B 434 -8.99 -10.36 24.47
CA PRO B 434 -10.04 -11.38 24.71
C PRO B 434 -10.39 -11.50 26.17
N VAL B 435 -11.71 -11.35 26.47
CA VAL B 435 -12.22 -11.35 27.85
C VAL B 435 -12.34 -12.79 28.36
N SER B 436 -12.36 -12.97 29.73
CA SER B 436 -12.51 -14.31 30.36
C SER B 436 -13.98 -14.70 30.54
N PRO B 437 -14.37 -15.94 30.21
CA PRO B 437 -15.81 -16.30 30.20
C PRO B 437 -16.40 -16.37 31.59
N ALA B 438 -15.57 -16.65 32.58
CA ALA B 438 -16.02 -16.53 33.94
C ALA B 438 -16.52 -15.14 34.19
N GLU B 439 -15.73 -14.14 33.76
CA GLU B 439 -16.06 -12.73 33.97
C GLU B 439 -17.33 -12.33 33.25
N VAL B 440 -17.43 -12.67 31.97
CA VAL B 440 -18.66 -12.51 31.23
C VAL B 440 -19.78 -13.05 32.12
N ARG B 441 -19.61 -14.30 32.56
CA ARG B 441 -20.66 -14.88 33.40
C ARG B 441 -20.85 -14.15 34.71
N ASP B 442 -19.92 -13.26 35.04
CA ASP B 442 -20.06 -12.38 36.20
C ASP B 442 -20.97 -11.19 35.89
N LEU B 443 -20.67 -10.45 34.81
CA LEU B 443 -21.62 -9.44 34.33
C LEU B 443 -23.04 -10.02 34.32
N ASP B 444 -23.22 -11.20 33.70
CA ASP B 444 -24.55 -11.83 33.67
C ASP B 444 -25.10 -12.04 35.07
N PHE B 445 -24.39 -12.86 35.87
CA PHE B 445 -24.84 -13.30 37.18
C PHE B 445 -24.99 -12.14 38.10
N ALA B 446 -24.77 -10.94 37.58
CA ALA B 446 -25.16 -9.70 38.21
C ALA B 446 -26.36 -9.02 37.54
N ASN B 447 -26.42 -8.99 36.20
CA ASN B 447 -27.53 -8.36 35.51
C ASN B 447 -28.84 -8.98 35.90
N ASP B 448 -28.89 -10.32 35.86
CA ASP B 448 -30.09 -10.95 36.36
C ASP B 448 -30.46 -10.30 37.66
N ALA B 449 -29.57 -10.36 38.67
CA ALA B 449 -29.86 -9.75 39.95
C ALA B 449 -30.48 -8.36 39.78
N SER B 450 -29.91 -7.53 38.89
CA SER B 450 -30.44 -6.18 38.71
C SER B 450 -31.89 -6.21 38.25
N LYS B 451 -32.32 -7.28 37.57
CA LYS B 451 -33.72 -7.37 37.10
C LYS B 451 -34.63 -8.25 37.92
N VAL B 452 -34.07 -9.12 38.75
CA VAL B 452 -34.81 -9.75 39.83
C VAL B 452 -35.28 -8.70 40.83
N LEU B 453 -34.33 -7.86 41.35
CA LEU B 453 -34.68 -6.75 42.25
C LEU B 453 -35.34 -5.59 41.51
N GLY B 454 -35.17 -5.54 40.17
CA GLY B 454 -36.03 -4.71 39.33
C GLY B 454 -37.50 -5.15 39.27
N SER B 455 -37.80 -6.46 39.45
CA SER B 455 -39.21 -6.83 39.64
C SER B 455 -39.68 -6.75 41.14
N ILE B 456 -38.89 -7.24 42.11
CA ILE B 456 -39.40 -7.34 43.49
C ILE B 456 -39.42 -5.98 44.22
N ALA B 457 -38.44 -5.08 43.97
CA ALA B 457 -38.46 -3.76 44.66
C ALA B 457 -39.50 -2.80 44.11
N GLY B 458 -40.08 -3.08 42.94
CA GLY B 458 -41.16 -2.32 42.34
C GLY B 458 -42.51 -2.98 42.57
N LYS B 459 -42.50 -4.25 42.99
CA LYS B 459 -43.73 -4.94 43.43
C LYS B 459 -44.04 -4.67 44.90
N LEU B 460 -43.02 -4.36 45.71
CA LEU B 460 -43.13 -4.09 47.15
C LEU B 460 -43.04 -2.60 47.51
N GLU B 461 -42.83 -1.74 46.51
CA GLU B 461 -42.97 -0.30 46.70
C GLU B 461 -44.44 0.16 46.57
N LYS B 462 -45.31 -0.57 45.84
CA LYS B 462 -46.70 -0.18 45.62
C LYS B 462 -47.66 -1.33 45.80
N GLY B 463 -47.52 -2.06 46.88
CA GLY B 463 -48.36 -3.19 47.15
C GLY B 463 -47.55 -4.38 47.65
N THR B 464 -48.08 -5.57 47.44
CA THR B 464 -47.62 -6.76 48.15
C THR B 464 -46.89 -7.72 47.21
N ILE B 465 -46.05 -8.57 47.83
CA ILE B 465 -45.40 -9.73 47.21
C ILE B 465 -45.93 -11.00 47.85
N THR B 466 -46.01 -12.05 47.03
CA THR B 466 -46.60 -13.33 47.39
C THR B 466 -45.73 -14.03 48.42
N GLN B 467 -46.12 -15.26 48.74
CA GLN B 467 -45.32 -16.11 49.61
C GLN B 467 -44.29 -16.96 48.85
N ASN B 468 -44.10 -16.73 47.55
CA ASN B 468 -43.00 -17.31 46.78
C ASN B 468 -41.86 -16.32 46.47
N GLU B 469 -42.10 -15.00 46.53
CA GLU B 469 -41.10 -13.99 46.16
C GLU B 469 -40.13 -13.69 47.30
N ARG B 470 -40.64 -13.64 48.53
CA ARG B 470 -39.74 -13.63 49.68
C ARG B 470 -38.69 -14.77 49.61
N ARG B 471 -39.13 -16.03 49.40
CA ARG B 471 -38.23 -17.20 49.48
C ARG B 471 -37.04 -17.16 48.51
N SER B 472 -37.17 -16.48 47.36
CA SER B 472 -36.15 -16.41 46.32
C SER B 472 -35.32 -15.14 46.39
N VAL B 473 -35.88 -14.01 46.86
CA VAL B 473 -35.04 -12.82 47.04
C VAL B 473 -34.15 -12.99 48.27
N THR B 474 -34.66 -13.59 49.33
CA THR B 474 -33.79 -13.98 50.43
C THR B 474 -32.71 -14.91 49.93
N LYS B 475 -33.12 -15.90 49.12
CA LYS B 475 -32.19 -16.78 48.45
C LYS B 475 -31.14 -15.98 47.67
N LEU B 476 -31.59 -15.00 46.88
CA LEU B 476 -30.67 -14.20 46.07
C LEU B 476 -29.70 -13.41 46.94
N LEU B 477 -30.20 -12.83 48.05
CA LEU B 477 -29.38 -12.06 49.00
C LEU B 477 -28.46 -12.93 49.87
N GLU B 478 -28.54 -14.26 49.76
CA GLU B 478 -27.47 -15.18 50.18
C GLU B 478 -26.44 -15.47 49.09
N ASP B 479 -26.91 -15.74 47.87
CA ASP B 479 -25.98 -15.99 46.77
C ASP B 479 -25.00 -14.83 46.57
N LEU B 480 -25.48 -13.58 46.62
CA LEU B 480 -24.57 -12.44 46.42
C LEU B 480 -23.46 -12.44 47.45
N VAL B 481 -23.82 -12.64 48.72
CA VAL B 481 -22.79 -12.79 49.73
C VAL B 481 -21.80 -13.84 49.29
N TYR B 482 -22.32 -14.96 48.83
CA TYR B 482 -21.46 -16.01 48.35
C TYR B 482 -20.58 -15.53 47.20
N PHE B 483 -21.07 -14.59 46.39
CA PHE B 483 -20.36 -14.13 45.21
C PHE B 483 -19.29 -13.12 45.57
N VAL B 484 -19.70 -12.00 46.16
CA VAL B 484 -18.84 -10.86 46.32
C VAL B 484 -17.64 -11.20 47.14
N THR B 485 -17.69 -12.31 47.84
CA THR B 485 -16.53 -12.76 48.57
C THR B 485 -15.82 -13.90 47.84
N GLY B 486 -15.84 -13.87 46.50
CA GLY B 486 -15.08 -14.80 45.68
C GLY B 486 -15.16 -16.14 46.33
N GLY B 487 -16.37 -16.47 46.78
CA GLY B 487 -16.71 -17.76 47.32
C GLY B 487 -15.98 -18.12 48.60
N THR B 488 -16.10 -17.29 49.61
CA THR B 488 -15.72 -17.68 50.94
C THR B 488 -16.93 -17.65 51.84
N ASN B 489 -17.61 -16.52 51.87
CA ASN B 489 -18.72 -16.39 52.76
C ASN B 489 -19.99 -16.91 52.12
N SER B 490 -21.05 -16.79 52.87
CA SER B 490 -22.31 -17.28 52.43
C SER B 490 -23.45 -16.46 52.93
N LEU B 495 -26.78 -20.15 58.57
CA LEU B 495 -25.39 -20.30 58.09
C LEU B 495 -24.33 -20.24 59.21
N GLU B 496 -23.11 -20.63 58.85
CA GLU B 496 -21.95 -20.54 59.76
C GLU B 496 -20.67 -20.50 58.92
N VAL B 497 -19.94 -19.37 58.94
CA VAL B 497 -18.74 -19.14 58.11
C VAL B 497 -17.41 -19.57 58.78
N VAL B 498 -16.24 -19.04 58.32
CA VAL B 498 -14.94 -19.21 59.01
C VAL B 498 -14.05 -18.00 58.75
N PHE B 499 -14.13 -17.51 57.51
CA PHE B 499 -13.32 -16.44 56.98
C PHE B 499 -14.20 -15.64 56.03
N SER B 500 -13.83 -14.37 55.85
CA SER B 500 -14.69 -13.41 55.14
C SER B 500 -13.80 -12.40 54.46
N LYS B 501 -13.43 -12.66 53.22
CA LYS B 501 -12.52 -11.79 52.55
C LYS B 501 -13.15 -11.33 51.24
N PRO B 502 -12.81 -10.11 50.75
CA PRO B 502 -13.54 -9.53 49.61
C PRO B 502 -12.82 -9.65 48.28
N ASN B 503 -13.59 -9.44 47.22
CA ASN B 503 -13.13 -9.47 45.85
C ASN B 503 -13.51 -8.11 45.27
N ARG B 504 -12.58 -7.43 44.58
CA ARG B 504 -12.77 -6.03 44.22
C ARG B 504 -13.62 -5.82 42.95
N GLU B 505 -13.40 -6.67 41.92
CA GLU B 505 -14.01 -6.51 40.58
C GLU B 505 -15.54 -6.75 40.57
N ARG B 506 -16.06 -7.64 41.43
CA ARG B 506 -17.50 -7.86 41.53
C ARG B 506 -18.19 -6.71 42.22
N GLN B 507 -17.61 -6.21 43.32
CA GLN B 507 -18.02 -4.93 43.86
C GLN B 507 -18.15 -3.91 42.74
N LYS B 508 -17.07 -3.70 41.98
CA LYS B 508 -17.11 -2.77 40.86
C LYS B 508 -18.21 -3.13 39.87
N LEU B 509 -18.49 -4.43 39.74
CA LEU B 509 -19.56 -4.90 38.87
C LEU B 509 -20.93 -4.54 39.44
N MET B 510 -21.02 -4.48 40.77
CA MET B 510 -22.25 -4.07 41.46
C MET B 510 -22.54 -2.59 41.19
N ARG B 511 -21.56 -1.71 41.45
CA ARG B 511 -21.82 -0.27 41.24
C ARG B 511 -21.94 0.06 39.77
N GLU B 512 -21.33 -0.76 38.91
CA GLU B 512 -21.46 -0.58 37.48
C GLU B 512 -22.52 -1.48 36.83
N GLN B 513 -23.29 -2.24 37.63
CA GLN B 513 -24.50 -2.93 37.19
C GLN B 513 -25.68 -2.74 38.13
N ASN B 514 -25.66 -1.65 38.88
CA ASN B 514 -26.78 -1.16 39.67
C ASN B 514 -27.38 -2.35 40.39
N ILE B 515 -26.49 -3.07 41.01
CA ILE B 515 -26.91 -3.88 42.10
C ILE B 515 -27.16 -3.02 43.32
N LEU B 516 -26.14 -2.28 43.78
CA LEU B 516 -26.28 -1.47 44.98
C LEU B 516 -27.44 -0.50 44.87
N LYS B 517 -27.50 0.20 43.73
CA LYS B 517 -28.64 1.07 43.48
C LYS B 517 -29.94 0.31 43.77
N GLN B 518 -30.09 -0.90 43.20
CA GLN B 518 -31.31 -1.69 43.42
C GLN B 518 -31.55 -1.91 44.90
N ILE B 519 -30.48 -2.20 45.66
CA ILE B 519 -30.61 -2.39 47.10
C ILE B 519 -31.25 -1.17 47.78
N PHE B 520 -30.72 0.04 47.45
CA PHE B 520 -31.26 1.23 48.12
C PHE B 520 -32.64 1.70 47.61
N LYS B 521 -33.12 1.21 46.45
CA LYS B 521 -34.53 1.39 46.06
C LYS B 521 -35.35 0.10 46.22
N LEU B 522 -34.89 -0.82 47.07
CA LEU B 522 -35.67 -1.92 47.69
C LEU B 522 -36.06 -1.60 49.14
N LEU B 523 -35.08 -1.29 50.04
CA LEU B 523 -35.41 -1.05 51.46
C LEU B 523 -36.51 0.02 51.66
N GLN B 524 -36.69 0.95 50.71
CA GLN B 524 -37.48 2.15 50.93
C GLN B 524 -38.98 1.87 50.74
N ALA B 525 -39.77 2.16 51.80
CA ALA B 525 -41.25 2.16 51.80
C ALA B 525 -41.90 3.50 52.30
N PRO B 548 -41.24 -11.36 59.29
CA PRO B 548 -41.54 -10.52 58.12
C PRO B 548 -40.29 -10.02 57.39
N PHE B 549 -39.42 -9.26 58.09
CA PHE B 549 -38.14 -8.72 57.61
C PHE B 549 -36.91 -9.37 58.28
N ARG B 550 -37.07 -10.30 59.24
CA ARG B 550 -35.96 -10.99 59.91
C ARG B 550 -34.98 -11.73 58.99
N HIS B 551 -35.15 -11.63 57.67
CA HIS B 551 -34.12 -12.10 56.74
C HIS B 551 -34.13 -11.47 55.37
N ILE B 552 -34.32 -10.14 55.38
CA ILE B 552 -34.23 -9.23 54.25
C ILE B 552 -33.25 -8.13 54.70
N CYS B 553 -33.60 -7.38 55.76
CA CYS B 553 -32.68 -6.46 56.52
C CYS B 553 -32.28 -6.92 57.96
N ARG B 554 -31.04 -6.75 58.43
CA ARG B 554 -29.93 -6.16 57.70
C ARG B 554 -29.17 -7.27 56.98
N LEU B 555 -29.86 -8.01 56.08
CA LEU B 555 -29.27 -8.99 55.16
C LEU B 555 -28.80 -8.33 53.87
N CYS B 556 -29.61 -7.40 53.33
CA CYS B 556 -29.11 -6.37 52.41
C CYS B 556 -27.93 -5.66 53.05
N TYR B 557 -28.10 -5.23 54.33
CA TYR B 557 -27.04 -4.47 55.03
C TYR B 557 -25.78 -5.29 55.25
N ARG B 558 -25.86 -6.63 55.26
CA ARG B 558 -24.67 -7.47 55.23
C ARG B 558 -24.04 -7.51 53.84
N VAL B 559 -24.85 -7.59 52.79
CA VAL B 559 -24.31 -7.51 51.42
C VAL B 559 -23.54 -6.22 51.21
N LEU B 560 -24.21 -5.07 51.44
CA LEU B 560 -23.51 -3.79 51.52
C LEU B 560 -22.25 -3.99 52.36
N ARG B 561 -22.37 -4.66 53.52
CA ARG B 561 -21.19 -4.94 54.34
C ARG B 561 -20.05 -5.71 53.59
N HIS B 562 -20.33 -6.40 52.48
CA HIS B 562 -19.26 -7.12 51.76
C HIS B 562 -18.67 -6.38 50.59
N SER B 563 -19.44 -5.46 50.00
CA SER B 563 -19.08 -4.81 48.74
C SER B 563 -18.30 -3.49 48.91
N GLN B 564 -18.35 -2.82 50.07
CA GLN B 564 -17.52 -1.62 50.21
C GLN B 564 -16.16 -1.92 50.83
N GLN B 565 -15.96 -3.13 51.39
CA GLN B 565 -14.74 -3.46 52.15
C GLN B 565 -13.49 -3.05 51.38
N ASP B 566 -12.68 -2.15 52.00
CA ASP B 566 -11.45 -1.62 51.44
C ASP B 566 -11.57 -0.83 50.16
N TYR B 567 -12.80 -0.49 49.74
CA TYR B 567 -13.05 0.03 48.39
C TYR B 567 -13.58 1.45 48.54
N ARG B 568 -12.67 2.42 48.65
CA ARG B 568 -13.04 3.80 48.93
C ARG B 568 -14.09 4.34 47.98
N LYS B 569 -13.98 4.01 46.69
CA LYS B 569 -14.87 4.59 45.68
C LYS B 569 -16.32 4.30 45.98
N ASN B 570 -16.64 3.04 46.33
CA ASN B 570 -18.02 2.62 46.63
C ASN B 570 -18.49 3.12 48.01
N GLN B 571 -17.56 3.40 48.93
CA GLN B 571 -17.91 4.04 50.21
C GLN B 571 -18.29 5.50 50.05
N GLU B 572 -17.55 6.19 49.20
CA GLU B 572 -17.96 7.56 48.96
C GLU B 572 -19.32 7.63 48.29
N TYR B 573 -19.90 6.48 47.87
CA TYR B 573 -21.35 6.25 47.71
C TYR B 573 -22.07 6.22 49.03
N ILE B 574 -21.34 5.86 50.09
CA ILE B 574 -21.92 5.60 51.40
C ILE B 574 -22.04 6.86 52.24
N ALA B 575 -21.80 8.07 51.71
CA ALA B 575 -21.98 9.30 52.46
C ALA B 575 -23.41 9.36 52.99
N LYS B 576 -24.38 9.54 52.09
CA LYS B 576 -25.78 9.71 52.52
C LYS B 576 -26.24 8.56 53.41
N GLN B 577 -26.34 7.39 52.81
CA GLN B 577 -26.83 6.20 53.49
C GLN B 577 -26.13 5.95 54.82
N PHE B 578 -25.10 6.76 55.13
CA PHE B 578 -24.47 6.67 56.44
C PHE B 578 -25.51 6.68 57.56
N GLY B 579 -26.50 7.58 57.49
CA GLY B 579 -27.54 7.59 58.53
C GLY B 579 -28.06 6.17 58.79
N PHE B 580 -28.35 5.44 57.71
CA PHE B 580 -28.96 4.10 57.78
C PHE B 580 -28.25 3.14 58.73
N MET B 581 -26.92 3.25 58.83
CA MET B 581 -26.15 2.31 59.67
C MET B 581 -26.77 2.10 61.07
N GLN B 582 -27.74 2.95 61.50
CA GLN B 582 -28.44 2.78 62.81
C GLN B 582 -29.77 1.97 62.83
N LYS B 583 -30.74 2.25 61.92
CA LYS B 583 -32.06 1.58 61.98
C LYS B 583 -32.01 0.15 61.44
N GLN B 584 -30.93 -0.21 60.70
CA GLN B 584 -30.51 -1.59 60.38
C GLN B 584 -29.65 -2.24 61.46
N ILE B 585 -29.35 -1.52 62.54
CA ILE B 585 -28.66 -2.04 63.73
C ILE B 585 -29.62 -2.34 64.86
N GLY B 586 -30.91 -1.98 64.69
CA GLY B 586 -31.94 -2.39 65.65
C GLY B 586 -32.31 -3.85 65.56
N TYR B 587 -33.32 -4.18 64.77
CA TYR B 587 -33.76 -5.55 64.34
C TYR B 587 -32.77 -6.69 64.35
N ASP B 588 -31.47 -6.37 64.37
CA ASP B 588 -30.36 -7.29 64.59
C ASP B 588 -29.02 -6.52 64.50
N VAL B 589 -27.99 -6.95 65.24
CA VAL B 589 -26.74 -6.23 65.30
C VAL B 589 -25.99 -6.37 63.96
N LEU B 590 -26.71 -6.62 62.84
CA LEU B 590 -26.06 -6.76 61.54
C LEU B 590 -25.35 -5.49 61.15
N ALA B 591 -26.05 -4.36 61.21
CA ALA B 591 -25.45 -3.05 60.94
C ALA B 591 -24.42 -2.62 61.95
N GLU B 592 -23.87 -3.55 62.74
CA GLU B 592 -22.65 -3.38 63.50
C GLU B 592 -21.40 -3.72 62.65
N ASP B 593 -21.35 -4.92 62.09
CA ASP B 593 -20.10 -5.44 61.51
C ASP B 593 -19.36 -4.40 60.70
N THR B 594 -20.08 -3.39 60.20
CA THR B 594 -19.56 -2.39 59.26
C THR B 594 -18.93 -1.14 59.92
N ILE B 595 -19.64 -0.43 60.81
CA ILE B 595 -19.03 0.80 61.36
C ILE B 595 -17.75 0.44 62.14
N THR B 596 -17.72 -0.76 62.72
CA THR B 596 -16.51 -1.44 63.17
C THR B 596 -15.54 -1.50 61.99
N ALA B 597 -15.86 -2.28 60.93
CA ALA B 597 -15.06 -2.25 59.68
C ALA B 597 -14.79 -0.82 59.16
N LEU B 598 -15.66 0.14 59.49
CA LEU B 598 -15.37 1.53 59.18
C LEU B 598 -14.30 2.09 60.12
N LEU B 599 -14.54 2.05 61.44
CA LEU B 599 -13.66 2.71 62.41
C LEU B 599 -12.14 2.37 62.28
N HIS B 600 -11.77 1.17 61.77
CA HIS B 600 -10.37 0.75 61.61
C HIS B 600 -9.77 1.07 60.24
N ASN B 601 -10.60 1.04 59.19
CA ASN B 601 -10.26 1.65 57.90
C ASN B 601 -10.77 3.10 57.83
N ASN B 602 -12.05 3.34 58.12
CA ASN B 602 -12.69 4.68 58.14
C ASN B 602 -12.73 5.33 59.53
N ARG B 603 -11.60 5.43 60.22
CA ARG B 603 -11.50 6.25 61.42
C ARG B 603 -11.71 7.71 61.05
N LYS B 604 -12.03 8.50 62.07
CA LYS B 604 -12.05 9.95 61.93
C LYS B 604 -13.41 10.49 61.48
N LEU B 605 -13.93 10.11 60.31
CA LEU B 605 -15.09 10.79 59.71
C LEU B 605 -16.43 10.45 60.36
N LEU B 606 -16.48 9.41 61.20
CA LEU B 606 -17.63 9.13 62.06
C LEU B 606 -17.71 10.08 63.28
N GLU B 607 -16.68 10.07 64.17
CA GLU B 607 -16.64 10.87 65.39
C GLU B 607 -17.14 12.30 65.16
N LYS B 608 -17.06 12.75 63.88
CA LYS B 608 -17.37 14.09 63.41
C LYS B 608 -18.89 14.41 63.35
N HIS B 609 -19.73 13.53 62.75
CA HIS B 609 -21.21 13.63 62.75
C HIS B 609 -21.92 12.76 63.82
N ILE B 610 -21.63 11.45 63.80
CA ILE B 610 -21.95 10.68 65.00
C ILE B 610 -21.63 11.62 66.16
N THR B 611 -20.36 12.05 66.29
CA THR B 611 -20.06 13.37 66.92
C THR B 611 -20.71 13.47 68.29
N ALA B 612 -21.50 14.52 68.58
CA ALA B 612 -22.51 14.46 69.63
C ALA B 612 -23.68 13.50 69.28
N ALA B 613 -23.88 13.05 68.00
CA ALA B 613 -25.06 12.19 67.76
C ALA B 613 -24.98 10.84 68.49
N GLU B 614 -23.85 10.13 68.41
CA GLU B 614 -23.66 8.89 69.16
C GLU B 614 -23.69 9.10 70.65
N ILE B 615 -23.90 10.33 71.10
CA ILE B 615 -24.21 10.60 72.49
C ILE B 615 -25.60 10.06 72.81
N ASP B 616 -26.61 10.55 72.10
CA ASP B 616 -27.99 10.08 72.30
C ASP B 616 -28.27 8.89 71.41
N THR B 617 -27.25 8.45 70.65
CA THR B 617 -27.27 7.26 69.79
C THR B 617 -26.41 6.09 70.31
N PHE B 618 -25.52 6.30 71.30
CA PHE B 618 -24.96 5.23 72.12
C PHE B 618 -25.57 5.20 73.53
N VAL B 619 -26.23 6.30 73.91
CA VAL B 619 -27.29 6.34 74.94
C VAL B 619 -28.58 5.68 74.44
N SER B 620 -29.13 6.16 73.31
CA SER B 620 -30.27 5.47 72.69
C SER B 620 -29.94 4.02 72.24
N LEU B 621 -28.70 3.74 71.72
CA LEU B 621 -28.30 2.42 71.16
C LEU B 621 -27.80 1.39 72.20
N VAL B 622 -26.75 1.72 72.96
CA VAL B 622 -26.44 0.89 74.11
C VAL B 622 -27.73 0.63 74.88
N ARG B 623 -28.62 1.64 74.96
CA ARG B 623 -29.99 1.42 75.51
C ARG B 623 -30.75 0.36 74.72
N LYS B 624 -30.88 0.62 73.42
CA LYS B 624 -31.86 -0.07 72.60
C LYS B 624 -31.28 -1.32 71.98
N ASN B 625 -30.15 -1.22 71.27
CA ASN B 625 -29.34 -2.42 71.14
C ASN B 625 -29.31 -2.98 72.55
N ARG B 626 -30.33 -3.76 72.87
CA ARG B 626 -30.56 -4.17 74.23
C ARG B 626 -29.58 -5.28 74.57
N GLU B 627 -29.46 -6.33 73.67
CA GLU B 627 -28.35 -7.27 73.79
C GLU B 627 -27.11 -6.45 73.54
N PRO B 628 -27.29 -5.22 73.13
CA PRO B 628 -26.16 -4.33 72.90
C PRO B 628 -24.97 -5.04 72.27
N ARG B 629 -25.21 -6.11 71.48
CA ARG B 629 -24.21 -6.56 70.51
C ARG B 629 -23.81 -5.41 69.62
N PHE B 630 -24.78 -4.52 69.34
CA PHE B 630 -24.61 -3.31 68.54
C PHE B 630 -24.01 -2.17 69.37
N LEU B 631 -24.44 -1.97 70.63
CA LEU B 631 -23.71 -1.03 71.47
C LEU B 631 -22.31 -1.55 71.84
N ASP B 632 -22.15 -2.87 71.99
CA ASP B 632 -20.86 -3.45 72.38
C ASP B 632 -19.82 -3.32 71.28
N TYR B 633 -20.12 -3.89 70.10
CA TYR B 633 -19.25 -3.61 68.99
C TYR B 633 -19.11 -2.09 68.85
N LEU B 634 -20.23 -1.35 69.05
CA LEU B 634 -20.20 0.13 69.07
C LEU B 634 -19.12 0.72 69.97
N SER B 635 -18.73 -0.02 71.01
CA SER B 635 -17.52 0.33 71.74
C SER B 635 -16.28 -0.15 70.99
N ASP B 636 -16.36 -1.36 70.44
CA ASP B 636 -15.24 -1.92 69.71
C ASP B 636 -14.70 -0.97 68.64
N LEU B 637 -15.46 0.04 68.21
CA LEU B 637 -15.02 0.94 67.13
C LEU B 637 -14.21 2.19 67.56
N CYS B 638 -14.42 2.75 68.77
CA CYS B 638 -13.76 4.01 69.15
C CYS B 638 -12.29 3.98 68.81
N VAL B 639 -11.96 4.56 67.67
CA VAL B 639 -10.66 4.38 67.07
C VAL B 639 -10.10 5.75 66.72
N SER B 640 -9.15 6.21 67.52
CA SER B 640 -8.37 7.41 67.23
C SER B 640 -8.56 8.43 68.34
N MET B 641 -7.53 9.24 68.55
CA MET B 641 -7.48 10.17 69.67
C MET B 641 -8.70 11.09 69.65
N ASN B 642 -9.06 11.56 68.47
CA ASN B 642 -10.24 12.39 68.39
C ASN B 642 -11.49 11.57 68.64
N LYS B 643 -11.46 10.25 68.45
CA LYS B 643 -12.57 9.44 68.94
C LYS B 643 -12.83 9.78 70.40
N SER B 644 -11.76 9.88 71.18
CA SER B 644 -11.74 10.22 72.60
C SER B 644 -12.24 11.63 72.85
N ILE B 645 -12.72 12.31 71.82
CA ILE B 645 -13.35 13.61 72.01
C ILE B 645 -14.85 13.37 71.99
N PRO B 646 -15.46 13.02 70.85
CA PRO B 646 -16.92 12.69 70.84
C PRO B 646 -17.36 11.67 71.87
N VAL B 647 -16.87 10.44 71.71
CA VAL B 647 -17.21 9.31 72.57
C VAL B 647 -17.51 9.78 74.01
N THR B 648 -16.53 10.43 74.68
CA THR B 648 -16.61 10.71 76.13
C THR B 648 -17.98 11.16 76.62
N GLN B 649 -18.68 11.99 75.83
CA GLN B 649 -19.98 12.51 76.25
C GLN B 649 -20.85 11.40 76.86
N GLU B 650 -21.05 10.33 76.10
CA GLU B 650 -22.02 9.30 76.47
C GLU B 650 -21.80 8.77 77.91
N LEU B 651 -20.55 8.75 78.43
CA LEU B 651 -20.35 8.10 79.76
C LEU B 651 -21.15 8.80 80.87
N ILE B 652 -21.28 10.13 80.81
CA ILE B 652 -22.09 10.82 81.83
C ILE B 652 -23.49 10.24 81.83
N CYS B 653 -24.09 10.10 80.64
CA CYS B 653 -25.42 9.49 80.51
C CYS B 653 -25.45 8.04 81.02
N LYS B 654 -24.38 7.26 80.79
CA LYS B 654 -24.33 5.89 81.30
C LYS B 654 -24.55 5.85 82.79
N ALA B 655 -23.97 6.83 83.50
CA ALA B 655 -24.33 7.06 84.88
C ALA B 655 -25.84 7.30 84.93
N VAL B 656 -26.29 8.41 84.32
CA VAL B 656 -27.72 8.70 84.14
C VAL B 656 -28.41 7.43 83.66
N LEU B 657 -27.65 6.63 82.91
CA LEU B 657 -28.12 5.36 82.39
C LEU B 657 -27.57 4.17 83.17
N ASN B 658 -26.85 4.40 84.27
CA ASN B 658 -26.42 3.31 85.12
C ASN B 658 -27.69 2.77 85.79
N PRO B 659 -28.43 1.89 85.07
CA PRO B 659 -29.70 1.33 85.59
C PRO B 659 -29.87 -0.09 85.10
N THR B 660 -28.78 -0.85 85.27
CA THR B 660 -28.72 -2.24 84.85
C THR B 660 -29.63 -3.15 85.66
N ASN B 661 -30.11 -2.70 86.81
CA ASN B 661 -31.09 -3.46 87.56
C ASN B 661 -30.47 -4.68 88.21
N ALA B 662 -29.42 -4.51 89.02
CA ALA B 662 -28.81 -5.66 89.67
C ALA B 662 -27.80 -5.20 90.72
N ASP B 663 -27.41 -6.16 91.59
CA ASP B 663 -26.55 -5.92 92.75
C ASP B 663 -25.31 -6.82 92.71
N ILE B 664 -24.14 -6.22 92.36
CA ILE B 664 -22.89 -6.93 92.10
C ILE B 664 -21.74 -6.31 92.87
N LEU B 665 -21.65 -6.65 94.14
CA LEU B 665 -20.65 -6.01 94.94
C LEU B 665 -20.14 -7.06 95.89
N ILE B 666 -19.52 -6.60 96.93
CA ILE B 666 -18.75 -7.43 97.73
C ILE B 666 -17.77 -6.47 98.39
N GLU B 667 -16.83 -5.84 97.67
CA GLU B 667 -16.72 -5.78 96.19
C GLU B 667 -15.61 -6.67 95.59
N THR B 668 -15.20 -7.67 96.37
CA THR B 668 -14.40 -8.79 95.88
C THR B 668 -15.08 -10.15 96.10
N LYS B 669 -15.91 -10.32 97.17
CA LYS B 669 -16.74 -11.51 97.49
C LYS B 669 -17.82 -11.83 96.46
N LEU B 670 -19.10 -11.48 96.74
CA LEU B 670 -20.18 -11.89 95.84
C LEU B 670 -19.86 -11.63 94.37
N VAL B 671 -18.66 -11.04 94.11
CA VAL B 671 -18.02 -10.97 92.79
C VAL B 671 -17.15 -12.21 92.48
N LEU B 672 -16.22 -12.62 93.37
CA LEU B 672 -15.56 -13.92 93.19
C LEU B 672 -16.55 -15.08 93.33
N SER B 673 -17.69 -14.86 94.03
CA SER B 673 -18.87 -15.75 94.07
C SER B 673 -19.51 -15.78 92.69
N ARG B 674 -20.05 -14.64 92.23
CA ARG B 674 -20.49 -14.50 90.85
C ARG B 674 -19.61 -15.31 89.89
N PHE B 675 -18.29 -15.13 89.97
CA PHE B 675 -17.37 -15.97 89.20
C PHE B 675 -17.62 -17.46 89.47
N GLU B 676 -17.57 -17.88 90.74
CA GLU B 676 -17.79 -19.29 91.08
C GLU B 676 -19.11 -19.80 90.49
N PHE B 677 -20.08 -18.89 90.29
CA PHE B 677 -21.40 -19.23 89.75
C PHE B 677 -21.38 -19.26 88.21
N GLU B 678 -20.66 -18.32 87.57
CA GLU B 678 -20.19 -18.42 86.18
C GLU B 678 -19.05 -19.42 85.98
N GLY B 679 -18.68 -20.13 87.05
CA GLY B 679 -17.75 -21.27 87.07
C GLY B 679 -18.30 -22.65 87.39
N VAL B 680 -19.61 -22.83 87.48
CA VAL B 680 -20.27 -24.09 87.13
C VAL B 680 -20.92 -23.85 85.77
N SER B 681 -20.70 -24.77 84.84
CA SER B 681 -20.99 -24.48 83.44
C SER B 681 -22.47 -24.30 83.10
N THR B 682 -23.38 -24.32 84.11
CA THR B 682 -24.81 -24.26 83.84
C THR B 682 -25.15 -23.41 82.63
N GLY B 683 -26.17 -23.82 81.88
CA GLY B 683 -26.77 -22.90 80.95
C GLY B 683 -27.34 -21.72 81.71
N GLU B 684 -27.70 -20.68 80.96
CA GLU B 684 -28.47 -19.58 81.52
C GLU B 684 -27.70 -18.69 82.51
N ASN B 685 -27.94 -18.80 83.82
CA ASN B 685 -27.41 -17.85 84.78
C ASN B 685 -25.92 -17.65 84.63
N ALA B 686 -25.18 -18.75 84.73
CA ALA B 686 -23.75 -18.73 84.42
C ALA B 686 -23.47 -18.03 83.10
N LEU B 687 -24.27 -18.36 82.09
CA LEU B 687 -24.03 -17.86 80.73
C LEU B 687 -24.00 -16.33 80.69
N GLU B 688 -24.99 -15.68 81.33
CA GLU B 688 -25.08 -14.23 81.30
C GLU B 688 -23.69 -13.63 81.47
N ALA B 689 -22.94 -14.16 82.43
CA ALA B 689 -21.68 -13.56 82.85
C ALA B 689 -20.84 -13.14 81.66
N GLY B 690 -20.77 -14.00 80.65
CA GLY B 690 -19.95 -13.72 79.50
C GLY B 690 -20.05 -12.29 79.00
N GLU B 691 -21.27 -11.88 78.62
CA GLU B 691 -21.49 -10.59 77.92
C GLU B 691 -20.92 -9.40 78.71
N ASP B 692 -21.30 -9.27 79.98
CA ASP B 692 -20.79 -8.18 80.81
C ASP B 692 -19.28 -8.28 80.95
N GLU B 693 -18.76 -9.52 81.02
CA GLU B 693 -17.33 -9.78 81.15
C GLU B 693 -16.58 -9.08 80.04
N GLU B 694 -16.59 -9.67 78.85
CA GLU B 694 -15.88 -9.02 77.75
C GLU B 694 -16.19 -7.51 77.70
N GLU B 695 -17.47 -7.13 77.82
CA GLU B 695 -17.86 -5.72 77.85
C GLU B 695 -16.95 -4.92 78.78
N VAL B 696 -16.84 -5.41 80.01
CA VAL B 696 -16.13 -4.73 81.07
C VAL B 696 -14.62 -4.69 80.79
N TRP B 697 -13.97 -5.86 80.55
CA TRP B 697 -12.52 -5.91 80.28
C TRP B 697 -12.11 -4.88 79.23
N LEU B 698 -12.73 -4.98 78.06
CA LEU B 698 -12.32 -4.14 76.94
C LEU B 698 -12.58 -2.65 77.18
N PHE B 699 -13.86 -2.25 77.41
CA PHE B 699 -14.16 -0.79 77.39
C PHE B 699 -13.57 -0.03 78.59
N TRP B 700 -13.39 -0.66 79.76
CA TRP B 700 -12.70 0.04 80.84
C TRP B 700 -11.20 0.12 80.59
N ARG B 701 -10.64 -0.90 79.93
CA ARG B 701 -9.28 -0.78 79.42
C ARG B 701 -9.12 0.47 78.56
N ASP B 702 -10.13 0.75 77.73
CA ASP B 702 -10.06 1.73 76.65
C ASP B 702 -9.55 3.11 77.10
N SER B 703 -9.35 3.31 78.39
CA SER B 703 -8.74 4.55 78.87
C SER B 703 -7.24 4.36 78.84
N ASN B 704 -6.61 4.90 77.81
CA ASN B 704 -5.22 4.59 77.60
C ASN B 704 -4.44 5.70 78.27
N LYS B 705 -3.67 6.52 77.51
CA LYS B 705 -3.01 7.74 77.98
C LYS B 705 -4.01 8.84 78.27
N GLU B 706 -5.29 8.46 78.30
CA GLU B 706 -6.34 9.14 79.05
C GLU B 706 -6.37 8.64 80.49
N ILE B 707 -5.19 8.36 81.08
CA ILE B 707 -5.04 8.09 82.51
C ILE B 707 -5.15 9.36 83.35
N ARG B 708 -6.33 9.60 83.95
CA ARG B 708 -6.66 10.71 84.85
C ARG B 708 -8.16 10.72 85.09
N SER B 709 -8.93 10.76 83.98
CA SER B 709 -10.23 10.10 83.82
C SER B 709 -10.02 8.62 84.13
N LYS B 710 -9.22 7.87 83.32
CA LYS B 710 -8.79 6.51 83.66
C LYS B 710 -8.27 6.38 85.10
N SER B 711 -7.08 6.97 85.42
CA SER B 711 -6.38 6.69 86.68
C SER B 711 -6.91 7.44 87.93
N VAL B 712 -7.92 8.30 87.83
CA VAL B 712 -8.62 8.78 89.01
C VAL B 712 -9.94 8.02 89.14
N ARG B 713 -10.44 7.46 88.01
CA ARG B 713 -11.61 6.57 87.93
C ARG B 713 -11.41 5.20 88.58
N GLU B 714 -10.61 4.33 87.94
CA GLU B 714 -10.38 2.99 88.45
C GLU B 714 -9.82 3.05 89.84
N LEU B 715 -10.68 2.96 90.85
CA LEU B 715 -10.23 2.93 92.24
C LEU B 715 -9.39 1.69 92.46
N ALA B 716 -9.92 0.69 93.14
CA ALA B 716 -9.11 -0.48 93.50
C ALA B 716 -8.35 -1.01 92.30
N GLN B 717 -7.08 -1.34 92.52
CA GLN B 717 -6.24 -1.92 91.49
C GLN B 717 -6.21 -3.44 91.67
N ASP B 718 -7.31 -4.08 91.21
CA ASP B 718 -7.57 -5.51 91.43
C ASP B 718 -7.23 -6.35 90.21
N ALA B 719 -6.61 -7.48 90.48
CA ALA B 719 -6.34 -8.41 89.42
C ALA B 719 -6.04 -9.75 90.06
N LYS B 720 -6.81 -10.11 91.10
CA LYS B 720 -6.71 -11.42 91.71
C LYS B 720 -7.16 -12.46 90.69
N GLU B 721 -8.48 -12.66 90.51
CA GLU B 721 -8.98 -13.58 89.48
C GLU B 721 -8.63 -12.99 88.12
N GLY B 722 -7.33 -12.99 87.80
CA GLY B 722 -6.70 -12.20 86.75
C GLY B 722 -6.94 -12.64 85.34
N GLN B 723 -7.44 -13.84 85.14
CA GLN B 723 -8.22 -14.18 83.95
C GLN B 723 -7.53 -13.74 82.65
N LYS B 724 -8.31 -13.33 81.66
CA LYS B 724 -7.83 -13.26 80.29
C LYS B 724 -7.79 -11.80 79.84
N GLU B 725 -6.78 -11.06 80.33
CA GLU B 725 -6.18 -9.91 79.68
C GLU B 725 -6.79 -8.52 80.03
N ASP B 726 -7.95 -8.46 80.69
CA ASP B 726 -8.44 -7.20 81.23
C ASP B 726 -7.41 -6.61 82.20
N ARG B 727 -7.34 -7.13 83.45
CA ARG B 727 -6.54 -6.57 84.56
C ARG B 727 -5.23 -5.99 84.03
N ASP B 728 -4.72 -6.59 82.93
CA ASP B 728 -3.61 -6.02 82.18
C ASP B 728 -3.98 -4.69 81.52
N ILE B 729 -4.96 -4.71 80.61
CA ILE B 729 -5.41 -3.47 79.99
C ILE B 729 -5.77 -2.42 81.07
N LEU B 730 -5.99 -2.88 82.33
CA LEU B 730 -6.49 -2.07 83.46
C LEU B 730 -5.40 -1.30 84.22
N SER B 731 -4.43 -2.01 84.82
CA SER B 731 -3.26 -1.28 85.31
C SER B 731 -2.68 -0.40 84.18
N TYR B 732 -2.94 -0.76 82.88
CA TYR B 732 -2.51 0.05 81.72
C TYR B 732 -3.25 1.41 81.61
N TYR B 733 -4.52 1.46 82.02
CA TYR B 733 -5.16 2.77 82.18
C TYR B 733 -4.68 3.54 83.44
N ARG B 734 -4.39 2.87 84.60
CA ARG B 734 -4.09 3.59 85.86
C ARG B 734 -2.64 4.03 86.02
N TYR B 735 -1.73 3.58 85.14
CA TYR B 735 -0.31 3.94 85.15
C TYR B 735 0.08 5.04 84.17
N GLN B 736 -0.67 5.28 83.09
CA GLN B 736 -0.40 6.46 82.28
C GLN B 736 -0.46 7.72 83.13
N LEU B 737 -0.91 7.60 84.37
CA LEU B 737 -1.20 8.73 85.22
C LEU B 737 -0.02 9.16 86.10
N ASN B 738 1.21 8.67 85.85
CA ASN B 738 2.40 9.12 86.62
C ASN B 738 3.79 8.68 86.14
N LEU B 739 4.62 9.62 85.71
CA LEU B 739 6.04 9.33 85.45
C LEU B 739 6.20 8.57 84.14
N PHE B 740 5.57 9.10 83.08
CA PHE B 740 5.84 8.59 81.75
C PHE B 740 7.29 8.13 81.69
N ALA B 741 7.51 6.96 81.09
CA ALA B 741 8.84 6.39 80.94
C ALA B 741 9.30 6.51 79.49
N ARG B 742 10.53 7.03 79.27
CA ARG B 742 11.12 7.19 77.93
C ARG B 742 12.56 6.61 77.86
N MET B 743 13.53 7.21 78.58
CA MET B 743 14.95 6.86 78.55
C MET B 743 15.52 7.23 77.18
N CYS B 744 16.83 7.51 77.10
CA CYS B 744 17.46 8.21 75.96
C CYS B 744 18.39 7.34 75.10
N LEU B 745 17.94 6.14 74.70
CA LEU B 745 18.83 5.00 74.69
C LEU B 745 19.45 5.10 76.06
N ASP B 746 20.60 4.48 76.26
CA ASP B 746 21.30 4.77 77.49
C ASP B 746 22.48 5.73 77.30
N ARG B 747 22.91 5.94 76.06
CA ARG B 747 24.14 6.66 75.75
C ARG B 747 24.20 6.78 74.21
N GLN B 748 25.34 7.28 73.71
CA GLN B 748 25.64 7.41 72.29
C GLN B 748 27.16 7.28 72.22
N TYR B 749 27.83 8.01 71.34
CA TYR B 749 29.29 8.13 71.33
C TYR B 749 29.98 6.91 70.70
N LEU B 750 31.34 6.88 70.70
CA LEU B 750 32.18 5.89 70.01
C LEU B 750 32.42 4.58 70.77
N ALA B 751 32.06 4.53 72.04
CA ALA B 751 32.11 3.28 72.80
C ALA B 751 30.96 2.34 72.39
N ILE B 752 29.71 2.86 72.36
CA ILE B 752 28.46 2.11 72.10
C ILE B 752 28.61 1.18 70.92
N ASN B 753 29.38 1.65 69.94
CA ASN B 753 29.99 0.78 68.94
C ASN B 753 30.80 -0.35 69.58
N GLU B 754 31.95 -0.02 70.22
CA GLU B 754 32.83 -1.01 70.83
C GLU B 754 32.03 -2.16 71.44
N ILE B 755 30.89 -1.82 72.04
CA ILE B 755 30.02 -2.82 72.62
C ILE B 755 29.22 -3.55 71.53
N SER B 756 28.29 -2.85 70.84
CA SER B 756 27.37 -3.54 69.91
C SER B 756 28.12 -4.43 68.91
N GLY B 757 29.42 -4.14 68.69
CA GLY B 757 30.32 -5.10 68.06
C GLY B 757 30.82 -6.16 69.04
N GLN B 758 31.20 -5.75 70.23
CA GLN B 758 31.24 -6.74 71.29
C GLN B 758 29.94 -7.58 71.22
N LEU B 759 28.77 -6.93 70.99
CA LEU B 759 27.48 -7.64 70.81
C LEU B 759 27.54 -8.70 69.72
N ASP B 760 28.52 -8.62 68.83
CA ASP B 760 28.65 -9.59 67.77
C ASP B 760 27.34 -9.59 67.01
N VAL B 761 27.07 -10.68 66.31
CA VAL B 761 26.09 -10.60 65.24
C VAL B 761 24.68 -10.60 65.78
N ASP B 762 24.46 -11.04 67.01
CA ASP B 762 23.12 -11.30 67.52
C ASP B 762 22.07 -10.31 66.98
N LEU B 763 22.38 -9.01 67.14
CA LEU B 763 21.46 -7.92 66.80
C LEU B 763 20.89 -8.05 65.37
N ILE B 764 21.67 -8.54 64.42
CA ILE B 764 21.13 -8.73 63.08
C ILE B 764 20.20 -9.96 63.00
N LEU B 765 20.55 -11.05 63.72
CA LEU B 765 19.81 -12.32 63.65
C LEU B 765 18.37 -12.14 64.10
N ARG B 766 18.19 -11.75 65.36
CA ARG B 766 16.84 -11.36 65.76
C ARG B 766 16.26 -10.26 64.82
N CYS B 767 17.02 -9.17 64.52
CA CYS B 767 16.48 -8.06 63.70
C CYS B 767 15.73 -8.58 62.47
N MET B 768 16.25 -9.67 61.91
CA MET B 768 15.61 -10.38 60.82
C MET B 768 14.36 -11.14 61.28
N SER B 769 14.44 -11.94 62.36
CA SER B 769 13.27 -12.72 62.83
C SER B 769 12.00 -11.87 63.10
N ASP B 770 12.14 -10.70 63.73
CA ASP B 770 11.01 -9.85 64.13
C ASP B 770 10.78 -8.63 63.23
N GLU B 771 11.82 -7.81 62.98
CA GLU B 771 11.61 -6.71 62.03
C GLU B 771 10.99 -7.24 60.73
N ASN B 772 11.14 -8.56 60.47
CA ASN B 772 10.27 -9.40 59.64
C ASN B 772 9.96 -10.74 60.30
N LEU B 773 10.40 -11.83 59.65
CA LEU B 773 9.92 -13.15 60.01
C LEU B 773 8.58 -13.05 60.73
N PRO B 774 7.61 -12.21 60.21
CA PRO B 774 6.19 -12.43 60.50
C PRO B 774 5.99 -13.94 60.40
N TYR B 775 6.41 -14.54 59.27
CA TYR B 775 6.62 -15.99 59.13
C TYR B 775 7.30 -16.53 60.37
N ASP B 776 6.60 -17.41 61.08
CA ASP B 776 7.16 -18.00 62.28
C ASP B 776 8.62 -18.38 62.00
N LEU B 777 8.83 -19.13 60.92
CA LEU B 777 10.09 -19.83 60.65
C LEU B 777 11.40 -19.02 60.83
N ARG B 778 11.67 -18.01 59.99
CA ARG B 778 12.96 -17.31 60.09
C ARG B 778 13.26 -16.96 61.52
N ALA B 779 12.28 -16.36 62.14
CA ALA B 779 12.35 -16.19 63.57
C ALA B 779 12.55 -17.51 64.30
N SER B 780 12.21 -18.65 63.69
CA SER B 780 12.30 -19.96 64.38
C SER B 780 13.75 -20.51 64.48
N PHE B 781 14.52 -20.50 63.37
CA PHE B 781 15.96 -20.81 63.49
C PHE B 781 16.65 -19.80 64.43
N CYS B 782 16.20 -18.53 64.38
CA CYS B 782 16.67 -17.57 65.40
C CYS B 782 16.39 -18.06 66.84
N ARG B 783 15.22 -18.72 67.09
CA ARG B 783 14.78 -19.16 68.45
C ARG B 783 15.58 -20.37 69.01
N LEU B 784 15.95 -21.35 68.16
CA LEU B 784 16.90 -22.37 68.62
C LEU B 784 18.20 -21.72 69.08
N MET B 785 18.74 -20.85 68.21
CA MET B 785 19.85 -20.00 68.64
C MET B 785 19.63 -19.59 70.09
N LEU B 786 18.50 -18.94 70.36
CA LEU B 786 18.14 -18.65 71.75
C LEU B 786 18.39 -19.84 72.66
N HIS B 787 17.79 -20.97 72.34
CA HIS B 787 17.95 -22.19 73.10
C HIS B 787 19.41 -22.60 73.40
N MET B 788 20.46 -21.92 72.87
CA MET B 788 21.85 -22.32 73.21
C MET B 788 22.41 -21.69 74.53
N HIS B 789 22.56 -20.36 74.60
CA HIS B 789 22.72 -19.59 75.85
C HIS B 789 23.86 -19.97 76.79
N VAL B 790 23.86 -21.17 77.35
CA VAL B 790 24.96 -21.61 78.19
C VAL B 790 24.96 -20.80 79.49
N ASP B 791 25.61 -19.63 79.51
CA ASP B 791 26.06 -18.94 80.76
C ASP B 791 24.88 -18.79 81.74
N SER B 825 12.30 5.80 91.29
CA SER B 825 11.24 5.72 92.31
C SER B 825 9.94 5.30 91.62
N LYS B 826 9.66 3.97 91.62
CA LYS B 826 8.47 3.39 90.99
C LYS B 826 7.31 3.33 91.96
N ASP B 827 7.55 2.81 93.16
CA ASP B 827 6.52 2.77 94.19
C ASP B 827 5.18 2.41 93.55
N GLU B 828 4.35 3.43 93.28
CA GLU B 828 2.94 3.19 93.00
C GLU B 828 2.75 2.12 91.95
N ILE B 829 3.61 2.10 90.95
CA ILE B 829 3.53 1.09 89.90
C ILE B 829 4.17 -0.23 90.35
N LYS B 830 5.29 -0.17 91.07
CA LYS B 830 6.15 -1.36 91.23
C LYS B 830 5.45 -2.48 91.97
N GLU B 831 4.50 -2.13 92.84
CA GLU B 831 3.68 -3.10 93.54
C GLU B 831 3.05 -4.04 92.56
N ARG B 832 2.08 -3.52 91.80
CA ARG B 832 1.56 -4.29 90.70
C ARG B 832 2.77 -4.98 90.02
N PHE B 833 3.97 -4.33 89.95
CA PHE B 833 5.14 -4.94 89.29
C PHE B 833 5.57 -6.27 89.91
N ALA B 834 5.30 -6.46 91.19
CA ALA B 834 5.63 -7.73 91.83
C ALA B 834 4.57 -8.80 91.57
N GLN B 835 3.29 -8.46 91.76
CA GLN B 835 2.26 -9.39 91.35
C GLN B 835 2.55 -9.84 89.95
N THR B 836 3.10 -8.93 89.15
CA THR B 836 3.72 -9.20 87.84
C THR B 836 4.86 -10.21 87.92
N MET B 837 6.11 -9.73 88.07
CA MET B 837 7.29 -10.60 88.01
C MET B 837 6.98 -11.99 88.56
N GLU B 838 6.14 -12.02 89.61
CA GLU B 838 5.42 -13.21 90.05
C GLU B 838 4.71 -13.87 88.86
N PHE B 839 3.46 -13.45 88.58
CA PHE B 839 2.62 -14.01 87.51
C PHE B 839 3.37 -14.34 86.22
N VAL B 840 4.51 -13.67 86.01
CA VAL B 840 5.49 -14.12 85.04
C VAL B 840 5.97 -15.46 85.52
N GLU B 841 6.67 -15.47 86.67
CA GLU B 841 7.04 -16.72 87.31
C GLU B 841 5.94 -17.75 87.19
N GLU B 842 4.69 -17.33 87.31
CA GLU B 842 3.55 -18.16 86.96
C GLU B 842 3.50 -18.45 85.47
N TYR B 843 3.89 -17.50 84.65
CA TYR B 843 3.95 -17.75 83.22
C TYR B 843 5.07 -18.72 82.86
N LEU B 844 6.13 -18.81 83.69
CA LEU B 844 7.31 -19.63 83.46
C LEU B 844 7.21 -21.00 84.11
N ARG B 845 6.27 -21.17 85.06
CA ARG B 845 5.88 -22.44 85.67
C ARG B 845 4.59 -23.06 85.11
N ASP B 846 3.66 -22.28 84.56
CA ASP B 846 2.63 -22.81 83.66
C ASP B 846 3.23 -23.07 82.29
N VAL B 847 4.29 -22.32 81.95
CA VAL B 847 5.29 -22.78 80.99
C VAL B 847 5.85 -24.18 81.34
N VAL B 848 6.10 -24.46 82.63
CA VAL B 848 6.60 -25.79 83.06
C VAL B 848 5.67 -26.91 82.63
N CYS B 849 4.38 -26.61 82.53
CA CYS B 849 3.47 -27.36 81.66
C CYS B 849 3.79 -26.98 80.23
N GLN B 850 4.50 -27.87 79.52
CA GLN B 850 4.74 -27.67 78.11
C GLN B 850 3.46 -27.20 77.43
N ARG B 851 2.43 -28.05 77.40
CA ARG B 851 1.23 -27.78 76.64
C ARG B 851 0.70 -26.38 76.97
N PHE B 852 0.74 -25.49 75.98
CA PHE B 852 0.13 -24.17 76.11
C PHE B 852 -1.12 -24.32 75.27
N PRO B 853 -1.60 -25.62 75.07
CA PRO B 853 -2.74 -25.93 74.17
C PRO B 853 -3.96 -25.08 74.48
N PHE B 854 -5.15 -25.65 74.70
CA PHE B 854 -6.23 -24.84 75.25
C PHE B 854 -5.64 -23.82 76.24
N SER B 855 -4.63 -24.28 76.96
CA SER B 855 -3.88 -23.45 77.89
C SER B 855 -3.53 -22.07 77.31
N ASP B 856 -2.73 -21.94 76.25
CA ASP B 856 -2.27 -20.60 75.87
C ASP B 856 -3.38 -19.67 75.37
N LYS B 857 -4.55 -20.16 74.95
CA LYS B 857 -5.57 -19.20 74.53
C LYS B 857 -5.95 -18.22 75.64
N GLU B 858 -6.60 -18.71 76.69
CA GLU B 858 -6.69 -17.93 77.92
C GLU B 858 -5.24 -17.60 78.29
N LYS B 859 -4.51 -18.58 78.83
CA LYS B 859 -3.10 -18.53 79.24
C LYS B 859 -2.34 -17.46 78.49
N ASN B 860 -1.57 -17.86 77.50
CA ASN B 860 -1.25 -16.96 76.41
C ASN B 860 -2.05 -15.66 76.52
N LYS B 861 -3.22 -15.55 75.84
CA LYS B 861 -4.03 -14.32 75.89
C LYS B 861 -3.69 -13.45 77.10
N LEU B 862 -4.20 -13.85 78.25
CA LEU B 862 -3.80 -13.27 79.51
C LEU B 862 -2.30 -12.89 79.54
N THR B 863 -1.38 -13.82 79.25
CA THR B 863 0.01 -13.51 78.89
C THR B 863 -0.03 -12.32 77.95
N PHE B 864 -0.21 -12.54 76.64
CA PHE B 864 -0.18 -11.48 75.65
C PHE B 864 -0.35 -10.10 76.30
N GLU B 865 -1.47 -9.87 77.00
CA GLU B 865 -1.68 -8.59 77.70
C GLU B 865 -0.61 -8.37 78.77
N VAL B 866 -0.47 -9.33 79.67
CA VAL B 866 0.55 -9.28 80.68
C VAL B 866 1.92 -9.00 80.06
N VAL B 867 2.20 -9.55 78.85
CA VAL B 867 3.55 -9.71 78.22
C VAL B 867 4.06 -8.56 77.31
N ASN B 868 3.31 -8.28 76.24
CA ASN B 868 3.55 -7.03 75.54
C ASN B 868 3.43 -5.87 76.52
N LEU B 869 2.39 -5.95 77.50
CA LEU B 869 2.21 -5.06 78.71
C LEU B 869 3.25 -5.31 79.79
N ALA B 870 4.39 -6.03 79.47
CA ALA B 870 5.59 -6.27 80.32
C ALA B 870 6.94 -5.78 79.70
N ARG B 871 7.08 -5.77 78.37
CA ARG B 871 8.18 -5.05 77.71
C ARG B 871 8.37 -3.60 78.21
N ASN B 872 7.38 -2.77 77.87
CA ASN B 872 7.40 -1.34 78.21
C ASN B 872 7.59 -1.09 79.72
N LEU B 873 6.92 -1.86 80.60
CA LEU B 873 6.96 -1.57 82.05
C LEU B 873 8.28 -2.00 82.73
N ILE B 874 9.00 -3.01 82.23
CA ILE B 874 10.41 -3.08 82.64
C ILE B 874 11.14 -1.82 82.17
N TYR B 875 10.78 -1.30 80.99
CA TYR B 875 11.30 0.02 80.60
C TYR B 875 11.01 1.15 81.62
N PHE B 876 9.80 1.20 82.25
CA PHE B 876 9.35 2.32 83.11
C PHE B 876 9.75 2.18 84.59
N GLY B 877 9.60 0.97 85.15
CA GLY B 877 10.02 0.54 86.47
C GLY B 877 11.35 -0.18 86.49
N PHE B 878 11.98 -0.42 85.33
CA PHE B 878 13.37 -0.83 85.35
C PHE B 878 14.07 0.13 86.28
N TYR B 879 14.96 -0.42 87.09
CA TYR B 879 15.82 0.41 87.90
C TYR B 879 17.19 0.31 87.26
N ASN B 880 17.85 1.45 87.13
CA ASN B 880 19.27 1.45 86.78
C ASN B 880 20.04 0.84 87.94
N PHE B 881 19.73 -0.43 88.19
CA PHE B 881 20.39 -1.28 89.15
C PHE B 881 20.34 -2.71 88.59
N SER B 882 20.74 -3.70 89.38
CA SER B 882 20.52 -5.08 88.96
C SER B 882 19.02 -5.34 88.77
N ASP B 883 18.21 -4.94 89.75
CA ASP B 883 16.84 -5.43 89.88
C ASP B 883 16.14 -5.57 88.54
N LEU B 884 16.07 -4.48 87.76
CA LEU B 884 15.62 -4.65 86.37
C LEU B 884 16.44 -5.71 85.65
N LEU B 885 17.75 -5.73 85.89
CA LEU B 885 18.59 -6.78 85.34
C LEU B 885 18.25 -8.12 85.98
N ARG B 886 18.74 -8.43 87.17
CA ARG B 886 18.48 -9.75 87.76
C ARG B 886 17.03 -10.21 87.66
N LEU B 887 16.05 -9.31 87.77
CA LEU B 887 14.70 -9.60 87.28
C LEU B 887 14.76 -10.05 85.82
N THR B 888 15.65 -9.44 85.01
CA THR B 888 16.16 -10.06 83.78
C THR B 888 16.71 -11.46 84.06
N LYS B 889 17.97 -11.64 84.48
CA LYS B 889 18.56 -12.99 84.57
C LYS B 889 17.50 -14.07 84.92
N ILE B 890 16.60 -13.73 85.87
CA ILE B 890 15.43 -14.56 86.26
C ILE B 890 14.28 -14.55 85.25
N LEU B 891 14.35 -13.65 84.26
CA LEU B 891 13.78 -13.79 82.91
C LEU B 891 14.75 -14.39 81.87
N LEU B 892 16.05 -14.57 82.17
CA LEU B 892 16.81 -15.61 81.49
C LEU B 892 16.25 -16.98 81.87
N ALA B 893 15.51 -17.04 82.99
CA ALA B 893 14.70 -18.20 83.39
C ALA B 893 13.20 -18.05 83.40
N ILE B 894 12.68 -16.84 83.31
CA ILE B 894 11.27 -16.66 82.96
C ILE B 894 11.12 -16.87 81.47
N LEU B 895 11.93 -16.15 80.68
CA LEU B 895 12.21 -16.19 79.24
C LEU B 895 13.16 -17.31 78.76
N ASP B 896 13.84 -18.04 79.69
CA ASP B 896 14.40 -19.35 79.32
C ASP B 896 13.52 -20.53 79.76
N CYS B 897 12.49 -20.28 80.60
CA CYS B 897 11.40 -21.21 80.90
C CYS B 897 10.15 -21.01 79.94
N VAL B 898 10.43 -20.75 78.67
CA VAL B 898 9.39 -20.60 77.57
C VAL B 898 10.04 -20.33 76.17
N HIS B 899 10.69 -21.34 75.56
CA HIS B 899 11.24 -21.32 74.15
C HIS B 899 11.78 -19.94 73.68
N PRO B 960 1.52 -25.69 60.30
CA PRO B 960 0.24 -25.38 59.68
C PRO B 960 -0.99 -25.86 60.51
N GLU B 961 -2.14 -26.11 59.85
CA GLU B 961 -3.41 -26.57 60.43
C GLU B 961 -4.41 -25.42 60.49
N LYS B 962 -5.41 -25.58 61.36
CA LYS B 962 -6.00 -24.41 61.95
C LYS B 962 -4.99 -23.69 62.86
N GLU B 963 -3.78 -24.27 63.04
CA GLU B 963 -2.65 -23.61 63.69
C GLU B 963 -2.14 -22.42 62.87
N ASP B 964 -2.82 -22.14 61.73
CA ASP B 964 -2.59 -20.97 60.88
C ASP B 964 -3.44 -19.73 61.26
N ILE B 965 -4.79 -19.86 61.41
CA ILE B 965 -5.58 -18.80 62.06
C ILE B 965 -5.22 -18.70 63.54
N MET B 966 -4.88 -19.82 64.15
CA MET B 966 -4.16 -19.81 65.42
C MET B 966 -2.82 -19.09 65.31
N VAL B 967 -2.16 -19.14 64.15
CA VAL B 967 -0.77 -18.70 63.94
C VAL B 967 -0.63 -17.37 63.18
N MET B 968 -1.71 -16.59 63.01
CA MET B 968 -1.61 -15.14 62.86
C MET B 968 -1.57 -14.47 64.23
N ASP B 969 -2.37 -14.98 65.16
CA ASP B 969 -2.08 -14.88 66.58
C ASP B 969 -0.61 -15.25 66.80
N THR B 970 -0.20 -16.54 66.64
CA THR B 970 1.22 -16.94 66.84
C THR B 970 2.18 -15.99 66.14
N LYS B 971 1.79 -15.55 64.95
CA LYS B 971 2.48 -14.48 64.26
C LYS B 971 2.60 -13.25 65.12
N LEU B 972 1.59 -13.06 66.01
CA LEU B 972 1.50 -11.96 66.96
C LEU B 972 2.28 -12.22 68.29
N LYS B 973 2.04 -13.36 68.98
CA LYS B 973 2.78 -13.63 70.24
C LYS B 973 4.31 -13.63 70.06
N ILE B 974 4.84 -14.17 68.92
CA ILE B 974 6.29 -14.14 68.66
C ILE B 974 6.85 -12.72 68.78
N ILE B 975 6.08 -11.73 68.31
CA ILE B 975 6.44 -10.33 68.43
C ILE B 975 6.30 -9.80 69.89
N GLU B 976 5.36 -10.33 70.73
CA GLU B 976 5.35 -9.89 72.15
C GLU B 976 6.65 -10.25 72.89
N ILE B 977 7.06 -11.53 72.78
CA ILE B 977 8.27 -12.06 73.43
C ILE B 977 9.52 -11.32 72.97
N LEU B 978 9.71 -11.13 71.67
CA LEU B 978 10.85 -10.32 71.26
C LEU B 978 10.70 -8.91 71.82
N GLN B 979 9.71 -8.17 71.32
CA GLN B 979 9.49 -6.78 71.70
C GLN B 979 9.92 -6.49 73.13
N PHE B 980 9.30 -7.18 74.08
CA PHE B 980 9.89 -7.13 75.41
C PHE B 980 11.39 -7.48 75.27
N ILE B 981 11.76 -8.68 74.78
CA ILE B 981 13.17 -9.07 74.59
C ILE B 981 13.98 -7.84 74.17
N LEU B 982 13.78 -7.34 72.95
CA LEU B 982 14.50 -6.17 72.47
C LEU B 982 14.48 -4.97 73.42
N ASN B 983 13.32 -4.52 73.94
CA ASN B 983 13.32 -3.33 74.82
C ASN B 983 14.20 -3.45 76.06
N VAL B 984 14.31 -4.66 76.65
CA VAL B 984 15.07 -4.94 77.90
C VAL B 984 16.41 -5.66 77.73
N ARG B 985 16.65 -6.30 76.59
CA ARG B 985 17.87 -6.96 76.20
C ARG B 985 18.70 -6.13 75.23
N LEU B 986 18.10 -5.08 74.64
CA LEU B 986 18.68 -4.17 73.65
C LEU B 986 19.07 -2.80 74.25
N ASP B 987 18.06 -1.94 74.51
CA ASP B 987 18.29 -0.58 74.99
C ASP B 987 18.57 -0.54 76.51
N TYR B 988 17.88 -1.37 77.29
CA TYR B 988 18.17 -1.48 78.73
C TYR B 988 19.53 -2.13 79.03
N ARG B 989 19.94 -3.12 78.23
CA ARG B 989 20.96 -4.11 78.63
C ARG B 989 22.42 -3.65 78.36
N ILE B 990 23.26 -3.79 79.39
CA ILE B 990 24.72 -3.63 79.35
C ILE B 990 25.08 -2.17 79.61
N SER B 991 24.24 -1.47 80.40
CA SER B 991 24.37 -0.02 80.64
C SER B 991 25.32 0.30 81.78
N CYS B 992 25.60 -0.65 82.66
CA CYS B 992 26.54 -0.44 83.75
C CYS B 992 27.98 -0.71 83.29
N LEU B 993 28.27 -1.96 82.82
CA LEU B 993 29.59 -2.34 82.28
C LEU B 993 30.14 -1.26 81.36
N LEU B 994 29.26 -0.47 80.75
CA LEU B 994 29.66 0.76 80.07
C LEU B 994 30.33 1.70 81.04
N CYS B 995 29.58 2.13 82.03
CA CYS B 995 30.15 2.86 83.13
C CYS B 995 31.07 1.99 83.99
N ILE B 996 31.38 0.74 83.61
CA ILE B 996 32.22 -0.13 84.46
C ILE B 996 33.56 -0.52 83.83
N PHE B 997 33.89 -0.03 82.62
CA PHE B 997 35.25 -0.03 82.08
C PHE B 997 35.99 1.31 82.26
N LYS B 998 35.34 2.29 82.87
CA LYS B 998 35.98 3.58 83.08
C LYS B 998 37.22 3.36 83.93
N ARG B 999 38.32 3.95 83.50
CA ARG B 999 39.56 3.87 84.25
C ARG B 999 40.41 5.12 84.07
N GLU B 1000 41.72 4.96 84.13
CA GLU B 1000 42.62 6.00 83.66
C GLU B 1000 42.61 6.03 82.14
N PHE B 1001 42.79 7.22 81.58
CA PHE B 1001 43.05 7.37 80.16
C PHE B 1001 44.43 7.97 80.06
N ASP B 1002 45.42 7.19 80.46
CA ASP B 1002 46.79 7.68 80.55
C ASP B 1002 46.77 9.00 81.30
N GLU B 1003 45.97 9.04 82.34
CA GLU B 1003 45.93 10.20 83.22
C GLU B 1003 45.84 9.73 84.66
N SER B 1004 46.76 8.82 85.07
CA SER B 1004 46.72 8.13 86.37
C SER B 1004 45.44 7.31 86.48
N ASN B 1005 45.39 6.34 87.40
CA ASN B 1005 44.21 5.50 87.51
C ASN B 1005 42.98 6.37 87.83
N SER B 1006 41.99 6.34 86.94
CA SER B 1006 40.80 7.23 87.01
C SER B 1006 39.51 6.44 86.87
N GLN B 1007 39.35 5.46 87.76
CA GLN B 1007 38.16 4.64 87.81
C GLN B 1007 37.00 5.41 88.44
N SER B 1008 35.80 4.97 88.12
CA SER B 1008 34.58 5.65 88.60
C SER B 1008 33.99 5.02 89.88
N SER B 1009 34.80 4.58 90.85
CA SER B 1009 34.32 4.00 92.13
C SER B 1009 33.60 2.67 91.85
N GLY B 1026 36.88 25.73 75.94
CA GLY B 1026 35.69 26.53 75.68
C GLY B 1026 35.27 27.24 76.93
N ALA B 1027 36.17 28.01 77.52
CA ALA B 1027 35.84 28.85 78.67
C ALA B 1027 35.35 27.96 79.81
N LEU B 1028 34.36 28.43 80.56
CA LEU B 1028 33.83 27.64 81.65
C LEU B 1028 33.26 26.26 81.26
N ASP B 1029 34.02 25.41 80.50
CA ASP B 1029 33.53 24.08 80.04
C ASP B 1029 32.76 23.40 81.13
N PHE B 1030 33.19 23.68 82.35
CA PHE B 1030 32.57 23.16 83.57
C PHE B 1030 31.20 23.78 83.81
N GLU B 1031 31.09 25.10 83.82
CA GLU B 1031 29.82 25.73 84.14
C GLU B 1031 28.75 25.30 83.16
N HIS B 1032 29.13 25.17 81.90
CA HIS B 1032 28.26 24.57 80.90
C HIS B 1032 28.08 23.06 81.13
N ILE B 1033 29.08 22.35 81.73
CA ILE B 1033 29.04 20.87 81.99
C ILE B 1033 28.48 20.46 83.36
N GLU B 1034 28.09 21.42 84.19
CA GLU B 1034 27.44 21.35 85.48
C GLU B 1034 26.02 21.98 85.57
N GLU B 1035 25.62 22.91 84.61
CA GLU B 1035 24.19 23.07 84.18
C GLU B 1035 23.72 21.94 83.26
N GLN B 1036 24.69 21.33 82.57
CA GLN B 1036 24.55 20.05 81.88
C GLN B 1036 24.51 18.87 82.84
N ALA B 1037 25.31 18.88 83.92
CA ALA B 1037 25.05 17.96 85.03
C ALA B 1037 23.69 18.23 85.70
N GLU B 1038 23.24 19.51 85.72
CA GLU B 1038 21.84 19.91 85.92
C GLU B 1038 20.92 19.41 84.81
N GLY B 1039 21.54 18.98 83.71
CA GLY B 1039 21.01 18.22 82.60
C GLY B 1039 20.97 16.68 82.72
N ILE B 1040 22.03 15.97 83.15
CA ILE B 1040 21.87 14.56 83.50
C ILE B 1040 20.88 14.41 84.64
N PHE B 1041 21.09 15.19 85.70
CA PHE B 1041 20.05 15.53 86.67
C PHE B 1041 18.72 15.71 85.97
N GLY B 1042 18.66 16.59 84.97
CA GLY B 1042 17.49 16.68 84.11
C GLY B 1042 16.99 15.30 83.66
N GLY B 1043 17.87 14.52 83.02
CA GLY B 1043 17.53 13.19 82.53
C GLY B 1043 16.71 12.47 83.57
N SER B 1044 16.96 12.81 84.85
CA SER B 1044 16.34 12.08 85.98
C SER B 1044 14.83 12.38 86.22
N GLU B 1045 14.34 13.62 86.08
CA GLU B 1045 13.00 13.91 86.62
C GLU B 1045 11.91 13.38 85.71
N GLU B 1046 10.67 13.49 86.19
CA GLU B 1046 9.54 12.90 85.48
C GLU B 1046 8.25 13.68 85.78
N ASN B 1047 7.16 13.26 85.14
CA ASN B 1047 5.94 14.05 85.11
C ASN B 1047 5.22 14.10 86.43
N THR B 1048 5.22 12.98 87.14
CA THR B 1048 4.58 12.94 88.45
C THR B 1048 4.98 14.16 89.24
N PRO B 1049 6.19 14.70 89.07
CA PRO B 1049 6.73 15.79 89.92
C PRO B 1049 6.22 17.25 89.71
N LEU B 1050 4.90 17.45 89.65
CA LEU B 1050 4.28 18.75 89.38
C LEU B 1050 5.04 19.88 90.01
N ASP B 1051 5.36 19.67 91.28
CA ASP B 1051 6.18 20.61 91.97
C ASP B 1051 7.39 20.84 91.10
N LEU B 1052 8.37 19.94 91.15
CA LEU B 1052 9.62 20.09 90.41
C LEU B 1052 9.42 19.99 88.94
N ASP B 1053 8.24 19.56 88.54
CA ASP B 1053 7.94 19.42 87.14
C ASP B 1053 8.33 20.72 86.46
N ASP B 1054 7.46 21.71 86.52
CA ASP B 1054 7.58 22.89 85.64
C ASP B 1054 8.61 23.91 86.09
N HIS B 1055 8.69 24.14 87.40
CA HIS B 1055 9.19 25.39 87.94
C HIS B 1055 10.71 25.51 87.75
N GLY B 1056 11.48 24.56 88.31
CA GLY B 1056 12.91 24.74 88.46
C GLY B 1056 13.83 24.47 87.28
N GLY B 1057 13.80 23.25 86.71
CA GLY B 1057 14.66 22.89 85.58
C GLY B 1057 14.74 24.05 84.62
N ARG B 1058 13.60 24.71 84.37
CA ARG B 1058 13.42 25.84 83.48
C ARG B 1058 14.07 25.60 82.11
N THR B 1059 14.00 26.57 81.18
CA THR B 1059 14.53 26.39 79.81
C THR B 1059 16.03 26.72 79.92
N PHE B 1060 16.86 25.69 80.25
CA PHE B 1060 18.34 25.82 80.09
C PHE B 1060 18.75 26.01 78.61
N LEU B 1061 17.77 25.97 77.68
CA LEU B 1061 17.98 26.06 76.22
C LEU B 1061 18.73 27.31 75.78
N ARG B 1062 18.52 28.43 76.48
CA ARG B 1062 19.25 29.65 76.20
C ARG B 1062 20.78 29.44 76.31
N VAL B 1063 21.29 28.79 77.39
CA VAL B 1063 22.71 28.40 77.42
C VAL B 1063 23.05 27.64 76.15
N LEU B 1064 22.22 26.63 75.82
CA LEU B 1064 22.19 26.00 74.52
C LEU B 1064 22.22 27.03 73.41
N LEU B 1065 21.11 27.74 73.22
CA LEU B 1065 21.05 28.81 72.25
C LEU B 1065 22.32 29.71 72.21
N HIS B 1066 22.97 30.02 73.36
CA HIS B 1066 24.06 31.02 73.39
C HIS B 1066 25.44 30.41 73.17
N LEU B 1067 25.53 29.09 73.11
CA LEU B 1067 26.79 28.40 72.81
C LEU B 1067 26.58 27.33 71.71
N THR B 1068 25.73 27.61 70.71
CA THR B 1068 25.63 26.73 69.54
C THR B 1068 26.62 27.10 68.41
N MET B 1069 27.14 28.34 68.41
CA MET B 1069 28.16 28.78 67.45
C MET B 1069 29.57 28.30 67.80
N HIS B 1070 29.82 27.85 69.03
CA HIS B 1070 31.15 27.45 69.47
C HIS B 1070 31.39 25.97 69.21
N ASP B 1071 32.67 25.61 69.03
CA ASP B 1071 33.05 24.23 68.68
C ASP B 1071 32.27 23.20 69.53
N TYR B 1072 31.78 22.09 68.90
CA TYR B 1072 30.96 21.06 69.58
C TYR B 1072 31.76 20.34 70.63
N PRO B 1073 31.30 20.34 71.89
CA PRO B 1073 32.02 19.57 72.89
C PRO B 1073 32.18 18.12 72.46
N PRO B 1074 32.94 17.34 73.24
CA PRO B 1074 33.07 15.90 72.96
C PRO B 1074 31.89 15.10 73.48
N LEU B 1075 31.22 15.51 74.56
CA LEU B 1075 30.01 14.86 75.09
C LEU B 1075 28.76 15.28 74.32
N VAL B 1076 28.90 15.59 73.04
CA VAL B 1076 27.72 15.93 72.23
C VAL B 1076 26.79 14.73 72.09
N SER B 1077 27.34 13.50 72.06
CA SER B 1077 26.51 12.28 72.04
C SER B 1077 25.80 12.11 73.37
N GLY B 1078 26.40 12.65 74.44
CA GLY B 1078 25.74 12.80 75.73
C GLY B 1078 24.60 13.80 75.69
N ALA B 1079 24.75 14.88 74.90
CA ALA B 1079 23.60 15.71 74.56
C ALA B 1079 22.49 14.85 73.94
N LEU B 1080 22.87 13.92 73.05
CA LEU B 1080 21.95 12.94 72.46
C LEU B 1080 21.14 12.21 73.54
N GLN B 1081 21.73 12.04 74.73
CA GLN B 1081 20.99 11.47 75.85
C GLN B 1081 19.67 12.26 75.96
N LEU B 1082 19.70 13.50 76.47
CA LEU B 1082 18.48 14.32 76.59
C LEU B 1082 17.57 14.21 75.36
N LEU B 1083 18.17 14.34 74.18
CA LEU B 1083 17.42 14.33 72.95
C LEU B 1083 16.53 13.10 72.94
N PHE B 1084 17.14 11.92 72.94
CA PHE B 1084 16.36 10.70 72.65
C PHE B 1084 15.14 10.58 73.57
N ARG B 1085 15.28 10.99 74.84
CA ARG B 1085 14.19 10.83 75.83
C ARG B 1085 12.83 11.36 75.36
N HIS B 1086 12.80 12.58 74.83
CA HIS B 1086 11.51 13.18 74.54
C HIS B 1086 10.71 12.32 73.59
N PHE B 1087 11.30 11.20 73.19
CA PHE B 1087 10.85 10.32 72.13
C PHE B 1087 9.50 9.66 72.48
N SER B 1088 8.92 9.98 73.63
CA SER B 1088 7.68 9.35 74.11
C SER B 1088 6.39 10.12 73.81
N GLN B 1089 6.22 11.30 74.39
CA GLN B 1089 5.03 12.14 74.18
C GLN B 1089 5.40 13.60 74.41
N ARG B 1090 4.45 14.50 74.15
CA ARG B 1090 4.67 15.93 74.28
C ARG B 1090 3.32 16.67 74.37
N GLN B 1091 2.59 16.51 75.49
CA GLN B 1091 1.24 17.07 75.62
C GLN B 1091 1.29 18.54 76.04
N GLU B 1092 2.06 18.85 77.08
CA GLU B 1092 2.12 20.23 77.56
C GLU B 1092 2.69 21.15 76.47
N VAL B 1093 2.53 22.47 76.64
CA VAL B 1093 3.01 23.37 75.59
C VAL B 1093 4.50 23.65 75.67
N LEU B 1094 5.14 23.32 76.78
CA LEU B 1094 6.51 23.77 77.05
C LEU B 1094 7.60 23.06 76.20
N GLN B 1095 7.37 21.84 75.68
CA GLN B 1095 8.40 21.09 74.94
C GLN B 1095 9.28 22.03 74.15
N ALA B 1096 8.69 22.63 73.12
CA ALA B 1096 9.40 23.57 72.23
C ALA B 1096 10.47 24.44 72.90
N PHE B 1097 10.17 25.30 73.90
CA PHE B 1097 11.21 26.24 74.35
C PHE B 1097 12.47 25.47 74.76
N LYS B 1098 12.35 24.48 75.67
CA LYS B 1098 13.46 23.55 75.92
C LYS B 1098 13.96 22.90 74.63
N GLN B 1099 13.08 22.09 74.01
CA GLN B 1099 13.45 21.31 72.83
C GLN B 1099 14.20 22.19 71.78
N VAL B 1100 14.00 23.53 71.77
CA VAL B 1100 14.52 24.38 70.68
C VAL B 1100 16.04 24.51 70.76
N GLN B 1101 16.58 24.46 71.98
CA GLN B 1101 18.02 24.37 72.13
C GLN B 1101 18.62 23.23 71.28
N LEU B 1102 18.00 22.04 71.29
CA LEU B 1102 18.53 20.93 70.52
C LEU B 1102 18.47 21.24 69.03
N LEU B 1103 17.40 21.90 68.55
CA LEU B 1103 17.41 22.50 67.22
C LEU B 1103 18.70 23.27 66.95
N VAL B 1104 19.22 23.96 67.98
CA VAL B 1104 20.40 24.80 67.91
C VAL B 1104 21.65 23.92 67.80
N THR B 1105 22.46 24.14 66.76
CA THR B 1105 23.68 23.40 66.51
C THR B 1105 24.50 24.11 65.43
N SER B 1106 25.82 23.85 65.37
CA SER B 1106 26.69 24.47 64.37
C SER B 1106 27.57 23.44 63.65
N GLN B 1107 27.21 22.20 63.75
CA GLN B 1107 27.97 21.12 63.23
C GLN B 1107 26.94 19.99 63.01
N ASP B 1108 26.21 20.05 61.87
CA ASP B 1108 25.09 19.14 61.53
C ASP B 1108 25.47 17.88 60.70
N VAL B 1109 26.67 17.80 60.09
CA VAL B 1109 27.20 16.58 59.45
C VAL B 1109 27.40 15.46 60.47
N ASP B 1110 28.58 15.47 61.11
CA ASP B 1110 28.98 14.48 62.09
C ASP B 1110 27.89 14.18 63.13
N ASN B 1111 27.01 15.16 63.41
CA ASN B 1111 25.87 14.94 64.29
C ASN B 1111 24.70 14.27 63.57
N TYR B 1112 24.27 14.83 62.43
CA TYR B 1112 23.12 14.29 61.73
C TYR B 1112 23.29 12.81 61.33
N LYS B 1113 24.54 12.33 61.08
CA LYS B 1113 24.79 10.88 60.92
C LYS B 1113 24.27 10.05 62.09
N GLN B 1114 24.52 10.57 63.30
CA GLN B 1114 23.90 10.03 64.50
C GLN B 1114 22.38 10.28 64.49
N ILE B 1115 21.89 11.40 63.94
CA ILE B 1115 20.45 11.73 64.00
C ILE B 1115 19.57 10.85 63.15
N LYS B 1116 20.17 10.17 62.17
CA LYS B 1116 19.48 9.14 61.41
C LYS B 1116 19.03 7.98 62.29
N GLN B 1117 19.85 7.49 63.24
CA GLN B 1117 19.42 6.44 64.20
C GLN B 1117 17.92 6.27 64.23
N ASP B 1118 17.21 7.20 64.87
CA ASP B 1118 15.77 7.27 64.69
C ASP B 1118 15.33 6.89 63.26
N LEU B 1119 16.09 7.24 62.20
CA LEU B 1119 15.66 6.95 60.81
C LEU B 1119 14.29 6.26 60.73
N ASP B 1120 14.18 5.13 61.45
CA ASP B 1120 12.92 4.40 61.59
C ASP B 1120 11.93 5.10 62.52
N GLN B 1121 12.29 5.26 63.81
CA GLN B 1121 11.45 6.00 64.77
C GLN B 1121 11.09 7.40 64.27
N LEU B 1122 12.09 8.15 63.76
CA LEU B 1122 11.87 9.39 63.03
C LEU B 1122 10.77 9.21 61.95
N ARG B 1123 10.92 8.25 61.01
CA ARG B 1123 9.83 7.93 60.07
C ARG B 1123 8.44 7.79 60.74
N SER B 1124 8.41 7.38 62.04
CA SER B 1124 7.19 7.56 62.87
C SER B 1124 6.94 9.04 63.24
N ILE B 1125 7.99 9.81 63.60
CA ILE B 1125 7.85 11.23 63.94
C ILE B 1125 7.42 12.09 62.73
N VAL B 1126 7.70 11.65 61.47
CA VAL B 1126 7.17 12.27 60.22
C VAL B 1126 5.88 11.63 59.69
N GLU B 1127 5.51 10.43 60.18
CA GLU B 1127 4.22 9.83 59.88
C GLU B 1127 3.13 10.35 60.85
N LYS B 1128 3.43 10.57 62.16
CA LYS B 1128 2.51 11.18 63.15
C LYS B 1128 2.63 12.70 63.25
N SER B 1129 3.83 13.26 63.07
CA SER B 1129 3.99 14.69 62.81
C SER B 1129 3.35 15.10 61.46
N GLU B 1130 3.39 14.23 60.39
CA GLU B 1130 2.76 14.49 59.06
C GLU B 1130 1.24 14.25 58.97
N LEU B 1131 0.68 13.41 59.85
CA LEU B 1131 -0.77 13.35 60.03
C LEU B 1131 -1.35 14.67 60.55
N TRP B 1132 -0.74 15.28 61.58
CA TRP B 1132 -1.23 16.54 62.15
C TRP B 1132 -0.33 17.67 61.65
N VAL B 1133 -0.09 17.73 60.31
CA VAL B 1133 0.73 18.74 59.62
C VAL B 1133 0.65 18.74 58.11
N TYR B 1134 1.46 19.59 57.52
CA TYR B 1134 1.46 19.70 56.12
C TYR B 1134 2.35 20.90 55.96
N VAL B 1176 1.95 21.02 70.99
CA VAL B 1176 1.62 19.81 70.25
C VAL B 1176 2.12 19.99 68.83
N LYS B 1177 2.57 21.20 68.52
CA LYS B 1177 3.14 21.48 67.22
C LYS B 1177 4.60 21.09 67.15
N GLU B 1178 5.25 20.91 68.29
CA GLU B 1178 6.68 20.73 68.32
C GLU B 1178 7.15 19.46 67.62
N ILE B 1179 6.25 18.55 67.22
CA ILE B 1179 6.67 17.27 66.62
C ILE B 1179 6.80 17.32 65.08
N LEU B 1180 5.96 18.09 64.39
CA LEU B 1180 6.19 18.28 62.96
C LEU B 1180 7.26 19.31 62.73
N ILE B 1181 7.42 20.20 63.73
CA ILE B 1181 8.39 21.27 63.70
C ILE B 1181 9.80 20.74 64.03
N ARG B 1182 9.94 19.81 64.99
CA ARG B 1182 11.25 19.17 65.18
C ARG B 1182 11.45 17.90 64.34
N LEU B 1183 10.38 17.29 63.80
CA LEU B 1183 10.55 16.22 62.82
C LEU B 1183 11.07 16.79 61.49
N SER B 1184 10.64 18.01 61.14
CA SER B 1184 11.17 18.77 59.99
C SER B 1184 12.55 19.46 60.20
N LYS B 1185 12.85 20.01 61.41
CA LYS B 1185 14.20 20.53 61.73
C LYS B 1185 15.28 19.42 61.72
N LEU B 1186 15.00 18.24 62.31
CA LEU B 1186 15.77 17.04 61.97
C LEU B 1186 15.99 16.96 60.44
N CYS B 1187 14.89 17.12 59.68
CA CYS B 1187 14.92 17.05 58.19
C CYS B 1187 15.95 18.00 57.54
N VAL B 1188 15.84 19.29 57.85
CA VAL B 1188 16.82 20.21 57.29
C VAL B 1188 18.25 19.86 57.77
N GLN B 1189 18.48 19.53 59.10
CA GLN B 1189 19.86 19.20 59.59
C GLN B 1189 20.60 17.97 58.98
N GLU B 1190 19.91 16.98 58.34
CA GLU B 1190 20.58 15.96 57.47
C GLU B 1190 20.40 16.16 55.96
N SER B 1191 19.65 17.20 55.52
CA SER B 1191 19.42 17.59 54.11
C SER B 1191 20.49 18.50 53.49
N ALA B 1192 21.10 19.41 54.30
CA ALA B 1192 22.15 20.39 53.94
C ALA B 1192 23.53 19.83 54.30
N SER B 1193 23.94 18.82 53.55
CA SER B 1193 25.00 17.90 53.97
C SER B 1193 25.82 17.49 52.76
N VAL B 1194 26.77 16.58 53.00
CA VAL B 1194 27.57 15.99 51.94
C VAL B 1194 26.69 15.23 50.98
N ARG B 1195 27.16 15.11 49.76
CA ARG B 1195 26.55 14.17 48.84
C ARG B 1195 26.21 12.87 49.58
N LYS B 1196 27.06 12.46 50.52
CA LYS B 1196 26.80 11.27 51.35
C LYS B 1196 25.42 11.23 52.06
N SER B 1197 25.01 12.28 52.81
CA SER B 1197 23.79 12.25 53.66
C SER B 1197 22.50 12.17 52.83
N ARG B 1198 22.45 12.91 51.71
CA ARG B 1198 21.38 12.75 50.74
C ARG B 1198 21.24 11.30 50.20
N LYS B 1199 22.35 10.56 49.87
CA LYS B 1199 22.21 9.11 49.49
C LYS B 1199 21.86 8.17 50.64
N GLN B 1200 22.06 8.64 51.88
CA GLN B 1200 21.79 7.90 53.11
C GLN B 1200 20.30 7.78 53.40
N GLN B 1201 19.53 8.84 53.13
CA GLN B 1201 18.06 8.72 53.23
C GLN B 1201 17.61 7.32 52.81
N GLN B 1202 18.43 6.60 52.01
CA GLN B 1202 18.20 5.30 51.40
C GLN B 1202 16.77 4.88 51.67
N ARG B 1203 15.82 5.69 51.19
CA ARG B 1203 14.47 5.78 51.71
C ARG B 1203 13.49 4.82 51.01
N LEU B 1204 13.97 3.60 50.81
CA LEU B 1204 13.13 2.45 50.48
C LEU B 1204 12.49 1.95 51.79
N LEU B 1205 12.80 2.64 52.91
CA LEU B 1205 12.32 2.31 54.29
C LEU B 1205 12.30 3.47 55.39
N ARG B 1206 11.41 4.45 55.24
CA ARG B 1206 10.41 4.42 54.20
C ARG B 1206 10.15 5.79 53.56
N ASN B 1207 10.94 6.16 52.52
CA ASN B 1207 10.57 7.28 51.67
C ASN B 1207 9.21 7.01 51.07
N MET B 1208 9.16 6.19 50.02
CA MET B 1208 7.90 5.92 49.35
C MET B 1208 6.76 5.88 50.36
N GLY B 1209 7.06 5.59 51.64
CA GLY B 1209 6.08 5.65 52.73
C GLY B 1209 6.00 6.88 53.64
N ALA B 1210 7.02 7.74 53.69
CA ALA B 1210 6.88 9.05 54.33
C ALA B 1210 6.42 10.11 53.34
N HIS B 1211 6.77 9.91 52.07
CA HIS B 1211 6.11 10.56 50.95
C HIS B 1211 4.65 10.13 50.87
N ALA B 1212 4.40 8.82 50.68
CA ALA B 1212 3.02 8.38 50.50
C ALA B 1212 2.14 8.63 51.76
N VAL B 1213 2.71 8.51 52.99
CA VAL B 1213 1.95 8.69 54.24
C VAL B 1213 1.95 10.14 54.78
N VAL B 1214 3.02 10.88 54.54
CA VAL B 1214 2.97 12.32 54.81
C VAL B 1214 1.87 12.95 53.97
N LEU B 1215 1.93 12.72 52.65
CA LEU B 1215 0.87 13.17 51.74
C LEU B 1215 -0.53 12.77 52.20
N GLU B 1216 -0.76 11.45 52.31
CA GLU B 1216 -2.11 10.93 52.58
C GLU B 1216 -2.90 11.91 53.44
N LEU B 1217 -2.20 12.62 54.35
CA LEU B 1217 -2.79 13.60 55.24
C LEU B 1217 -2.54 15.03 54.87
N LEU B 1218 -1.44 15.28 54.18
CA LEU B 1218 -1.08 16.63 53.83
C LEU B 1218 -1.46 17.04 52.37
N GLN B 1219 -1.89 16.13 51.44
CA GLN B 1219 -2.20 16.56 50.03
C GLN B 1219 -3.51 17.34 49.91
N ILE B 1220 -4.60 16.77 50.44
CA ILE B 1220 -5.89 17.42 50.58
C ILE B 1220 -5.73 18.59 51.57
N PRO B 1221 -4.46 18.77 52.19
CA PRO B 1221 -4.16 19.87 53.17
C PRO B 1221 -3.03 20.89 52.84
N TYR B 1222 -3.40 22.12 52.44
CA TYR B 1222 -2.47 23.19 52.07
C TYR B 1222 -2.72 24.44 52.92
N GLU B 1223 -1.65 24.98 53.56
CA GLU B 1223 -1.71 26.08 54.54
C GLU B 1223 -1.38 27.44 53.90
N LYS B 1224 -2.18 28.48 54.24
CA LYS B 1224 -2.11 29.79 53.57
C LYS B 1224 -0.92 30.62 54.05
N ALA B 1225 -0.37 31.43 53.15
CA ALA B 1225 0.82 32.16 53.49
C ALA B 1225 0.55 32.94 54.78
N GLU B 1226 1.59 33.28 55.56
CA GLU B 1226 3.01 32.96 55.27
C GLU B 1226 3.51 31.73 56.08
N ASP B 1227 2.60 31.18 56.91
CA ASP B 1227 2.87 30.04 57.80
C ASP B 1227 2.47 28.73 57.14
N THR B 1228 3.47 27.95 56.74
CA THR B 1228 3.23 26.64 56.16
C THR B 1228 4.56 25.90 56.20
N LYS B 1229 4.50 24.54 56.30
CA LYS B 1229 5.68 23.71 56.54
C LYS B 1229 5.66 22.32 55.89
N MET B 1230 4.72 22.00 54.98
CA MET B 1230 4.85 20.75 54.23
C MET B 1230 6.07 20.82 53.31
N GLN B 1231 6.33 22.02 52.73
CA GLN B 1231 7.43 22.30 51.79
C GLN B 1231 8.85 22.40 52.42
N GLU B 1232 8.98 22.39 53.77
CA GLU B 1232 10.30 22.40 54.43
C GLU B 1232 10.78 20.99 54.83
N ILE B 1233 9.89 20.20 55.46
CA ILE B 1233 10.19 18.79 55.74
C ILE B 1233 10.41 18.01 54.44
N MET B 1234 9.60 18.29 53.38
CA MET B 1234 9.90 17.69 52.07
C MET B 1234 11.05 18.38 51.34
N ARG B 1235 11.06 19.72 51.27
CA ARG B 1235 11.95 20.43 50.37
C ARG B 1235 13.39 20.46 50.87
N LEU B 1236 13.59 20.36 52.18
CA LEU B 1236 14.94 20.14 52.65
C LEU B 1236 15.48 18.84 52.10
N ALA B 1237 14.59 17.90 51.74
CA ALA B 1237 14.98 16.58 51.24
C ALA B 1237 15.70 16.66 49.86
N HIS B 1238 15.12 17.37 48.87
CA HIS B 1238 15.56 17.33 47.47
C HIS B 1238 17.00 17.85 47.24
N GLU B 1239 17.74 18.21 48.30
CA GLU B 1239 19.13 18.65 48.21
C GLU B 1239 20.04 17.60 47.57
N PHE B 1240 19.90 17.44 46.26
CA PHE B 1240 20.79 16.65 45.41
C PHE B 1240 21.90 17.57 44.98
N LEU B 1241 22.78 17.85 45.92
CA LEU B 1241 23.89 18.74 45.67
C LEU B 1241 23.46 20.12 45.10
N GLN B 1242 22.41 20.76 45.68
CA GLN B 1242 21.97 22.17 45.39
C GLN B 1242 21.82 22.43 43.91
N ASN B 1243 21.02 21.59 43.26
CA ASN B 1243 20.92 21.61 41.81
C ASN B 1243 22.19 20.96 41.15
N PHE B 1244 22.11 20.52 39.88
CA PHE B 1244 20.99 20.63 38.96
C PHE B 1244 20.01 19.49 39.10
N CYS B 1245 19.56 18.97 37.96
CA CYS B 1245 18.60 17.89 37.93
C CYS B 1245 19.40 16.63 37.66
N ALA B 1246 19.76 15.96 38.74
CA ALA B 1246 20.69 14.83 38.75
C ALA B 1246 20.59 14.23 40.14
N GLY B 1247 21.19 13.05 40.30
CA GLY B 1247 21.19 12.34 41.56
C GLY B 1247 19.80 12.31 42.13
N ASN B 1248 18.79 12.17 41.27
CA ASN B 1248 17.39 12.09 41.61
C ASN B 1248 16.70 10.96 40.85
N GLN B 1249 17.37 9.81 40.79
CA GLN B 1249 16.77 8.65 40.16
C GLN B 1249 15.72 7.99 41.06
N GLN B 1250 15.90 8.06 42.40
CA GLN B 1250 14.94 7.56 43.41
C GLN B 1250 13.57 8.20 43.29
N ASN B 1251 13.52 9.26 42.50
CA ASN B 1251 12.32 10.08 42.38
C ASN B 1251 11.42 9.65 41.24
N GLN B 1252 11.88 8.75 40.37
CA GLN B 1252 11.01 8.20 39.35
C GLN B 1252 10.00 7.19 39.97
N ALA B 1253 10.38 6.42 41.01
CA ALA B 1253 9.51 5.40 41.65
C ALA B 1253 8.71 5.89 42.87
N LEU B 1254 9.30 6.81 43.66
CA LEU B 1254 8.54 7.55 44.65
C LEU B 1254 7.58 8.56 43.96
N LEU B 1255 8.09 9.37 42.98
CA LEU B 1255 7.24 10.32 42.21
C LEU B 1255 6.39 9.67 41.08
N HIS B 1256 6.28 8.32 40.99
CA HIS B 1256 5.42 7.56 40.07
C HIS B 1256 4.03 7.23 40.62
N LYS B 1257 3.94 6.87 41.90
CA LYS B 1257 2.69 6.48 42.54
C LYS B 1257 2.28 7.55 43.54
N HIS B 1258 1.17 8.21 43.26
CA HIS B 1258 0.71 9.30 44.12
C HIS B 1258 -0.68 9.75 43.66
N ILE B 1259 -1.23 10.78 44.31
CA ILE B 1259 -2.45 11.46 43.90
C ILE B 1259 -2.07 12.87 43.45
N ASN B 1260 -2.60 13.32 42.32
CA ASN B 1260 -2.18 14.60 41.75
C ASN B 1260 -2.69 15.78 42.61
N LEU B 1261 -2.32 17.02 42.24
CA LEU B 1261 -2.83 18.29 42.80
C LEU B 1261 -3.89 18.92 41.86
N PHE B 1262 -4.55 19.99 42.32
CA PHE B 1262 -5.80 20.46 41.69
C PHE B 1262 -5.56 21.29 40.41
N LEU B 1263 -6.61 21.46 39.59
CA LEU B 1263 -6.51 22.20 38.32
C LEU B 1263 -7.81 22.98 38.03
N ASN B 1264 -7.73 23.94 37.04
CA ASN B 1264 -8.83 24.54 36.25
C ASN B 1264 -9.82 25.41 37.05
N PRO B 1265 -11.10 25.04 37.09
CA PRO B 1265 -12.17 25.82 37.75
C PRO B 1265 -12.28 25.77 39.28
N GLY B 1266 -12.44 26.96 39.87
CA GLY B 1266 -12.10 27.18 41.27
C GLY B 1266 -10.66 27.70 41.35
N ILE B 1267 -9.93 27.16 42.35
CA ILE B 1267 -8.52 27.43 42.73
C ILE B 1267 -8.19 26.63 44.00
N LEU B 1268 -7.00 26.80 44.62
CA LEU B 1268 -6.59 25.87 45.69
C LEU B 1268 -5.91 26.54 46.88
N GLU B 1269 -5.90 25.80 47.99
CA GLU B 1269 -5.25 26.25 49.21
C GLU B 1269 -3.83 26.64 48.85
N ALA B 1270 -3.41 27.87 49.24
CA ALA B 1270 -2.11 28.46 48.87
C ALA B 1270 -0.94 27.65 49.43
N VAL B 1271 0.30 28.11 49.12
CA VAL B 1271 1.58 27.58 49.60
C VAL B 1271 1.95 26.21 48.97
N THR B 1272 1.22 25.13 49.32
CA THR B 1272 1.45 23.74 48.85
C THR B 1272 1.69 23.56 47.33
N MET B 1273 1.18 24.50 46.50
CA MET B 1273 1.44 24.60 45.06
C MET B 1273 2.90 24.92 44.66
N GLN B 1274 3.38 26.15 44.92
CA GLN B 1274 4.76 26.54 44.60
C GLN B 1274 5.73 25.41 44.99
N HIS B 1275 5.58 24.92 46.21
CA HIS B 1275 6.20 23.65 46.63
C HIS B 1275 6.02 22.55 45.58
N ILE B 1276 4.78 22.30 45.10
CA ILE B 1276 4.48 21.17 44.20
C ILE B 1276 5.25 21.26 42.88
N PHE B 1277 5.35 22.48 42.34
CA PHE B 1277 5.99 22.75 41.07
C PHE B 1277 7.51 22.59 41.16
N MET B 1278 8.17 23.29 42.12
CA MET B 1278 9.62 23.08 42.29
C MET B 1278 9.98 21.61 42.65
N ASN B 1279 9.21 20.97 43.55
CA ASN B 1279 9.41 19.55 43.90
C ASN B 1279 9.37 18.61 42.67
N ASN B 1280 8.33 18.72 41.79
CA ASN B 1280 8.27 17.91 40.56
C ASN B 1280 9.49 18.06 39.60
N PHE B 1281 10.11 19.28 39.48
CA PHE B 1281 11.37 19.38 38.69
C PHE B 1281 12.54 18.60 39.31
N GLN B 1282 12.65 18.63 40.65
CA GLN B 1282 13.71 17.89 41.35
C GLN B 1282 13.56 16.35 41.23
N LEU B 1283 12.33 15.81 41.26
CA LEU B 1283 12.16 14.36 41.12
C LEU B 1283 12.31 13.88 39.66
N CYS B 1284 11.49 14.39 38.71
CA CYS B 1284 11.53 13.95 37.30
C CYS B 1284 12.56 14.70 36.47
N SER B 1285 13.55 15.29 37.16
CA SER B 1285 14.63 16.06 36.56
C SER B 1285 15.94 15.25 36.40
N GLU B 1286 15.95 13.95 36.66
CA GLU B 1286 17.12 13.18 36.23
C GLU B 1286 17.31 13.33 34.71
N ILE B 1287 18.53 13.71 34.30
CA ILE B 1287 18.90 14.02 32.92
C ILE B 1287 19.67 12.86 32.34
N ASN B 1288 18.92 12.05 31.60
CA ASN B 1288 19.27 10.65 31.36
C ASN B 1288 18.14 9.84 30.71
N GLU B 1289 17.05 9.60 31.44
CA GLU B 1289 16.00 8.69 30.98
C GLU B 1289 15.01 9.50 30.16
N ARG B 1290 14.61 8.95 29.00
CA ARG B 1290 13.69 9.71 28.15
C ARG B 1290 12.36 9.93 28.80
N VAL B 1291 12.27 9.62 30.10
CA VAL B 1291 11.12 9.96 30.95
C VAL B 1291 11.12 11.45 31.19
N VAL B 1292 12.09 11.93 31.97
CA VAL B 1292 12.13 13.26 32.57
C VAL B 1292 11.64 14.34 31.62
N GLN B 1293 11.56 13.99 30.33
CA GLN B 1293 10.76 14.77 29.37
C GLN B 1293 9.25 14.47 29.50
N HIS B 1294 8.83 13.21 29.26
CA HIS B 1294 7.46 12.77 29.62
C HIS B 1294 7.08 13.13 31.07
N PHE B 1295 8.09 13.39 31.91
CA PHE B 1295 7.92 13.76 33.31
C PHE B 1295 7.65 15.25 33.52
N VAL B 1296 8.55 16.15 33.06
CA VAL B 1296 8.29 17.59 33.10
C VAL B 1296 7.13 17.97 32.19
N HIS B 1297 6.51 16.95 31.54
CA HIS B 1297 5.26 17.04 30.79
C HIS B 1297 4.06 16.21 31.31
N CYS B 1298 4.23 15.01 31.91
CA CYS B 1298 3.08 14.19 32.30
C CYS B 1298 2.20 14.92 33.33
N ILE B 1299 0.93 15.10 32.98
CA ILE B 1299 -0.04 15.80 33.82
C ILE B 1299 -0.25 17.21 33.26
N GLU B 1300 0.21 18.26 33.95
CA GLU B 1300 -0.07 19.64 33.52
C GLU B 1300 0.06 19.79 32.00
N THR B 1301 1.00 19.03 31.40
CA THR B 1301 1.26 18.97 29.96
C THR B 1301 1.45 20.39 29.44
N HIS B 1302 1.59 20.63 28.12
CA HIS B 1302 1.65 22.02 27.62
C HIS B 1302 0.53 22.88 28.25
N GLY B 1303 -0.59 22.22 28.60
CA GLY B 1303 -1.81 22.92 29.01
C GLY B 1303 -1.64 23.96 30.11
N ARG B 1304 -0.88 23.63 31.17
CA ARG B 1304 -0.63 24.60 32.23
C ARG B 1304 -0.51 26.05 31.74
N ASN B 1305 0.29 26.32 30.68
CA ASN B 1305 0.61 27.73 30.40
C ASN B 1305 -0.65 28.54 30.33
N VAL B 1306 -1.67 27.98 29.72
CA VAL B 1306 -2.93 28.71 29.64
C VAL B 1306 -3.29 29.20 31.03
N GLN B 1307 -3.54 28.27 31.94
CA GLN B 1307 -4.06 28.62 33.27
C GLN B 1307 -3.15 29.59 34.02
N TYR B 1308 -1.90 29.75 33.59
CA TYR B 1308 -1.02 30.66 34.32
C TYR B 1308 -1.09 32.12 33.82
N ILE B 1309 -1.99 32.49 32.89
CA ILE B 1309 -2.02 33.90 32.46
C ILE B 1309 -2.97 34.74 33.32
N LYS B 1310 -4.00 34.11 33.88
CA LYS B 1310 -5.01 34.79 34.68
C LYS B 1310 -5.67 33.72 35.53
N PHE B 1311 -5.93 34.09 36.78
CA PHE B 1311 -6.71 33.31 37.75
C PHE B 1311 -5.86 32.70 38.86
N LEU B 1312 -4.53 32.87 38.75
CA LEU B 1312 -3.57 32.44 39.78
C LEU B 1312 -3.28 33.54 40.82
N GLN B 1313 -3.02 34.80 40.37
CA GLN B 1313 -3.01 35.95 41.29
C GLN B 1313 -4.23 35.93 42.21
N THR B 1314 -5.42 35.63 41.67
CA THR B 1314 -6.65 35.43 42.46
C THR B 1314 -6.45 34.44 43.61
N ILE B 1315 -6.01 33.21 43.29
CA ILE B 1315 -5.77 32.16 44.29
C ILE B 1315 -4.86 32.67 45.40
N VAL B 1316 -3.86 33.47 45.03
CA VAL B 1316 -2.96 34.08 46.00
C VAL B 1316 -3.71 35.08 46.87
N LYS B 1317 -4.29 36.13 46.24
CA LYS B 1317 -5.18 37.08 46.94
C LYS B 1317 -5.95 36.37 48.06
N ALA B 1318 -6.90 35.52 47.70
CA ALA B 1318 -7.69 34.79 48.70
C ALA B 1318 -6.84 33.90 49.61
N GLU B 1319 -5.66 33.54 49.14
CA GLU B 1319 -4.80 32.57 49.78
C GLU B 1319 -4.12 33.15 50.98
N GLY B 1320 -3.70 34.41 50.88
CA GLY B 1320 -2.93 35.11 51.89
C GLY B 1320 -2.88 36.60 51.60
N LYS B 1321 -2.71 37.38 52.69
CA LYS B 1321 -2.61 38.84 52.59
C LYS B 1321 -1.60 39.21 51.52
N PHE B 1322 -0.32 38.89 51.75
CA PHE B 1322 0.70 39.06 50.73
C PHE B 1322 0.42 38.16 49.53
N ILE B 1323 -0.75 38.36 48.91
CA ILE B 1323 -1.16 37.59 47.75
C ILE B 1323 0.00 37.51 46.79
N LYS B 1324 0.61 38.68 46.57
CA LYS B 1324 1.67 38.84 45.58
C LYS B 1324 2.81 37.85 45.75
N LYS B 1325 3.15 37.43 46.98
CA LYS B 1325 4.27 36.48 47.12
C LYS B 1325 3.89 35.09 46.58
N CYS B 1326 2.70 34.57 46.95
CA CYS B 1326 2.28 33.27 46.43
C CYS B 1326 2.10 33.32 44.92
N GLN B 1327 1.77 34.50 44.38
CA GLN B 1327 1.64 34.62 42.92
C GLN B 1327 3.00 34.73 42.16
N ASP B 1328 4.08 35.43 42.69
CA ASP B 1328 5.40 35.60 42.01
C ASP B 1328 6.41 34.43 42.24
N MET B 1329 6.30 33.69 43.36
CA MET B 1329 6.84 32.33 43.39
C MET B 1329 6.07 31.43 42.43
N VAL B 1330 4.76 31.69 42.23
CA VAL B 1330 4.07 31.09 41.08
C VAL B 1330 4.78 31.48 39.76
N MET B 1331 5.21 32.74 39.61
CA MET B 1331 5.95 33.19 38.41
C MET B 1331 7.27 32.46 38.24
N ALA B 1332 7.89 32.09 39.37
CA ALA B 1332 9.18 31.40 39.36
C ALA B 1332 9.07 29.90 39.02
N GLU B 1333 8.22 29.16 39.74
CA GLU B 1333 7.99 27.77 39.36
C GLU B 1333 7.62 27.70 37.87
N LEU B 1334 6.64 28.53 37.39
CA LEU B 1334 6.22 28.55 35.95
C LEU B 1334 7.34 28.87 34.96
N VAL B 1335 8.28 29.73 35.33
CA VAL B 1335 9.42 29.99 34.46
C VAL B 1335 10.47 28.90 34.56
N ASN B 1336 10.39 28.04 35.57
CA ASN B 1336 11.50 27.20 36.00
C ASN B 1336 11.61 25.84 35.27
N SER B 1337 10.62 25.45 34.44
CA SER B 1337 10.53 24.07 33.91
C SER B 1337 11.71 23.71 32.96
N GLY B 1338 12.27 24.66 32.19
CA GLY B 1338 13.50 24.37 31.46
C GLY B 1338 14.58 23.81 32.36
N GLU B 1339 14.69 24.35 33.60
CA GLU B 1339 15.94 24.31 34.39
C GLU B 1339 16.26 22.93 35.00
N ASP B 1340 15.26 22.18 35.47
CA ASP B 1340 15.48 20.84 36.02
C ASP B 1340 15.30 19.79 34.93
N VAL B 1341 16.42 19.12 34.60
CA VAL B 1341 16.59 18.12 33.55
C VAL B 1341 16.23 18.66 32.17
N LEU B 1342 16.67 19.90 31.84
CA LEU B 1342 16.38 20.51 30.53
C LEU B 1342 16.94 19.70 29.36
N VAL B 1343 18.20 19.26 29.48
CA VAL B 1343 18.72 18.20 28.62
C VAL B 1343 17.85 16.96 28.70
N PHE B 1344 17.41 16.55 29.93
CA PHE B 1344 16.44 15.47 30.07
C PHE B 1344 15.04 15.89 29.66
N TYR B 1345 14.70 17.16 29.84
CA TYR B 1345 13.37 17.65 29.50
C TYR B 1345 13.17 17.56 28.00
N ASN B 1346 14.08 18.16 27.22
CA ASN B 1346 14.23 17.93 25.78
C ASN B 1346 14.31 16.43 25.50
N ASP B 1347 15.50 15.85 25.24
CA ASP B 1347 15.78 14.41 25.13
C ASP B 1347 15.55 13.89 23.72
N ARG B 1348 14.67 12.89 23.56
CA ARG B 1348 14.31 12.43 22.22
C ARG B 1348 13.39 13.42 21.48
N ALA B 1349 12.38 14.01 22.15
CA ALA B 1349 11.40 14.93 21.52
C ALA B 1349 10.44 15.65 22.50
N SER B 1350 10.95 16.41 23.48
CA SER B 1350 10.07 17.25 24.30
C SER B 1350 9.88 18.67 23.74
N PHE B 1351 10.85 19.17 22.95
CA PHE B 1351 10.84 20.55 22.42
C PHE B 1351 10.03 20.71 21.13
N GLN B 1352 10.05 19.72 20.21
CA GLN B 1352 9.24 19.78 19.00
C GLN B 1352 7.72 19.65 19.29
N THR B 1353 7.30 19.20 20.50
CA THR B 1353 5.88 19.05 20.88
C THR B 1353 5.20 20.38 21.25
N LEU B 1354 5.95 21.32 21.85
CA LEU B 1354 5.43 22.64 22.19
C LEU B 1354 6.00 23.77 21.29
N ILE B 1355 6.39 23.44 20.04
CA ILE B 1355 7.13 24.36 19.13
C ILE B 1355 6.19 25.39 18.50
N GLN B 1356 6.75 26.51 18.04
CA GLN B 1356 5.98 27.66 17.60
C GLN B 1356 5.03 28.18 18.68
N MET B 1357 4.91 27.48 19.84
CA MET B 1357 3.98 27.82 20.94
C MET B 1357 4.60 28.43 22.20
N MET B 1358 5.12 27.58 23.09
CA MET B 1358 5.55 28.05 24.40
C MET B 1358 6.21 29.46 24.34
N ARG B 1359 6.84 29.83 23.21
CA ARG B 1359 7.49 31.15 23.07
C ARG B 1359 6.48 32.30 22.85
N SER B 1360 5.62 32.18 21.82
CA SER B 1360 4.55 33.15 21.61
C SER B 1360 3.69 33.40 22.85
N GLU B 1361 3.66 32.44 23.81
CA GLU B 1361 2.93 32.55 25.08
C GLU B 1361 3.79 33.05 26.26
N ARG B 1362 5.13 32.98 26.14
CA ARG B 1362 5.99 33.60 27.15
C ARG B 1362 6.16 35.11 26.92
N ASP B 1363 6.15 35.60 25.67
CA ASP B 1363 6.00 37.07 25.50
C ASP B 1363 4.77 37.60 26.28
N ARG B 1364 3.72 36.78 26.46
CA ARG B 1364 2.62 37.09 27.39
C ARG B 1364 3.10 37.41 28.82
N MET B 1365 3.96 36.56 29.43
CA MET B 1365 4.58 36.82 30.73
C MET B 1365 5.83 37.72 30.64
N ASP B 1366 5.77 38.76 29.80
CA ASP B 1366 6.97 39.52 29.38
C ASP B 1366 7.27 40.76 30.23
N GLU B 1367 6.31 41.27 31.01
CA GLU B 1367 6.48 42.53 31.73
C GLU B 1367 6.32 42.31 33.22
N ASN B 1368 7.32 42.74 33.95
CA ASN B 1368 7.35 42.58 35.38
C ASN B 1368 8.16 43.73 35.93
N SER B 1369 8.21 43.84 37.27
CA SER B 1369 8.89 44.90 38.01
C SER B 1369 8.93 44.58 39.51
N PRO B 1370 9.63 45.39 40.36
CA PRO B 1370 9.61 45.13 41.82
C PRO B 1370 9.98 43.68 42.19
N LEU B 1371 11.14 43.19 41.70
CA LEU B 1371 11.34 41.75 41.50
C LEU B 1371 12.41 41.07 42.39
N MET B 1372 12.97 41.70 43.42
CA MET B 1372 13.92 40.98 44.27
C MET B 1372 13.61 39.47 44.48
N TYR B 1373 12.34 39.13 44.85
CA TYR B 1373 11.85 37.74 44.91
C TYR B 1373 11.30 37.20 43.57
N HIS B 1374 10.69 38.03 42.69
CA HIS B 1374 10.32 37.62 41.32
C HIS B 1374 11.33 38.09 40.24
N ILE B 1375 12.45 38.74 40.64
CA ILE B 1375 13.77 38.94 39.96
C ILE B 1375 14.81 37.92 40.46
N HIS B 1376 14.41 37.12 41.49
CA HIS B 1376 14.63 35.66 41.57
C HIS B 1376 13.63 34.83 40.74
N LEU B 1377 12.44 35.40 40.44
CA LEU B 1377 11.63 34.98 39.26
C LEU B 1377 12.15 35.57 37.94
N VAL B 1378 13.26 36.31 37.97
CA VAL B 1378 13.99 36.83 36.79
C VAL B 1378 15.51 36.45 36.79
N GLU B 1379 16.02 35.77 37.83
CA GLU B 1379 17.24 34.93 37.75
C GLU B 1379 16.95 33.41 37.80
N LEU B 1380 15.77 32.99 38.28
CA LEU B 1380 15.17 31.69 37.97
C LEU B 1380 14.11 31.80 36.87
N LEU B 1381 13.70 33.05 36.47
CA LEU B 1381 13.32 33.41 35.09
C LEU B 1381 14.46 34.07 34.25
N ALA B 1382 15.74 34.07 34.70
CA ALA B 1382 16.94 34.16 33.81
C ALA B 1382 17.70 32.83 33.70
N VAL B 1383 17.42 31.87 34.59
CA VAL B 1383 17.74 30.43 34.38
C VAL B 1383 16.59 29.70 33.72
N CYS B 1384 15.36 29.96 34.21
CA CYS B 1384 14.16 29.75 33.41
C CYS B 1384 14.33 30.36 32.05
N THR B 1385 14.94 31.55 32.01
CA THR B 1385 15.28 32.24 30.77
C THR B 1385 16.65 31.82 30.17
N GLU B 1386 17.64 31.37 30.95
CA GLU B 1386 18.82 30.84 30.29
C GLU B 1386 18.56 29.49 29.64
N GLY B 1387 17.35 28.93 29.80
CA GLY B 1387 16.94 27.64 29.25
C GLY B 1387 15.81 27.65 28.22
N LYS B 1388 15.62 28.75 27.50
CA LYS B 1388 14.78 28.81 26.30
C LYS B 1388 15.55 28.47 25.03
N ASN B 1389 16.87 28.81 24.95
CA ASN B 1389 17.65 28.87 23.68
C ASN B 1389 19.04 28.22 23.78
N VAL B 1390 19.12 27.02 24.38
CA VAL B 1390 20.37 26.24 24.32
C VAL B 1390 20.26 25.02 23.38
N TYR B 1391 19.16 24.23 23.44
CA TYR B 1391 19.01 22.91 22.75
C TYR B 1391 18.02 22.86 21.57
N THR B 1392 17.93 23.94 20.74
CA THR B 1392 17.11 24.00 19.50
C THR B 1392 17.95 24.38 18.27
N GLU B 1393 18.17 23.39 17.38
CA GLU B 1393 18.94 23.59 16.15
C GLU B 1393 18.11 23.52 14.87
N ILE B 1394 16.79 23.22 14.97
CA ILE B 1394 15.92 23.14 13.79
C ILE B 1394 14.40 23.08 14.09
N LYS B 1395 13.83 24.16 14.69
CA LYS B 1395 12.38 24.30 14.91
C LYS B 1395 11.88 25.71 15.20
N CYS B 1396 12.36 26.72 14.49
CA CYS B 1396 12.07 28.12 14.75
C CYS B 1396 11.47 28.77 13.50
N ASN B 1397 10.57 29.74 13.72
CA ASN B 1397 10.02 30.66 12.72
C ASN B 1397 9.25 31.82 13.40
N SER B 1398 9.97 32.73 14.04
CA SER B 1398 9.41 33.92 14.70
C SER B 1398 10.45 35.03 14.76
N LEU B 1399 10.05 36.18 15.29
CA LEU B 1399 10.87 37.37 15.19
C LEU B 1399 10.86 38.03 16.54
N LEU B 1400 11.86 38.88 16.78
CA LEU B 1400 11.65 39.97 17.73
C LEU B 1400 11.90 39.71 19.23
N PRO B 1401 12.14 38.47 19.68
CA PRO B 1401 12.26 38.19 21.14
C PRO B 1401 13.47 38.83 21.84
N LEU B 1402 14.57 38.86 21.10
CA LEU B 1402 15.82 39.43 21.57
C LEU B 1402 15.58 40.85 22.14
N ASP B 1403 14.68 41.66 21.56
CA ASP B 1403 14.30 42.96 22.18
C ASP B 1403 13.68 42.80 23.58
N ASP B 1404 12.66 41.92 23.72
CA ASP B 1404 11.84 41.82 24.94
C ASP B 1404 12.73 41.54 26.17
N ILE B 1405 13.72 40.66 26.02
CA ILE B 1405 14.77 40.60 27.03
C ILE B 1405 15.55 41.93 27.14
N VAL B 1406 16.29 42.36 26.07
CA VAL B 1406 17.23 43.51 26.17
C VAL B 1406 16.67 44.71 26.94
N ARG B 1407 15.39 45.01 26.71
CA ARG B 1407 14.65 45.97 27.58
C ARG B 1407 14.47 45.43 29.00
N VAL B 1408 14.01 44.17 29.16
CA VAL B 1408 13.92 43.57 30.49
C VAL B 1408 15.22 43.78 31.26
N VAL B 1409 16.36 43.52 30.59
CA VAL B 1409 17.70 43.73 31.17
C VAL B 1409 17.98 45.23 31.37
N THR B 1410 17.33 46.13 30.57
CA THR B 1410 17.45 47.60 30.76
C THR B 1410 16.53 48.19 31.84
N HIS B 1411 15.26 47.79 31.85
CA HIS B 1411 14.29 48.27 32.79
C HIS B 1411 14.44 47.68 34.22
N GLU B 1412 15.29 46.65 34.46
CA GLU B 1412 15.55 46.22 35.85
C GLU B 1412 16.17 47.34 36.67
N ASP B 1413 16.12 47.17 37.99
CA ASP B 1413 16.73 48.09 38.94
C ASP B 1413 17.31 47.23 40.06
N CYS B 1414 17.44 47.86 41.25
CA CYS B 1414 17.69 47.19 42.52
C CYS B 1414 19.15 46.77 42.64
N ILE B 1415 19.38 45.48 42.90
CA ILE B 1415 20.66 44.96 43.35
C ILE B 1415 21.75 45.49 42.42
N PRO B 1416 23.02 45.72 42.91
CA PRO B 1416 24.11 45.98 41.96
C PRO B 1416 23.90 45.12 40.74
N GLU B 1417 24.39 45.53 39.59
CA GLU B 1417 24.18 44.69 38.42
C GLU B 1417 24.72 43.24 38.60
N VAL B 1418 25.98 43.00 39.08
CA VAL B 1418 26.66 41.67 39.09
C VAL B 1418 25.81 40.39 38.93
N LYS B 1419 24.74 40.24 39.73
CA LYS B 1419 23.85 39.08 39.60
C LYS B 1419 22.99 39.15 38.30
N ILE B 1420 22.59 40.36 37.84
CA ILE B 1420 21.85 40.63 36.57
C ILE B 1420 22.78 41.18 35.43
N ALA B 1421 24.11 41.17 35.64
CA ALA B 1421 25.16 41.41 34.65
C ALA B 1421 26.05 40.19 34.49
N TYR B 1422 25.80 39.13 35.30
CA TYR B 1422 26.19 37.73 35.12
C TYR B 1422 25.03 36.82 34.72
N ILE B 1423 23.77 37.22 34.99
CA ILE B 1423 22.63 36.68 34.24
C ILE B 1423 22.31 37.54 32.96
N ASN B 1424 22.63 38.90 32.93
CA ASN B 1424 22.57 39.75 31.70
C ASN B 1424 23.87 39.71 30.86
N PHE B 1425 25.00 39.43 31.52
CA PHE B 1425 26.23 38.99 30.84
C PHE B 1425 26.13 37.53 30.36
N LEU B 1426 25.68 36.60 31.23
CA LEU B 1426 25.47 35.18 30.84
C LEU B 1426 24.50 35.04 29.65
N ASN B 1427 23.46 35.90 29.58
CA ASN B 1427 22.69 36.04 28.34
C ASN B 1427 23.50 36.71 27.19
N HIS B 1428 24.47 37.63 27.51
CA HIS B 1428 25.25 38.33 26.46
C HIS B 1428 26.37 37.48 25.80
N CYS B 1429 26.98 36.54 26.53
CA CYS B 1429 27.88 35.55 25.92
C CYS B 1429 27.09 34.33 25.34
N TYR B 1430 26.03 33.81 26.04
CA TYR B 1430 25.19 32.72 25.47
C TYR B 1430 24.47 33.14 24.18
N VAL B 1431 24.10 34.42 24.06
CA VAL B 1431 23.53 34.97 22.82
C VAL B 1431 24.62 35.46 21.82
N ASP B 1432 25.83 35.81 22.28
CA ASP B 1432 26.92 36.14 21.35
C ASP B 1432 27.59 34.93 20.64
N THR B 1433 27.36 33.65 21.06
CA THR B 1433 28.09 32.48 20.49
C THR B 1433 27.50 31.89 19.19
N GLU B 1434 26.18 31.91 18.96
CA GLU B 1434 25.63 31.17 17.81
C GLU B 1434 25.81 31.89 16.47
N VAL B 1435 25.81 33.24 16.48
CA VAL B 1435 26.23 34.20 15.42
C VAL B 1435 25.31 34.36 14.20
N GLU B 1436 24.97 33.26 13.49
CA GLU B 1436 24.07 33.35 12.32
C GLU B 1436 22.57 33.08 12.60
N MET B 1437 22.22 32.23 13.60
CA MET B 1437 20.81 31.87 13.89
C MET B 1437 20.00 33.00 14.56
N LYS B 1438 20.61 33.70 15.53
CA LYS B 1438 20.04 34.95 16.06
C LYS B 1438 19.96 36.05 14.99
N GLU B 1439 20.85 36.02 13.99
CA GLU B 1439 20.72 36.88 12.81
C GLU B 1439 19.46 36.51 11.97
N ILE B 1440 19.02 35.23 11.96
CA ILE B 1440 17.69 34.87 11.42
C ILE B 1440 16.51 35.28 12.32
N TYR B 1441 16.71 35.34 13.65
CA TYR B 1441 15.62 35.64 14.58
C TYR B 1441 15.18 37.12 14.59
N THR B 1442 16.06 38.08 14.19
CA THR B 1442 15.78 39.53 14.21
C THR B 1442 16.67 40.30 13.20
N SER B 1443 16.14 41.42 12.63
CA SER B 1443 16.78 42.10 11.48
C SER B 1443 18.18 42.61 11.82
N ASN B 1444 18.50 42.75 13.09
CA ASN B 1444 19.85 43.08 13.55
C ASN B 1444 19.90 42.88 15.06
N HIS B 1445 21.12 42.97 15.58
CA HIS B 1445 21.39 42.97 17.01
C HIS B 1445 22.57 43.92 17.31
N MET B 1446 22.35 45.22 17.03
CA MET B 1446 23.39 46.26 17.17
C MET B 1446 23.57 46.76 18.62
N TRP B 1447 22.47 47.07 19.38
CA TRP B 1447 22.54 47.53 20.79
C TRP B 1447 23.06 46.47 21.81
N LYS B 1448 23.26 45.19 21.40
CA LYS B 1448 23.79 44.09 22.26
C LYS B 1448 25.31 44.04 22.27
N LEU B 1449 25.95 44.66 21.27
CA LEU B 1449 27.39 44.88 21.32
C LEU B 1449 27.74 46.07 22.25
N PHE B 1450 26.84 47.07 22.42
CA PHE B 1450 27.03 48.14 23.42
C PHE B 1450 26.49 47.85 24.86
N GLU B 1451 25.48 46.95 25.03
CA GLU B 1451 24.95 46.53 26.35
C GLU B 1451 25.59 45.26 26.90
N ASN B 1452 26.17 44.44 26.01
CA ASN B 1452 27.21 43.51 26.40
C ASN B 1452 28.52 44.24 26.69
N PHE B 1453 28.95 45.20 25.79
CA PHE B 1453 30.14 46.07 25.88
C PHE B 1453 30.02 47.17 26.97
N LEU B 1454 28.86 47.20 27.67
CA LEU B 1454 28.67 47.83 28.97
C LEU B 1454 28.48 46.82 30.12
N VAL B 1455 27.71 45.74 29.94
CA VAL B 1455 27.65 44.71 30.99
C VAL B 1455 29.04 44.12 31.25
N ASP B 1456 29.86 44.01 30.18
CA ASP B 1456 31.26 43.58 30.28
C ASP B 1456 32.25 44.73 30.63
N ILE B 1457 32.13 45.94 30.02
CA ILE B 1457 33.07 47.05 30.28
C ILE B 1457 32.98 47.56 31.74
N CYS B 1458 31.75 47.65 32.28
CA CYS B 1458 31.42 47.97 33.68
C CYS B 1458 32.45 48.83 34.43
N ARG B 1459 32.46 48.74 35.76
CA ARG B 1459 33.35 49.55 36.59
C ARG B 1459 33.84 48.69 37.76
N ALA B 1460 33.97 49.20 39.00
CA ALA B 1460 34.48 48.41 40.14
C ALA B 1460 33.39 47.67 40.91
N CYS B 1461 32.22 47.49 40.25
CA CYS B 1461 30.95 46.81 40.60
C CYS B 1461 29.81 47.24 39.65
N ASN B 1462 29.41 48.51 39.73
CA ASN B 1462 29.10 49.36 38.59
C ASN B 1462 29.48 50.77 39.03
N ASN B 1463 30.49 50.86 39.92
CA ASN B 1463 30.82 52.10 40.60
C ASN B 1463 32.06 52.01 41.48
N THR B 1464 31.94 51.31 42.61
CA THR B 1464 33.04 51.29 43.55
C THR B 1464 32.71 50.47 44.79
N SER B 1465 32.03 49.34 44.60
CA SER B 1465 31.71 48.49 45.74
C SER B 1465 32.97 47.91 46.36
N ASP B 1466 33.85 47.37 45.51
CA ASP B 1466 35.09 46.81 45.97
C ASP B 1466 34.79 45.73 47.00
N ARG B 1467 34.48 44.52 46.48
CA ARG B 1467 34.08 43.42 47.35
C ARG B 1467 34.49 42.04 46.85
N LYS B 1468 35.34 41.95 45.85
CA LYS B 1468 35.96 40.69 45.45
C LYS B 1468 37.47 40.90 45.40
N HIS B 1469 38.25 39.83 45.62
CA HIS B 1469 39.70 39.95 45.75
C HIS B 1469 40.47 38.90 44.97
N ALA B 1470 39.85 38.26 43.96
CA ALA B 1470 40.52 37.24 43.17
C ALA B 1470 40.63 37.64 41.68
N ASP B 1471 41.27 38.79 41.37
CA ASP B 1471 41.18 39.39 40.03
C ASP B 1471 41.78 38.48 38.94
N SER B 1472 43.06 38.07 39.10
CA SER B 1472 43.73 37.23 38.09
C SER B 1472 42.84 36.09 37.61
N ILE B 1473 42.01 35.49 38.48
CA ILE B 1473 41.13 34.36 38.15
C ILE B 1473 39.81 34.80 37.50
N LEU B 1474 39.23 35.93 37.95
CA LEU B 1474 38.06 36.50 37.29
C LEU B 1474 38.46 36.90 35.85
N GLU B 1475 39.23 37.99 35.64
CA GLU B 1475 39.70 38.36 34.29
C GLU B 1475 40.43 37.23 33.53
N LYS B 1476 40.86 36.15 34.23
CA LYS B 1476 41.63 35.05 33.62
C LYS B 1476 40.69 33.97 33.07
N TYR B 1477 39.98 33.21 33.93
CA TYR B 1477 38.95 32.29 33.41
C TYR B 1477 37.97 33.01 32.48
N VAL B 1478 37.88 34.34 32.63
CA VAL B 1478 37.19 35.21 31.68
C VAL B 1478 37.98 35.37 30.37
N THR B 1479 39.33 35.35 30.44
CA THR B 1479 40.15 35.51 29.23
C THR B 1479 40.33 34.20 28.44
N GLU B 1480 40.36 33.02 29.11
CA GLU B 1480 40.30 31.71 28.44
C GLU B 1480 38.86 31.29 28.09
N ILE B 1481 37.81 31.99 28.62
CA ILE B 1481 36.41 31.94 28.15
C ILE B 1481 36.04 32.95 27.04
N VAL B 1482 36.86 33.98 26.84
CA VAL B 1482 36.80 34.83 25.64
C VAL B 1482 37.78 34.35 24.56
N MET B 1483 38.70 33.39 24.89
CA MET B 1483 39.42 32.58 23.89
C MET B 1483 38.65 31.31 23.49
N SER B 1484 37.89 30.68 24.41
CA SER B 1484 36.87 29.69 24.02
C SER B 1484 35.64 30.36 23.38
N ILE B 1485 35.26 31.54 23.88
CA ILE B 1485 34.22 32.35 23.25
C ILE B 1485 34.67 32.92 21.88
N VAL B 1486 36.00 33.14 21.68
CA VAL B 1486 36.57 33.40 20.33
C VAL B 1486 36.54 32.14 19.42
N THR B 1487 36.74 30.94 20.01
CA THR B 1487 36.80 29.68 19.23
C THR B 1487 35.42 29.20 18.68
N THR B 1488 34.28 29.56 19.32
CA THR B 1488 32.96 29.17 18.77
C THR B 1488 32.63 29.82 17.41
N PHE B 1489 32.70 31.17 17.36
CA PHE B 1489 32.00 32.01 16.39
C PHE B 1489 32.09 31.54 14.92
N PHE B 1490 33.14 30.80 14.57
CA PHE B 1490 33.25 30.33 13.20
C PHE B 1490 32.34 29.12 12.92
N SER B 1491 31.98 28.35 13.95
CA SER B 1491 31.10 27.18 13.83
C SER B 1491 29.68 27.49 14.29
N SER B 1492 29.11 28.96 13.94
CA SER B 1492 27.88 29.70 14.25
C SER B 1492 26.82 29.47 13.17
N PRO B 1493 25.53 29.28 13.52
CA PRO B 1493 24.67 28.81 12.43
C PRO B 1493 23.45 29.67 12.13
#